data_1ZM6
# 
_entry.id   1ZM6 
# 
_audit_conform.dict_name       mmcif_pdbx.dic 
_audit_conform.dict_version    5.399 
_audit_conform.dict_location   http://mmcif.pdb.org/dictionaries/ascii/mmcif_pdbx.dic 
# 
loop_
_database_2.database_id 
_database_2.database_code 
_database_2.pdbx_database_accession 
_database_2.pdbx_DOI 
PDB   1ZM6         pdb_00001zm6 10.2210/pdb1zm6/pdb 
RCSB  RCSB032882   ?            ?                   
WWPDB D_1000032882 ?            ?                   
# 
loop_
_pdbx_audit_revision_history.ordinal 
_pdbx_audit_revision_history.data_content_type 
_pdbx_audit_revision_history.major_revision 
_pdbx_audit_revision_history.minor_revision 
_pdbx_audit_revision_history.revision_date 
1 'Structure model' 1 0 2005-06-21 
2 'Structure model' 1 1 2008-04-30 
3 'Structure model' 1 2 2011-07-13 
4 'Structure model' 1 3 2024-11-20 
# 
_pdbx_audit_revision_details.ordinal             1 
_pdbx_audit_revision_details.revision_ordinal    1 
_pdbx_audit_revision_details.data_content_type   'Structure model' 
_pdbx_audit_revision_details.provider            repository 
_pdbx_audit_revision_details.type                'Initial release' 
_pdbx_audit_revision_details.description         ? 
_pdbx_audit_revision_details.details             ? 
# 
loop_
_pdbx_audit_revision_group.ordinal 
_pdbx_audit_revision_group.revision_ordinal 
_pdbx_audit_revision_group.data_content_type 
_pdbx_audit_revision_group.group 
1 2 'Structure model' 'Version format compliance' 
2 3 'Structure model' 'Version format compliance' 
3 4 'Structure model' 'Data collection'           
4 4 'Structure model' 'Database references'       
5 4 'Structure model' 'Derived calculations'      
6 4 'Structure model' 'Structure summary'         
# 
loop_
_pdbx_audit_revision_category.ordinal 
_pdbx_audit_revision_category.revision_ordinal 
_pdbx_audit_revision_category.data_content_type 
_pdbx_audit_revision_category.category 
1 4 'Structure model' chem_comp_atom            
2 4 'Structure model' chem_comp_bond            
3 4 'Structure model' database_2                
4 4 'Structure model' pdbx_entry_details        
5 4 'Structure model' pdbx_modification_feature 
6 4 'Structure model' struct_ref_seq_dif        
7 4 'Structure model' struct_site               
# 
loop_
_pdbx_audit_revision_item.ordinal 
_pdbx_audit_revision_item.revision_ordinal 
_pdbx_audit_revision_item.data_content_type 
_pdbx_audit_revision_item.item 
1 4 'Structure model' '_database_2.pdbx_DOI'                
2 4 'Structure model' '_database_2.pdbx_database_accession' 
3 4 'Structure model' '_struct_ref_seq_dif.details'         
4 4 'Structure model' '_struct_site.pdbx_auth_asym_id'      
5 4 'Structure model' '_struct_site.pdbx_auth_comp_id'      
6 4 'Structure model' '_struct_site.pdbx_auth_seq_id'       
# 
_pdbx_database_status.status_code                     REL 
_pdbx_database_status.entry_id                        1ZM6 
_pdbx_database_status.recvd_initial_deposition_date   2005-05-10 
_pdbx_database_status.deposit_site                    RCSB 
_pdbx_database_status.process_site                    RCSB 
_pdbx_database_status.status_code_sf                  ? 
_pdbx_database_status.status_code_mr                  ? 
_pdbx_database_status.SG_entry                        ? 
_pdbx_database_status.pdb_format_compatible           Y 
_pdbx_database_status.status_code_cs                  ? 
_pdbx_database_status.status_code_nmr_data            ? 
_pdbx_database_status.methods_development_category    ? 
# 
loop_
_pdbx_database_related.db_name 
_pdbx_database_related.db_id 
_pdbx_database_related.details 
_pdbx_database_related.content_type 
PDB 1MF4 
;Structure-Based Design Of Potent and Selective Inhibitors Of Phospholipase A2: Crystal Structure Of The Complex Formed Between Phosholipase A2 From Naja Naja Sagittifera and A Designed Peptide Inhibitor At 1.9 A Resolution
;
unspecified 
PDB 1OXR 
;Aspirin Induces Its Anti-Inflammatory Effects Through Its Specific Binding To Phospholipase A2: Crystal Structure Of The Complex Formed Between Phospholipase A2 and Aspirin At 1.9A Resolution
;
unspecified 
# 
loop_
_audit_author.name 
_audit_author.pdbx_ordinal 
'Singh, R.K.' 1 
'Singh, N.'   2 
'Jabeen, T.'  3 
'Sharma, S.'  4 
'Dey, S.'     5 
'Singh, T.P.' 6 
# 
_citation.id                        primary 
_citation.title                     
'Crystal structure of the complex of group I PLA2 with a group II-specific peptide Leu-Ala-Ile-Tyr-Ser (LAIYS) at 2.6 A resolution.' 
_citation.journal_abbrev            'J.Drug Target.' 
_citation.journal_volume            13 
_citation.page_first                367 
_citation.page_last                 374 
_citation.year                      2005 
_citation.journal_id_ASTM           ? 
_citation.country                   UK 
_citation.journal_id_ISSN           1061-186X 
_citation.journal_id_CSD            ? 
_citation.book_publisher            ? 
_citation.pdbx_database_id_PubMed   16278156 
_citation.pdbx_database_id_DOI      10.1080/10611860500254450 
# 
loop_
_citation_author.citation_id 
_citation_author.name 
_citation_author.ordinal 
_citation_author.identifier_ORCID 
primary 'Singh, R.K.' 1 ? 
primary 'Singh, N.'   2 ? 
primary 'Jabeen, T.'  3 ? 
primary 'Sharma, S.'  4 ? 
primary 'Dey, S.'     5 ? 
primary 'Singh, T.P.' 6 ? 
# 
loop_
_entity.id 
_entity.type 
_entity.src_method 
_entity.pdbx_description 
_entity.formula_weight 
_entity.pdbx_number_of_molecules 
_entity.pdbx_ec 
_entity.pdbx_mutation 
_entity.pdbx_fragment 
_entity.details 
1 polymer     nat 'Phospholipase A2 isoform 3'                 13172.524 1  3.1.1.4 ? ? ? 
2 polymer     syn 'designed penta peptide Leu-Ala-Ile-Tyr-Ser' 565.660   1  ?       ? ? ? 
3 non-polymer syn 'ACETATE ION'                                59.044    3  ?       ? ? ? 
4 water       nat water                                        18.015    60 ?       ? ? ? 
# 
_entity_name_com.entity_id   1 
_entity_name_com.name        'Phosphatidylcholine 2-acylhydrolase, Fragment' 
# 
loop_
_entity_poly.entity_id 
_entity_poly.type 
_entity_poly.nstd_linkage 
_entity_poly.nstd_monomer 
_entity_poly.pdbx_seq_one_letter_code 
_entity_poly.pdbx_seq_one_letter_code_can 
_entity_poly.pdbx_strand_id 
_entity_poly.pdbx_target_identifier 
1 'polypeptide(L)' no no 
;NLYQFKNMIQCTVPSRSWADFADYGCYCGKGGSGTPVDDLDRCCQTHDNCYNEAENISGCRPYFKTYSYECTQGTLTCKG
DNNACAASVCDCDRLAAICFAGAPYNDDNYNIDLKARCN
;
;NLYQFKNMIQCTVPSRSWADFADYGCYCGKGGSGTPVDDLDRCCQTHDNCYNEAENISGCRPYFKTYSYECTQGTLTCKG
DNNACAASVCDCDRLAAICFAGAPYNDDNYNIDLKARCN
;
A ? 
2 'polypeptide(L)' no no LAIYS LAIYS P ? 
# 
loop_
_pdbx_entity_nonpoly.entity_id 
_pdbx_entity_nonpoly.name 
_pdbx_entity_nonpoly.comp_id 
3 'ACETATE ION' ACT 
4 water         HOH 
# 
loop_
_entity_poly_seq.entity_id 
_entity_poly_seq.num 
_entity_poly_seq.mon_id 
_entity_poly_seq.hetero 
1 1   ASN n 
1 2   LEU n 
1 3   TYR n 
1 4   GLN n 
1 5   PHE n 
1 6   LYS n 
1 7   ASN n 
1 8   MET n 
1 9   ILE n 
1 10  GLN n 
1 11  CYS n 
1 12  THR n 
1 13  VAL n 
1 14  PRO n 
1 15  SER n 
1 16  ARG n 
1 17  SER n 
1 18  TRP n 
1 19  ALA n 
1 20  ASP n 
1 21  PHE n 
1 22  ALA n 
1 23  ASP n 
1 24  TYR n 
1 25  GLY n 
1 26  CYS n 
1 27  TYR n 
1 28  CYS n 
1 29  GLY n 
1 30  LYS n 
1 31  GLY n 
1 32  GLY n 
1 33  SER n 
1 34  GLY n 
1 35  THR n 
1 36  PRO n 
1 37  VAL n 
1 38  ASP n 
1 39  ASP n 
1 40  LEU n 
1 41  ASP n 
1 42  ARG n 
1 43  CYS n 
1 44  CYS n 
1 45  GLN n 
1 46  THR n 
1 47  HIS n 
1 48  ASP n 
1 49  ASN n 
1 50  CYS n 
1 51  TYR n 
1 52  ASN n 
1 53  GLU n 
1 54  ALA n 
1 55  GLU n 
1 56  ASN n 
1 57  ILE n 
1 58  SER n 
1 59  GLY n 
1 60  CYS n 
1 61  ARG n 
1 62  PRO n 
1 63  TYR n 
1 64  PHE n 
1 65  LYS n 
1 66  THR n 
1 67  TYR n 
1 68  SER n 
1 69  TYR n 
1 70  GLU n 
1 71  CYS n 
1 72  THR n 
1 73  GLN n 
1 74  GLY n 
1 75  THR n 
1 76  LEU n 
1 77  THR n 
1 78  CYS n 
1 79  LYS n 
1 80  GLY n 
1 81  ASP n 
1 82  ASN n 
1 83  ASN n 
1 84  ALA n 
1 85  CYS n 
1 86  ALA n 
1 87  ALA n 
1 88  SER n 
1 89  VAL n 
1 90  CYS n 
1 91  ASP n 
1 92  CYS n 
1 93  ASP n 
1 94  ARG n 
1 95  LEU n 
1 96  ALA n 
1 97  ALA n 
1 98  ILE n 
1 99  CYS n 
1 100 PHE n 
1 101 ALA n 
1 102 GLY n 
1 103 ALA n 
1 104 PRO n 
1 105 TYR n 
1 106 ASN n 
1 107 ASP n 
1 108 ASP n 
1 109 ASN n 
1 110 TYR n 
1 111 ASN n 
1 112 ILE n 
1 113 ASP n 
1 114 LEU n 
1 115 LYS n 
1 116 ALA n 
1 117 ARG n 
1 118 CYS n 
1 119 ASN n 
2 1   LEU n 
2 2   ALA n 
2 3   ILE n 
2 4   TYR n 
2 5   SER n 
# 
_entity_src_nat.entity_id                  1 
_entity_src_nat.pdbx_src_id                1 
_entity_src_nat.pdbx_alt_source_flag       sample 
_entity_src_nat.pdbx_beg_seq_num           ? 
_entity_src_nat.pdbx_end_seq_num           ? 
_entity_src_nat.common_name                ? 
_entity_src_nat.pdbx_organism_scientific   'Naja sagittifera' 
_entity_src_nat.pdbx_ncbi_taxonomy_id      195058 
_entity_src_nat.genus                      Naja 
_entity_src_nat.species                    ? 
_entity_src_nat.strain                     ? 
_entity_src_nat.tissue                     ? 
_entity_src_nat.tissue_fraction            ? 
_entity_src_nat.pdbx_secretion             ? 
_entity_src_nat.pdbx_fragment              ? 
_entity_src_nat.pdbx_variant               ? 
_entity_src_nat.pdbx_cell_line             ? 
_entity_src_nat.pdbx_atcc                  ? 
_entity_src_nat.pdbx_cellular_location     ? 
_entity_src_nat.pdbx_organ                 ? 
_entity_src_nat.pdbx_organelle             ? 
_entity_src_nat.pdbx_cell                  ? 
_entity_src_nat.pdbx_plasmid_name          ? 
_entity_src_nat.pdbx_plasmid_details       ? 
_entity_src_nat.details                    ? 
# 
_pdbx_entity_src_syn.entity_id              2 
_pdbx_entity_src_syn.pdbx_src_id            1 
_pdbx_entity_src_syn.pdbx_alt_source_flag   sample 
_pdbx_entity_src_syn.pdbx_beg_seq_num       ? 
_pdbx_entity_src_syn.pdbx_end_seq_num       ? 
_pdbx_entity_src_syn.organism_scientific    ? 
_pdbx_entity_src_syn.organism_common_name   ? 
_pdbx_entity_src_syn.ncbi_taxonomy_id       ? 
_pdbx_entity_src_syn.details                'chemically synthesized.' 
# 
loop_
_chem_comp.id 
_chem_comp.type 
_chem_comp.mon_nstd_flag 
_chem_comp.name 
_chem_comp.pdbx_synonyms 
_chem_comp.formula 
_chem_comp.formula_weight 
ACT non-polymer         . 'ACETATE ION'   ? 'C2 H3 O2 -1'    59.044  
ALA 'L-peptide linking' y ALANINE         ? 'C3 H7 N O2'     89.093  
ARG 'L-peptide linking' y ARGININE        ? 'C6 H15 N4 O2 1' 175.209 
ASN 'L-peptide linking' y ASPARAGINE      ? 'C4 H8 N2 O3'    132.118 
ASP 'L-peptide linking' y 'ASPARTIC ACID' ? 'C4 H7 N O4'     133.103 
CYS 'L-peptide linking' y CYSTEINE        ? 'C3 H7 N O2 S'   121.158 
GLN 'L-peptide linking' y GLUTAMINE       ? 'C5 H10 N2 O3'   146.144 
GLU 'L-peptide linking' y 'GLUTAMIC ACID' ? 'C5 H9 N O4'     147.129 
GLY 'peptide linking'   y GLYCINE         ? 'C2 H5 N O2'     75.067  
HIS 'L-peptide linking' y HISTIDINE       ? 'C6 H10 N3 O2 1' 156.162 
HOH non-polymer         . WATER           ? 'H2 O'           18.015  
ILE 'L-peptide linking' y ISOLEUCINE      ? 'C6 H13 N O2'    131.173 
LEU 'L-peptide linking' y LEUCINE         ? 'C6 H13 N O2'    131.173 
LYS 'L-peptide linking' y LYSINE          ? 'C6 H15 N2 O2 1' 147.195 
MET 'L-peptide linking' y METHIONINE      ? 'C5 H11 N O2 S'  149.211 
PHE 'L-peptide linking' y PHENYLALANINE   ? 'C9 H11 N O2'    165.189 
PRO 'L-peptide linking' y PROLINE         ? 'C5 H9 N O2'     115.130 
SER 'L-peptide linking' y SERINE          ? 'C3 H7 N O3'     105.093 
THR 'L-peptide linking' y THREONINE       ? 'C4 H9 N O3'     119.119 
TRP 'L-peptide linking' y TRYPTOPHAN      ? 'C11 H12 N2 O2'  204.225 
TYR 'L-peptide linking' y TYROSINE        ? 'C9 H11 N O3'    181.189 
VAL 'L-peptide linking' y VALINE          ? 'C5 H11 N O2'    117.146 
# 
loop_
_pdbx_poly_seq_scheme.asym_id 
_pdbx_poly_seq_scheme.entity_id 
_pdbx_poly_seq_scheme.seq_id 
_pdbx_poly_seq_scheme.mon_id 
_pdbx_poly_seq_scheme.ndb_seq_num 
_pdbx_poly_seq_scheme.pdb_seq_num 
_pdbx_poly_seq_scheme.auth_seq_num 
_pdbx_poly_seq_scheme.pdb_mon_id 
_pdbx_poly_seq_scheme.auth_mon_id 
_pdbx_poly_seq_scheme.pdb_strand_id 
_pdbx_poly_seq_scheme.pdb_ins_code 
_pdbx_poly_seq_scheme.hetero 
A 1 1   ASN 1   1   1   ASN ASN A . n 
A 1 2   LEU 2   2   2   LEU LEU A . n 
A 1 3   TYR 3   3   3   TYR TYR A . n 
A 1 4   GLN 4   4   4   GLN GLN A . n 
A 1 5   PHE 5   5   5   PHE PHE A . n 
A 1 6   LYS 6   6   6   LYS LYS A . n 
A 1 7   ASN 7   7   7   ASN ASN A . n 
A 1 8   MET 8   8   8   MET MET A . n 
A 1 9   ILE 9   9   9   ILE ILE A . n 
A 1 10  GLN 10  10  10  GLN GLN A . n 
A 1 11  CYS 11  11  11  CYS CYS A . n 
A 1 12  THR 12  12  12  THR THR A . n 
A 1 13  VAL 13  13  13  VAL VAL A . n 
A 1 14  PRO 14  14  14  PRO PRO A . n 
A 1 15  SER 15  15  15  SER SER A . n 
A 1 16  ARG 16  17  17  ARG ARG A . n 
A 1 17  SER 17  18  18  SER SER A . n 
A 1 18  TRP 18  19  19  TRP TRP A . n 
A 1 19  ALA 19  20  20  ALA ALA A . n 
A 1 20  ASP 20  21  21  ASP ASP A . n 
A 1 21  PHE 21  22  22  PHE PHE A . n 
A 1 22  ALA 22  23  23  ALA ALA A . n 
A 1 23  ASP 23  24  24  ASP ASP A . n 
A 1 24  TYR 24  25  25  TYR TYR A . n 
A 1 25  GLY 25  26  26  GLY GLY A . n 
A 1 26  CYS 26  27  27  CYS CYS A . n 
A 1 27  TYR 27  28  28  TYR TYR A . n 
A 1 28  CYS 28  29  29  CYS CYS A . n 
A 1 29  GLY 29  30  30  GLY GLY A . n 
A 1 30  LYS 30  31  31  LYS LYS A . n 
A 1 31  GLY 31  32  32  GLY GLY A . n 
A 1 32  GLY 32  33  33  GLY GLY A . n 
A 1 33  SER 33  34  34  SER SER A . n 
A 1 34  GLY 34  35  35  GLY GLY A . n 
A 1 35  THR 35  36  36  THR THR A . n 
A 1 36  PRO 36  37  37  PRO PRO A . n 
A 1 37  VAL 37  38  38  VAL VAL A . n 
A 1 38  ASP 38  39  39  ASP ASP A . n 
A 1 39  ASP 39  40  40  ASP ASP A . n 
A 1 40  LEU 40  41  41  LEU LEU A . n 
A 1 41  ASP 41  42  42  ASP ASP A . n 
A 1 42  ARG 42  43  43  ARG ARG A . n 
A 1 43  CYS 43  44  44  CYS CYS A . n 
A 1 44  CYS 44  45  45  CYS CYS A . n 
A 1 45  GLN 45  46  46  GLN GLN A . n 
A 1 46  THR 46  47  47  THR THR A . n 
A 1 47  HIS 47  48  48  HIS HIS A . n 
A 1 48  ASP 48  49  49  ASP ASP A . n 
A 1 49  ASN 49  50  50  ASN ASN A . n 
A 1 50  CYS 50  51  51  CYS CYS A . n 
A 1 51  TYR 51  52  52  TYR TYR A . n 
A 1 52  ASN 52  53  53  ASN ASN A . n 
A 1 53  GLU 53  54  54  GLU GLU A . n 
A 1 54  ALA 54  55  55  ALA ALA A . n 
A 1 55  GLU 55  56  56  GLU GLU A . n 
A 1 56  ASN 56  57  57  ASN ASN A . n 
A 1 57  ILE 57  58  58  ILE ILE A . n 
A 1 58  SER 58  59  59  SER SER A . n 
A 1 59  GLY 59  60  60  GLY GLY A . n 
A 1 60  CYS 60  61  61  CYS CYS A . n 
A 1 61  ARG 61  62  62  ARG ARG A . n 
A 1 62  PRO 62  63  63  PRO PRO A . n 
A 1 63  TYR 63  64  64  TYR TYR A . n 
A 1 64  PHE 64  65  65  PHE PHE A . n 
A 1 65  LYS 65  66  66  LYS LYS A . n 
A 1 66  THR 66  67  67  THR THR A . n 
A 1 67  TYR 67  68  68  TYR TYR A . n 
A 1 68  SER 68  69  69  SER SER A . n 
A 1 69  TYR 69  70  70  TYR TYR A . n 
A 1 70  GLU 70  71  71  GLU GLU A . n 
A 1 71  CYS 71  72  72  CYS CYS A . n 
A 1 72  THR 72  73  73  THR THR A . n 
A 1 73  GLN 73  74  74  GLN GLN A . n 
A 1 74  GLY 74  75  75  GLY GLY A . n 
A 1 75  THR 75  76  76  THR THR A . n 
A 1 76  LEU 76  77  77  LEU LEU A . n 
A 1 77  THR 77  78  78  THR THR A . n 
A 1 78  CYS 78  79  79  CYS CYS A . n 
A 1 79  LYS 79  80  80  LYS LYS A . n 
A 1 80  GLY 80  81  81  GLY GLY A . n 
A 1 81  ASP 81  82  82  ASP ASP A . n 
A 1 82  ASN 82  83  83  ASN ASN A . n 
A 1 83  ASN 83  84  84  ASN ASN A . n 
A 1 84  ALA 84  85  85  ALA ALA A . n 
A 1 85  CYS 85  86  86  CYS CYS A . n 
A 1 86  ALA 86  87  87  ALA ALA A . n 
A 1 87  ALA 87  88  88  ALA ALA A . n 
A 1 88  SER 88  89  89  SER SER A . n 
A 1 89  VAL 89  90  90  VAL VAL A . n 
A 1 90  CYS 90  91  91  CYS CYS A . n 
A 1 91  ASP 91  92  92  ASP ASP A . n 
A 1 92  CYS 92  93  93  CYS CYS A . n 
A 1 93  ASP 93  94  94  ASP ASP A . n 
A 1 94  ARG 94  95  95  ARG ARG A . n 
A 1 95  LEU 95  96  96  LEU LEU A . n 
A 1 96  ALA 96  97  97  ALA ALA A . n 
A 1 97  ALA 97  98  98  ALA ALA A . n 
A 1 98  ILE 98  99  99  ILE ILE A . n 
A 1 99  CYS 99  100 100 CYS CYS A . n 
A 1 100 PHE 100 101 101 PHE PHE A . n 
A 1 101 ALA 101 102 102 ALA ALA A . n 
A 1 102 GLY 102 103 103 GLY GLY A . n 
A 1 103 ALA 103 104 104 ALA ALA A . n 
A 1 104 PRO 104 105 105 PRO PRO A . n 
A 1 105 TYR 105 106 106 TYR TYR A . n 
A 1 106 ASN 106 107 107 ASN ASN A . n 
A 1 107 ASP 107 108 108 ASP ASP A . n 
A 1 108 ASP 108 109 109 ASP ASP A . n 
A 1 109 ASN 109 110 110 ASN ASN A . n 
A 1 110 TYR 110 111 111 TYR TYR A . n 
A 1 111 ASN 111 112 112 ASN ASN A . n 
A 1 112 ILE 112 113 113 ILE ILE A . n 
A 1 113 ASP 113 114 114 ASP ASP A . n 
A 1 114 LEU 114 115 115 LEU LEU A . n 
A 1 115 LYS 115 116 116 LYS LYS A . n 
A 1 116 ALA 116 117 117 ALA ALA A . n 
A 1 117 ARG 117 118 118 ARG ARG A . n 
A 1 118 CYS 118 119 119 CYS CYS A . n 
A 1 119 ASN 119 120 120 ASN ASN A . n 
B 2 1   LEU 1   1   1   LEU LEU P . n 
B 2 2   ALA 2   2   2   ALA ALA P . n 
B 2 3   ILE 3   3   3   ILE ILE P . n 
B 2 4   TYR 4   4   4   TYR TYR P . n 
B 2 5   SER 5   5   5   SER SER P . n 
# 
loop_
_pdbx_nonpoly_scheme.asym_id 
_pdbx_nonpoly_scheme.entity_id 
_pdbx_nonpoly_scheme.mon_id 
_pdbx_nonpoly_scheme.ndb_seq_num 
_pdbx_nonpoly_scheme.pdb_seq_num 
_pdbx_nonpoly_scheme.auth_seq_num 
_pdbx_nonpoly_scheme.pdb_mon_id 
_pdbx_nonpoly_scheme.auth_mon_id 
_pdbx_nonpoly_scheme.pdb_strand_id 
_pdbx_nonpoly_scheme.pdb_ins_code 
C 3 ACT 1  121 61 ACT ACT A . 
D 3 ACT 1  122 62 ACT ACT A . 
E 3 ACT 1  123 63 ACT ACT A . 
F 4 HOH 1  124 1  HOH HOH A . 
F 4 HOH 2  125 2  HOH HOH A . 
F 4 HOH 3  126 4  HOH HOH A . 
F 4 HOH 4  127 5  HOH HOH A . 
F 4 HOH 5  128 6  HOH HOH A . 
F 4 HOH 6  129 7  HOH HOH A . 
F 4 HOH 7  130 8  HOH HOH A . 
F 4 HOH 8  131 9  HOH HOH A . 
F 4 HOH 9  132 10 HOH HOH A . 
F 4 HOH 10 133 11 HOH HOH A . 
F 4 HOH 11 134 12 HOH HOH A . 
F 4 HOH 12 135 13 HOH HOH A . 
F 4 HOH 13 136 14 HOH HOH A . 
F 4 HOH 14 137 15 HOH HOH A . 
F 4 HOH 15 138 16 HOH HOH A . 
F 4 HOH 16 139 17 HOH HOH A . 
F 4 HOH 17 140 18 HOH HOH A . 
F 4 HOH 18 141 19 HOH HOH A . 
F 4 HOH 19 142 20 HOH HOH A . 
F 4 HOH 20 143 21 HOH HOH A . 
F 4 HOH 21 144 22 HOH HOH A . 
F 4 HOH 22 145 23 HOH HOH A . 
F 4 HOH 23 146 24 HOH HOH A . 
F 4 HOH 24 147 25 HOH HOH A . 
F 4 HOH 25 148 26 HOH HOH A . 
F 4 HOH 26 149 27 HOH HOH A . 
F 4 HOH 27 150 28 HOH HOH A . 
F 4 HOH 28 151 29 HOH HOH A . 
F 4 HOH 29 152 30 HOH HOH A . 
F 4 HOH 30 153 31 HOH HOH A . 
F 4 HOH 31 154 32 HOH HOH A . 
F 4 HOH 32 155 33 HOH HOH A . 
F 4 HOH 33 156 34 HOH HOH A . 
F 4 HOH 34 157 36 HOH HOH A . 
F 4 HOH 35 158 37 HOH HOH A . 
F 4 HOH 36 159 38 HOH HOH A . 
F 4 HOH 37 160 39 HOH HOH A . 
F 4 HOH 38 161 40 HOH HOH A . 
F 4 HOH 39 162 41 HOH HOH A . 
F 4 HOH 40 163 42 HOH HOH A . 
F 4 HOH 41 164 43 HOH HOH A . 
F 4 HOH 42 165 44 HOH HOH A . 
F 4 HOH 43 166 45 HOH HOH A . 
F 4 HOH 44 167 46 HOH HOH A . 
F 4 HOH 45 168 47 HOH HOH A . 
F 4 HOH 46 169 48 HOH HOH A . 
F 4 HOH 47 170 49 HOH HOH A . 
F 4 HOH 48 171 50 HOH HOH A . 
F 4 HOH 49 172 51 HOH HOH A . 
F 4 HOH 50 173 54 HOH HOH A . 
F 4 HOH 51 174 57 HOH HOH A . 
F 4 HOH 52 175 58 HOH HOH A . 
F 4 HOH 53 176 59 HOH HOH A . 
G 4 HOH 1  6   3  HOH HOH P . 
G 4 HOH 2  7   35 HOH HOH P . 
G 4 HOH 3  8   52 HOH HOH P . 
G 4 HOH 4  9   53 HOH HOH P . 
G 4 HOH 5  10  55 HOH HOH P . 
G 4 HOH 6  11  56 HOH HOH P . 
G 4 HOH 7  12  60 HOH HOH P . 
# 
loop_
_software.name 
_software.classification 
_software.version 
_software.citation_id 
_software.pdbx_ordinal 
CNS       refinement       0.9 ? 1 
DENZO     'data reduction' .   ? 2 
SCALEPACK 'data scaling'   .   ? 3 
AMoRE     phasing          .   ? 4 
# 
_cell.entry_id           1ZM6 
_cell.length_a           42.624 
_cell.length_b           42.624 
_cell.length_c           65.203 
_cell.angle_alpha        90.00 
_cell.angle_beta         90.00 
_cell.angle_gamma        90.00 
_cell.Z_PDB              4 
_cell.pdbx_unique_axis   ? 
# 
_symmetry.entry_id                         1ZM6 
_symmetry.space_group_name_H-M             'P 41' 
_symmetry.pdbx_full_space_group_name_H-M   ? 
_symmetry.Int_Tables_number                76 
_symmetry.cell_setting                     ? 
_symmetry.space_group_name_Hall            ? 
# 
_exptl.entry_id          1ZM6 
_exptl.method            'X-RAY DIFFRACTION' 
_exptl.crystals_number   1 
# 
_exptl_crystal.id                    1 
_exptl_crystal.density_meas          ? 
_exptl_crystal.density_Matthews      2.1 
_exptl_crystal.density_percent_sol   42 
_exptl_crystal.description           ? 
_exptl_crystal.F_000                 ? 
_exptl_crystal.preparation           ? 
# 
_exptl_crystal_grow.crystal_id      1 
_exptl_crystal_grow.method          'VAPOR DIFFUSION, HANGING DROP' 
_exptl_crystal_grow.temp            298 
_exptl_crystal_grow.temp_details    ? 
_exptl_crystal_grow.pH              6.0 
_exptl_crystal_grow.pdbx_details    '10mM phosphate buffer, 20% ethenol, pH 6.0, VAPOR DIFFUSION, HANGING DROP, temperature 298K' 
_exptl_crystal_grow.pdbx_pH_range   . 
# 
_diffrn.id                     1 
_diffrn.ambient_temp           293 
_diffrn.ambient_temp_details   ? 
_diffrn.crystal_id             1 
# 
_diffrn_detector.diffrn_id              1 
_diffrn_detector.detector               'IMAGE PLATE' 
_diffrn_detector.type                   MARRESEARCH 
_diffrn_detector.pdbx_collection_date   2003-06-06 
_diffrn_detector.details                mirror 
# 
_diffrn_radiation.diffrn_id                        1 
_diffrn_radiation.wavelength_id                    1 
_diffrn_radiation.pdbx_monochromatic_or_laue_m_l   M 
_diffrn_radiation.monochromator                    graphite 
_diffrn_radiation.pdbx_diffrn_protocol             'SINGLE WAVELENGTH' 
_diffrn_radiation.pdbx_scattering_type             x-ray 
# 
_diffrn_radiation_wavelength.id           1 
_diffrn_radiation_wavelength.wavelength   1.5418 
_diffrn_radiation_wavelength.wt           1.0 
# 
_diffrn_source.diffrn_id                   1 
_diffrn_source.source                      'ROTATING ANODE' 
_diffrn_source.type                        'RIGAKU RU300' 
_diffrn_source.pdbx_synchrotron_site       ? 
_diffrn_source.pdbx_synchrotron_beamline   ? 
_diffrn_source.pdbx_wavelength             ? 
_diffrn_source.pdbx_wavelength_list        1.5418 
# 
_reflns.entry_id                     1ZM6 
_reflns.observed_criterion_sigma_I   0 
_reflns.observed_criterion_sigma_F   0 
_reflns.d_resolution_low             20 
_reflns.d_resolution_high            2.6 
_reflns.number_obs                   3306 
_reflns.number_all                   3306 
_reflns.percent_possible_obs         100 
_reflns.pdbx_Rmerge_I_obs            ? 
_reflns.pdbx_Rsym_value              ? 
_reflns.pdbx_netI_over_sigmaI        ? 
_reflns.B_iso_Wilson_estimate        47.7 
_reflns.pdbx_redundancy              ? 
_reflns.R_free_details               ? 
_reflns.limit_h_max                  ? 
_reflns.limit_h_min                  ? 
_reflns.limit_k_max                  ? 
_reflns.limit_k_min                  ? 
_reflns.limit_l_max                  ? 
_reflns.limit_l_min                  ? 
_reflns.observed_criterion_F_max     ? 
_reflns.observed_criterion_F_min     ? 
_reflns.pdbx_chi_squared             ? 
_reflns.pdbx_scaling_rejects         ? 
_reflns.pdbx_diffrn_id               1 
_reflns.pdbx_ordinal                 1 
# 
_reflns_shell.d_res_high             2.60 
_reflns_shell.d_res_low              2.65 
_reflns_shell.percent_possible_all   91 
_reflns_shell.Rmerge_I_obs           ? 
_reflns_shell.pdbx_Rsym_value        ? 
_reflns_shell.meanI_over_sigI_obs    ? 
_reflns_shell.pdbx_redundancy        ? 
_reflns_shell.percent_possible_obs   ? 
_reflns_shell.number_unique_all      ? 
_reflns_shell.number_measured_all    ? 
_reflns_shell.number_measured_obs    ? 
_reflns_shell.number_unique_obs      ? 
_reflns_shell.pdbx_chi_squared       ? 
_reflns_shell.pdbx_diffrn_id         ? 
_reflns_shell.pdbx_ordinal           1 
# 
_refine.entry_id                                 1ZM6 
_refine.ls_number_reflns_obs                     3306 
_refine.ls_number_reflns_all                     3306 
_refine.pdbx_ls_sigma_I                          ? 
_refine.pdbx_ls_sigma_F                          0.0 
_refine.pdbx_data_cutoff_high_absF               721920.77 
_refine.pdbx_data_cutoff_low_absF                0.000000 
_refine.pdbx_data_cutoff_high_rms_absF           ? 
_refine.ls_d_res_low                             19.36 
_refine.ls_d_res_high                            2.60 
_refine.ls_percent_reflns_obs                    ? 
_refine.ls_R_factor_obs                          0.183 
_refine.ls_R_factor_all                          0.212 
_refine.ls_R_factor_R_work                       0.183 
_refine.ls_R_factor_R_free                       0.232 
_refine.ls_R_factor_R_free_error                 0.018 
_refine.ls_R_factor_R_free_error_details         ? 
_refine.ls_percent_reflns_R_free                 5.3 
_refine.ls_number_reflns_R_free                  176 
_refine.ls_number_parameters                     ? 
_refine.ls_number_restraints                     ? 
_refine.occupancy_min                            ? 
_refine.occupancy_max                            ? 
_refine.correlation_coeff_Fo_to_Fc               ? 
_refine.correlation_coeff_Fo_to_Fc_free          ? 
_refine.B_iso_mean                               37.9 
_refine.aniso_B[1][1]                            -0.28 
_refine.aniso_B[2][2]                            -0.28 
_refine.aniso_B[3][3]                            0.56 
_refine.aniso_B[1][2]                            0.00 
_refine.aniso_B[1][3]                            0.00 
_refine.aniso_B[2][3]                            0.00 
_refine.solvent_model_details                    'FLAT MODEL' 
_refine.solvent_model_param_ksol                 0.409735 
_refine.solvent_model_param_bsol                 94.7932 
_refine.pdbx_solvent_vdw_probe_radii             ? 
_refine.pdbx_solvent_ion_probe_radii             ? 
_refine.pdbx_solvent_shrinkage_radii             ? 
_refine.pdbx_ls_cross_valid_method               THROUGHOUT 
_refine.details                                  ? 
_refine.pdbx_starting_model                      ? 
_refine.pdbx_method_to_determine_struct          'MOLECULAR REPLACEMENT' 
_refine.pdbx_isotropic_thermal_model             RESTRAINED 
_refine.pdbx_stereochemistry_target_values       'Engh & Huber' 
_refine.pdbx_stereochem_target_val_spec_case     ? 
_refine.pdbx_R_Free_selection_details            RANDOM 
_refine.pdbx_overall_ESU_R                       ? 
_refine.pdbx_overall_ESU_R_Free                  ? 
_refine.overall_SU_ML                            ? 
_refine.overall_SU_B                             ? 
_refine.ls_redundancy_reflns_obs                 ? 
_refine.B_iso_min                                ? 
_refine.B_iso_max                                ? 
_refine.overall_SU_R_Cruickshank_DPI             ? 
_refine.overall_SU_R_free                        ? 
_refine.ls_wR_factor_R_free                      ? 
_refine.ls_wR_factor_R_work                      ? 
_refine.overall_FOM_free_R_set                   ? 
_refine.overall_FOM_work_R_set                   ? 
_refine.pdbx_refine_id                           'X-RAY DIFFRACTION' 
_refine.pdbx_diffrn_id                           1 
_refine.pdbx_TLS_residual_ADP_flag               ? 
_refine.pdbx_overall_phase_error                 ? 
_refine.pdbx_overall_SU_R_free_Cruickshank_DPI   ? 
_refine.pdbx_overall_SU_R_Blow_DPI               ? 
_refine.pdbx_overall_SU_R_free_Blow_DPI          ? 
# 
_refine_analyze.entry_id                        1ZM6 
_refine_analyze.Luzzati_coordinate_error_obs    0.25 
_refine_analyze.Luzzati_sigma_a_obs             0.33 
_refine_analyze.Luzzati_d_res_low_obs           5.00 
_refine_analyze.Luzzati_coordinate_error_free   0.37 
_refine_analyze.Luzzati_sigma_a_free            0.42 
_refine_analyze.Luzzati_d_res_low_free          ? 
_refine_analyze.number_disordered_residues      ? 
_refine_analyze.occupancy_sum_hydrogen          ? 
_refine_analyze.occupancy_sum_non_hydrogen      ? 
_refine_analyze.pdbx_Luzzati_d_res_high_obs     ? 
_refine_analyze.pdbx_refine_id                  'X-RAY DIFFRACTION' 
# 
_refine_hist.pdbx_refine_id                   'X-RAY DIFFRACTION' 
_refine_hist.cycle_id                         LAST 
_refine_hist.pdbx_number_atoms_protein        953 
_refine_hist.pdbx_number_atoms_nucleic_acid   0 
_refine_hist.pdbx_number_atoms_ligand         12 
_refine_hist.number_atoms_solvent             60 
_refine_hist.number_atoms_total               1025 
_refine_hist.d_res_high                       2.60 
_refine_hist.d_res_low                        19.36 
# 
loop_
_refine_ls_restr.type 
_refine_ls_restr.dev_ideal 
_refine_ls_restr.dev_ideal_target 
_refine_ls_restr.weight 
_refine_ls_restr.number 
_refine_ls_restr.pdbx_refine_id 
_refine_ls_restr.pdbx_restraint_function 
c_bond_d           0.007 ?    ? ? 'X-RAY DIFFRACTION' ? 
c_angle_deg        1.6   ?    ? ? 'X-RAY DIFFRACTION' ? 
c_dihedral_angle_d 23.7  ?    ? ? 'X-RAY DIFFRACTION' ? 
c_improper_angle_d 0.82  ?    ? ? 'X-RAY DIFFRACTION' ? 
c_mcbond_it        2.76  1.50 ? ? 'X-RAY DIFFRACTION' ? 
c_mcangle_it       4.45  2.00 ? ? 'X-RAY DIFFRACTION' ? 
c_scbond_it        3.90  2.00 ? ? 'X-RAY DIFFRACTION' ? 
c_scangle_it       5.82  2.50 ? ? 'X-RAY DIFFRACTION' ? 
# 
_refine_ls_shell.pdbx_total_number_of_bins_used   6 
_refine_ls_shell.d_res_high                       2.60 
_refine_ls_shell.d_res_low                        ? 
_refine_ls_shell.number_reflns_R_work             399 
_refine_ls_shell.R_factor_R_work                  ? 
_refine_ls_shell.percent_reflns_obs               ? 
_refine_ls_shell.R_factor_R_free                  ? 
_refine_ls_shell.R_factor_R_free_error            ? 
_refine_ls_shell.percent_reflns_R_free            6.3 
_refine_ls_shell.number_reflns_R_free             ? 
_refine_ls_shell.number_reflns_obs                ? 
_refine_ls_shell.redundancy_reflns_obs            ? 
_refine_ls_shell.number_reflns_all                ? 
_refine_ls_shell.R_factor_all                     ? 
_refine_ls_shell.pdbx_refine_id                   'X-RAY DIFFRACTION' 
# 
loop_
_pdbx_xplor_file.serial_no 
_pdbx_xplor_file.param_file 
_pdbx_xplor_file.topol_file 
_pdbx_xplor_file.pdbx_refine_id 
1 protein_rep.param protein.top 'X-RAY DIFFRACTION' 
2 ion.param         water.top   'X-RAY DIFFRACTION' 
3 water_rep.param   acy.top     'X-RAY DIFFRACTION' 
4 acy.param         ion.top     'X-RAY DIFFRACTION' 
# 
_struct.entry_id                  1ZM6 
_struct.title                     
;Crystal structure of the complex formed beween a group I phospholipase A2 and designed penta peptide Leu-Ala-Ile-Tyr-Ser at 2.6A resolution
;
_struct.pdbx_model_details        ? 
_struct.pdbx_CASP_flag            ? 
_struct.pdbx_model_type_details   ? 
# 
_struct_keywords.entry_id        1ZM6 
_struct_keywords.pdbx_keywords   HYDROLASE 
_struct_keywords.text            'peptide design, inhibitor, HYDROLASE' 
# 
loop_
_struct_asym.id 
_struct_asym.pdbx_blank_PDB_chainid_flag 
_struct_asym.pdbx_modified 
_struct_asym.entity_id 
_struct_asym.details 
A N N 1 ? 
B N N 2 ? 
C N N 3 ? 
D N N 3 ? 
E N N 3 ? 
F N N 4 ? 
G N N 4 ? 
# 
loop_
_struct_ref.id 
_struct_ref.db_name 
_struct_ref.db_code 
_struct_ref.pdbx_db_accession 
_struct_ref.entity_id 
_struct_ref.pdbx_seq_one_letter_code 
_struct_ref.pdbx_align_begin 
_struct_ref.pdbx_db_isoform 
1 UNP PA23_NAJSG P60045 1 
;NLYQFKNMIQCTVPSRSWQDFADYGCYCGKGGSGTPVDDLDRCCQVHDNCYNEAENISGCRPYFKTYSYECTQGTLTCKG
DNNACAASVCDCDRLAAICFAGAPYNDANYNIDLKARCN
;
8 ? 
2 PDB 1ZM6       1ZM6   2 ? ? ? 
# 
loop_
_struct_ref_seq.align_id 
_struct_ref_seq.ref_id 
_struct_ref_seq.pdbx_PDB_id_code 
_struct_ref_seq.pdbx_strand_id 
_struct_ref_seq.seq_align_beg 
_struct_ref_seq.pdbx_seq_align_beg_ins_code 
_struct_ref_seq.seq_align_end 
_struct_ref_seq.pdbx_seq_align_end_ins_code 
_struct_ref_seq.pdbx_db_accession 
_struct_ref_seq.db_align_beg 
_struct_ref_seq.pdbx_db_align_beg_ins_code 
_struct_ref_seq.db_align_end 
_struct_ref_seq.pdbx_db_align_end_ins_code 
_struct_ref_seq.pdbx_auth_seq_align_beg 
_struct_ref_seq.pdbx_auth_seq_align_end 
1 1 1ZM6 A 1 ? 118 ? P60045 8 ? 126 ? 1 119 
2 2 1ZM6 P 1 ? 5   ? 1ZM6   1 ? 5   ? 1 5   
# 
loop_
_struct_ref_seq_dif.align_id 
_struct_ref_seq_dif.pdbx_pdb_id_code 
_struct_ref_seq_dif.mon_id 
_struct_ref_seq_dif.pdbx_pdb_strand_id 
_struct_ref_seq_dif.seq_num 
_struct_ref_seq_dif.pdbx_pdb_ins_code 
_struct_ref_seq_dif.pdbx_seq_db_name 
_struct_ref_seq_dif.pdbx_seq_db_accession_code 
_struct_ref_seq_dif.db_mon_id 
_struct_ref_seq_dif.pdbx_seq_db_seq_num 
_struct_ref_seq_dif.details 
_struct_ref_seq_dif.pdbx_auth_seq_num 
_struct_ref_seq_dif.pdbx_ordinal 
1 1ZM6 ALA A 19  ? UNP P60045 GLN 26  conflict 20  1 
1 1ZM6 THR A 46  ? UNP P60045 VAL 53  conflict 47  2 
1 1ZM6 ASP A 107 ? UNP P60045 ALA 115 conflict 108 3 
# 
_pdbx_struct_assembly.id                   1 
_pdbx_struct_assembly.details              author_and_software_defined_assembly 
_pdbx_struct_assembly.method_details       PISA 
_pdbx_struct_assembly.oligomeric_details   dimeric 
_pdbx_struct_assembly.oligomeric_count     2 
# 
loop_
_pdbx_struct_assembly_prop.biol_id 
_pdbx_struct_assembly_prop.type 
_pdbx_struct_assembly_prop.value 
_pdbx_struct_assembly_prop.details 
1 'ABSA (A^2)' 1060 ? 
1 MORE         -5   ? 
1 'SSA (A^2)'  7070 ? 
# 
_pdbx_struct_assembly_gen.assembly_id       1 
_pdbx_struct_assembly_gen.oper_expression   1 
_pdbx_struct_assembly_gen.asym_id_list      A,B,C,D,E,F,G 
# 
_pdbx_struct_oper_list.id                   1 
_pdbx_struct_oper_list.type                 'identity operation' 
_pdbx_struct_oper_list.name                 1_555 
_pdbx_struct_oper_list.symmetry_operation   x,y,z 
_pdbx_struct_oper_list.matrix[1][1]         1.0000000000 
_pdbx_struct_oper_list.matrix[1][2]         0.0000000000 
_pdbx_struct_oper_list.matrix[1][3]         0.0000000000 
_pdbx_struct_oper_list.vector[1]            0.0000000000 
_pdbx_struct_oper_list.matrix[2][1]         0.0000000000 
_pdbx_struct_oper_list.matrix[2][2]         1.0000000000 
_pdbx_struct_oper_list.matrix[2][3]         0.0000000000 
_pdbx_struct_oper_list.vector[2]            0.0000000000 
_pdbx_struct_oper_list.matrix[3][1]         0.0000000000 
_pdbx_struct_oper_list.matrix[3][2]         0.0000000000 
_pdbx_struct_oper_list.matrix[3][3]         1.0000000000 
_pdbx_struct_oper_list.vector[3]            0.0000000000 
# 
loop_
_struct_conf.conf_type_id 
_struct_conf.id 
_struct_conf.pdbx_PDB_helix_id 
_struct_conf.beg_label_comp_id 
_struct_conf.beg_label_asym_id 
_struct_conf.beg_label_seq_id 
_struct_conf.pdbx_beg_PDB_ins_code 
_struct_conf.end_label_comp_id 
_struct_conf.end_label_asym_id 
_struct_conf.end_label_seq_id 
_struct_conf.pdbx_end_PDB_ins_code 
_struct_conf.beg_auth_comp_id 
_struct_conf.beg_auth_asym_id 
_struct_conf.beg_auth_seq_id 
_struct_conf.end_auth_comp_id 
_struct_conf.end_auth_asym_id 
_struct_conf.end_auth_seq_id 
_struct_conf.pdbx_PDB_helix_class 
_struct_conf.details 
_struct_conf.pdbx_PDB_helix_length 
HELX_P HELX_P1 1 ASN A 1   ? VAL A 13  ? ASN A 1   VAL A 13  1 ? 13 
HELX_P HELX_P2 2 SER A 17  ? ALA A 22  ? SER A 18  ALA A 23  5 ? 6  
HELX_P HELX_P3 3 ASP A 38  ? GLU A 55  ? ASP A 39  GLU A 56  1 ? 18 
HELX_P HELX_P4 4 ASN A 83  ? ALA A 103 ? ASN A 84  ALA A 104 1 ? 21 
HELX_P HELX_P5 5 ASN A 106 ? TYR A 110 ? ASN A 107 TYR A 111 5 ? 5  
HELX_P HELX_P6 6 ASP A 113 ? CYS A 118 ? ASP A 114 CYS A 119 1 ? 6  
# 
_struct_conf_type.id          HELX_P 
_struct_conf_type.criteria    ? 
_struct_conf_type.reference   ? 
# 
loop_
_struct_conn.id 
_struct_conn.conn_type_id 
_struct_conn.pdbx_leaving_atom_flag 
_struct_conn.pdbx_PDB_id 
_struct_conn.ptnr1_label_asym_id 
_struct_conn.ptnr1_label_comp_id 
_struct_conn.ptnr1_label_seq_id 
_struct_conn.ptnr1_label_atom_id 
_struct_conn.pdbx_ptnr1_label_alt_id 
_struct_conn.pdbx_ptnr1_PDB_ins_code 
_struct_conn.pdbx_ptnr1_standard_comp_id 
_struct_conn.ptnr1_symmetry 
_struct_conn.ptnr2_label_asym_id 
_struct_conn.ptnr2_label_comp_id 
_struct_conn.ptnr2_label_seq_id 
_struct_conn.ptnr2_label_atom_id 
_struct_conn.pdbx_ptnr2_label_alt_id 
_struct_conn.pdbx_ptnr2_PDB_ins_code 
_struct_conn.ptnr1_auth_asym_id 
_struct_conn.ptnr1_auth_comp_id 
_struct_conn.ptnr1_auth_seq_id 
_struct_conn.ptnr2_auth_asym_id 
_struct_conn.ptnr2_auth_comp_id 
_struct_conn.ptnr2_auth_seq_id 
_struct_conn.ptnr2_symmetry 
_struct_conn.pdbx_ptnr3_label_atom_id 
_struct_conn.pdbx_ptnr3_label_seq_id 
_struct_conn.pdbx_ptnr3_label_comp_id 
_struct_conn.pdbx_ptnr3_label_asym_id 
_struct_conn.pdbx_ptnr3_label_alt_id 
_struct_conn.pdbx_ptnr3_PDB_ins_code 
_struct_conn.details 
_struct_conn.pdbx_dist_value 
_struct_conn.pdbx_value_order 
_struct_conn.pdbx_role 
disulf1 disulf ? ? A CYS 11 SG ? ? ? 1_555 A CYS 71  SG ? ? A CYS 11 A CYS 72  1_555 ? ? ? ? ? ? ? 1.995 ? ? 
disulf2 disulf ? ? A CYS 26 SG ? ? ? 1_555 A CYS 118 SG ? ? A CYS 27 A CYS 119 1_555 ? ? ? ? ? ? ? 1.353 ? ? 
disulf3 disulf ? ? A CYS 28 SG ? ? ? 1_555 A CYS 44  SG ? ? A CYS 29 A CYS 45  1_555 ? ? ? ? ? ? ? 1.905 ? ? 
disulf4 disulf ? ? A CYS 43 SG ? ? ? 1_555 A CYS 99  SG ? ? A CYS 44 A CYS 100 1_555 ? ? ? ? ? ? ? 2.026 ? ? 
disulf5 disulf ? ? A CYS 50 SG ? ? ? 1_555 A CYS 92  SG ? ? A CYS 51 A CYS 93  1_555 ? ? ? ? ? ? ? 2.028 ? ? 
disulf6 disulf ? ? A CYS 60 SG ? ? ? 1_555 A CYS 85  SG ? ? A CYS 61 A CYS 86  1_555 ? ? ? ? ? ? ? 2.030 ? ? 
disulf7 disulf ? ? A CYS 78 SG ? ? ? 1_555 A CYS 90  SG ? ? A CYS 79 A CYS 91  1_555 ? ? ? ? ? ? ? 2.030 ? ? 
# 
_struct_conn_type.id          disulf 
_struct_conn_type.criteria    ? 
_struct_conn_type.reference   ? 
# 
loop_
_pdbx_modification_feature.ordinal 
_pdbx_modification_feature.label_comp_id 
_pdbx_modification_feature.label_asym_id 
_pdbx_modification_feature.label_seq_id 
_pdbx_modification_feature.label_alt_id 
_pdbx_modification_feature.modified_residue_label_comp_id 
_pdbx_modification_feature.modified_residue_label_asym_id 
_pdbx_modification_feature.modified_residue_label_seq_id 
_pdbx_modification_feature.modified_residue_label_alt_id 
_pdbx_modification_feature.auth_comp_id 
_pdbx_modification_feature.auth_asym_id 
_pdbx_modification_feature.auth_seq_id 
_pdbx_modification_feature.PDB_ins_code 
_pdbx_modification_feature.symmetry 
_pdbx_modification_feature.modified_residue_auth_comp_id 
_pdbx_modification_feature.modified_residue_auth_asym_id 
_pdbx_modification_feature.modified_residue_auth_seq_id 
_pdbx_modification_feature.modified_residue_PDB_ins_code 
_pdbx_modification_feature.modified_residue_symmetry 
_pdbx_modification_feature.comp_id_linking_atom 
_pdbx_modification_feature.modified_residue_id_linking_atom 
_pdbx_modification_feature.modified_residue_id 
_pdbx_modification_feature.ref_pcm_id 
_pdbx_modification_feature.ref_comp_id 
_pdbx_modification_feature.type 
_pdbx_modification_feature.category 
1 CYS A 11 ? CYS A 71  ? CYS A 11 ? 1_555 CYS A 72  ? 1_555 SG SG . . . None 'Disulfide bridge' 
2 CYS A 26 ? CYS A 118 ? CYS A 27 ? 1_555 CYS A 119 ? 1_555 SG SG . . . None 'Disulfide bridge' 
3 CYS A 28 ? CYS A 44  ? CYS A 29 ? 1_555 CYS A 45  ? 1_555 SG SG . . . None 'Disulfide bridge' 
4 CYS A 43 ? CYS A 99  ? CYS A 44 ? 1_555 CYS A 100 ? 1_555 SG SG . . . None 'Disulfide bridge' 
5 CYS A 50 ? CYS A 92  ? CYS A 51 ? 1_555 CYS A 93  ? 1_555 SG SG . . . None 'Disulfide bridge' 
6 CYS A 60 ? CYS A 85  ? CYS A 61 ? 1_555 CYS A 86  ? 1_555 SG SG . . . None 'Disulfide bridge' 
7 CYS A 78 ? CYS A 90  ? CYS A 79 ? 1_555 CYS A 91  ? 1_555 SG SG . . . None 'Disulfide bridge' 
# 
_struct_sheet.id               A 
_struct_sheet.type             ? 
_struct_sheet.number_strands   2 
_struct_sheet.details          ? 
# 
_struct_sheet_order.sheet_id     A 
_struct_sheet_order.range_id_1   1 
_struct_sheet_order.range_id_2   2 
_struct_sheet_order.offset       ? 
_struct_sheet_order.sense        anti-parallel 
# 
loop_
_struct_sheet_range.sheet_id 
_struct_sheet_range.id 
_struct_sheet_range.beg_label_comp_id 
_struct_sheet_range.beg_label_asym_id 
_struct_sheet_range.beg_label_seq_id 
_struct_sheet_range.pdbx_beg_PDB_ins_code 
_struct_sheet_range.end_label_comp_id 
_struct_sheet_range.end_label_asym_id 
_struct_sheet_range.end_label_seq_id 
_struct_sheet_range.pdbx_end_PDB_ins_code 
_struct_sheet_range.beg_auth_comp_id 
_struct_sheet_range.beg_auth_asym_id 
_struct_sheet_range.beg_auth_seq_id 
_struct_sheet_range.end_auth_comp_id 
_struct_sheet_range.end_auth_asym_id 
_struct_sheet_range.end_auth_seq_id 
A 1 TYR A 69 ? THR A 72 ? TYR A 70 THR A 73 
A 2 THR A 75 ? CYS A 78 ? THR A 76 CYS A 79 
# 
_pdbx_struct_sheet_hbond.sheet_id                A 
_pdbx_struct_sheet_hbond.range_id_1              1 
_pdbx_struct_sheet_hbond.range_id_2              2 
_pdbx_struct_sheet_hbond.range_1_label_atom_id   N 
_pdbx_struct_sheet_hbond.range_1_label_comp_id   GLU 
_pdbx_struct_sheet_hbond.range_1_label_asym_id   A 
_pdbx_struct_sheet_hbond.range_1_label_seq_id    70 
_pdbx_struct_sheet_hbond.range_1_PDB_ins_code    ? 
_pdbx_struct_sheet_hbond.range_1_auth_atom_id    N 
_pdbx_struct_sheet_hbond.range_1_auth_comp_id    GLU 
_pdbx_struct_sheet_hbond.range_1_auth_asym_id    A 
_pdbx_struct_sheet_hbond.range_1_auth_seq_id     71 
_pdbx_struct_sheet_hbond.range_2_label_atom_id   O 
_pdbx_struct_sheet_hbond.range_2_label_comp_id   THR 
_pdbx_struct_sheet_hbond.range_2_label_asym_id   A 
_pdbx_struct_sheet_hbond.range_2_label_seq_id    77 
_pdbx_struct_sheet_hbond.range_2_PDB_ins_code    ? 
_pdbx_struct_sheet_hbond.range_2_auth_atom_id    O 
_pdbx_struct_sheet_hbond.range_2_auth_comp_id    THR 
_pdbx_struct_sheet_hbond.range_2_auth_asym_id    A 
_pdbx_struct_sheet_hbond.range_2_auth_seq_id     78 
# 
loop_
_struct_site.id 
_struct_site.pdbx_evidence_code 
_struct_site.pdbx_auth_asym_id 
_struct_site.pdbx_auth_comp_id 
_struct_site.pdbx_auth_seq_id 
_struct_site.pdbx_auth_ins_code 
_struct_site.pdbx_num_residues 
_struct_site.details 
AC1 Software A ACT 121 ? 3 'BINDING SITE FOR RESIDUE ACT A 121' 
AC2 Software A ACT 122 ? 4 'BINDING SITE FOR RESIDUE ACT A 122' 
AC3 Software A ACT 123 ? 1 'BINDING SITE FOR RESIDUE ACT A 123' 
# 
loop_
_struct_site_gen.id 
_struct_site_gen.site_id 
_struct_site_gen.pdbx_num_res 
_struct_site_gen.label_comp_id 
_struct_site_gen.label_asym_id 
_struct_site_gen.label_seq_id 
_struct_site_gen.pdbx_auth_ins_code 
_struct_site_gen.auth_comp_id 
_struct_site_gen.auth_asym_id 
_struct_site_gen.auth_seq_id 
_struct_site_gen.label_atom_id 
_struct_site_gen.label_alt_id 
_struct_site_gen.symmetry 
_struct_site_gen.details 
1 AC1 3 GLU A 53  ? GLU A 54  . ? 1_555 ? 
2 AC1 3 LYS A 65  ? LYS A 66  . ? 3_755 ? 
3 AC1 3 THR A 66  ? THR A 67  . ? 3_755 ? 
4 AC2 4 THR A 35  ? THR A 36  . ? 1_555 ? 
5 AC2 4 ARG A 61  ? ARG A 62  . ? 2_775 ? 
6 AC2 4 GLN A 73  ? GLN A 74  . ? 3_655 ? 
7 AC2 4 HOH F .   ? HOH A 158 . ? 1_555 ? 
8 AC3 1 ASN A 111 ? ASN A 112 . ? 4_564 ? 
# 
_pdbx_entry_details.entry_id                   1ZM6 
_pdbx_entry_details.compound_details           ? 
_pdbx_entry_details.source_details             ? 
_pdbx_entry_details.nonpolymer_details         ? 
_pdbx_entry_details.sequence_details           ? 
_pdbx_entry_details.has_ligand_of_interest     ? 
_pdbx_entry_details.has_protein_modification   Y 
# 
loop_
_pdbx_validate_rmsd_angle.id 
_pdbx_validate_rmsd_angle.PDB_model_num 
_pdbx_validate_rmsd_angle.auth_atom_id_1 
_pdbx_validate_rmsd_angle.auth_asym_id_1 
_pdbx_validate_rmsd_angle.auth_comp_id_1 
_pdbx_validate_rmsd_angle.auth_seq_id_1 
_pdbx_validate_rmsd_angle.PDB_ins_code_1 
_pdbx_validate_rmsd_angle.label_alt_id_1 
_pdbx_validate_rmsd_angle.auth_atom_id_2 
_pdbx_validate_rmsd_angle.auth_asym_id_2 
_pdbx_validate_rmsd_angle.auth_comp_id_2 
_pdbx_validate_rmsd_angle.auth_seq_id_2 
_pdbx_validate_rmsd_angle.PDB_ins_code_2 
_pdbx_validate_rmsd_angle.label_alt_id_2 
_pdbx_validate_rmsd_angle.auth_atom_id_3 
_pdbx_validate_rmsd_angle.auth_asym_id_3 
_pdbx_validate_rmsd_angle.auth_comp_id_3 
_pdbx_validate_rmsd_angle.auth_seq_id_3 
_pdbx_validate_rmsd_angle.PDB_ins_code_3 
_pdbx_validate_rmsd_angle.label_alt_id_3 
_pdbx_validate_rmsd_angle.angle_value 
_pdbx_validate_rmsd_angle.angle_target_value 
_pdbx_validate_rmsd_angle.angle_deviation 
_pdbx_validate_rmsd_angle.angle_standard_deviation 
_pdbx_validate_rmsd_angle.linker_flag 
1 1 C P ALA 2 ? ? N  P ILE 3 ? ? CA P ILE 3 ? ? 138.00 121.70 16.30 2.50 Y 
2 1 N P ILE 3 ? ? CA P ILE 3 ? ? C  P ILE 3 ? ? 128.28 111.00 17.28 2.70 N 
# 
loop_
_pdbx_validate_torsion.id 
_pdbx_validate_torsion.PDB_model_num 
_pdbx_validate_torsion.auth_comp_id 
_pdbx_validate_torsion.auth_asym_id 
_pdbx_validate_torsion.auth_seq_id 
_pdbx_validate_torsion.PDB_ins_code 
_pdbx_validate_torsion.label_alt_id 
_pdbx_validate_torsion.phi 
_pdbx_validate_torsion.psi 
1 1 ASP A 24 ? ? -152.20 80.64   
2 1 SER A 34 ? ? 75.20   109.96  
3 1 PRO A 63 ? ? -36.01  -35.13  
4 1 TYR P 4  ? ? -81.66  -121.61 
# 
loop_
_chem_comp_atom.comp_id 
_chem_comp_atom.atom_id 
_chem_comp_atom.type_symbol 
_chem_comp_atom.pdbx_aromatic_flag 
_chem_comp_atom.pdbx_stereo_config 
_chem_comp_atom.pdbx_ordinal 
ACT C    C N N 1   
ACT O    O N N 2   
ACT OXT  O N N 3   
ACT CH3  C N N 4   
ACT H1   H N N 5   
ACT H2   H N N 6   
ACT H3   H N N 7   
ALA N    N N N 8   
ALA CA   C N S 9   
ALA C    C N N 10  
ALA O    O N N 11  
ALA CB   C N N 12  
ALA OXT  O N N 13  
ALA H    H N N 14  
ALA H2   H N N 15  
ALA HA   H N N 16  
ALA HB1  H N N 17  
ALA HB2  H N N 18  
ALA HB3  H N N 19  
ALA HXT  H N N 20  
ARG N    N N N 21  
ARG CA   C N S 22  
ARG C    C N N 23  
ARG O    O N N 24  
ARG CB   C N N 25  
ARG CG   C N N 26  
ARG CD   C N N 27  
ARG NE   N N N 28  
ARG CZ   C N N 29  
ARG NH1  N N N 30  
ARG NH2  N N N 31  
ARG OXT  O N N 32  
ARG H    H N N 33  
ARG H2   H N N 34  
ARG HA   H N N 35  
ARG HB2  H N N 36  
ARG HB3  H N N 37  
ARG HG2  H N N 38  
ARG HG3  H N N 39  
ARG HD2  H N N 40  
ARG HD3  H N N 41  
ARG HE   H N N 42  
ARG HH11 H N N 43  
ARG HH12 H N N 44  
ARG HH21 H N N 45  
ARG HH22 H N N 46  
ARG HXT  H N N 47  
ASN N    N N N 48  
ASN CA   C N S 49  
ASN C    C N N 50  
ASN O    O N N 51  
ASN CB   C N N 52  
ASN CG   C N N 53  
ASN OD1  O N N 54  
ASN ND2  N N N 55  
ASN OXT  O N N 56  
ASN H    H N N 57  
ASN H2   H N N 58  
ASN HA   H N N 59  
ASN HB2  H N N 60  
ASN HB3  H N N 61  
ASN HD21 H N N 62  
ASN HD22 H N N 63  
ASN HXT  H N N 64  
ASP N    N N N 65  
ASP CA   C N S 66  
ASP C    C N N 67  
ASP O    O N N 68  
ASP CB   C N N 69  
ASP CG   C N N 70  
ASP OD1  O N N 71  
ASP OD2  O N N 72  
ASP OXT  O N N 73  
ASP H    H N N 74  
ASP H2   H N N 75  
ASP HA   H N N 76  
ASP HB2  H N N 77  
ASP HB3  H N N 78  
ASP HD2  H N N 79  
ASP HXT  H N N 80  
CYS N    N N N 81  
CYS CA   C N R 82  
CYS C    C N N 83  
CYS O    O N N 84  
CYS CB   C N N 85  
CYS SG   S N N 86  
CYS OXT  O N N 87  
CYS H    H N N 88  
CYS H2   H N N 89  
CYS HA   H N N 90  
CYS HB2  H N N 91  
CYS HB3  H N N 92  
CYS HG   H N N 93  
CYS HXT  H N N 94  
GLN N    N N N 95  
GLN CA   C N S 96  
GLN C    C N N 97  
GLN O    O N N 98  
GLN CB   C N N 99  
GLN CG   C N N 100 
GLN CD   C N N 101 
GLN OE1  O N N 102 
GLN NE2  N N N 103 
GLN OXT  O N N 104 
GLN H    H N N 105 
GLN H2   H N N 106 
GLN HA   H N N 107 
GLN HB2  H N N 108 
GLN HB3  H N N 109 
GLN HG2  H N N 110 
GLN HG3  H N N 111 
GLN HE21 H N N 112 
GLN HE22 H N N 113 
GLN HXT  H N N 114 
GLU N    N N N 115 
GLU CA   C N S 116 
GLU C    C N N 117 
GLU O    O N N 118 
GLU CB   C N N 119 
GLU CG   C N N 120 
GLU CD   C N N 121 
GLU OE1  O N N 122 
GLU OE2  O N N 123 
GLU OXT  O N N 124 
GLU H    H N N 125 
GLU H2   H N N 126 
GLU HA   H N N 127 
GLU HB2  H N N 128 
GLU HB3  H N N 129 
GLU HG2  H N N 130 
GLU HG3  H N N 131 
GLU HE2  H N N 132 
GLU HXT  H N N 133 
GLY N    N N N 134 
GLY CA   C N N 135 
GLY C    C N N 136 
GLY O    O N N 137 
GLY OXT  O N N 138 
GLY H    H N N 139 
GLY H2   H N N 140 
GLY HA2  H N N 141 
GLY HA3  H N N 142 
GLY HXT  H N N 143 
HIS N    N N N 144 
HIS CA   C N S 145 
HIS C    C N N 146 
HIS O    O N N 147 
HIS CB   C N N 148 
HIS CG   C Y N 149 
HIS ND1  N Y N 150 
HIS CD2  C Y N 151 
HIS CE1  C Y N 152 
HIS NE2  N Y N 153 
HIS OXT  O N N 154 
HIS H    H N N 155 
HIS H2   H N N 156 
HIS HA   H N N 157 
HIS HB2  H N N 158 
HIS HB3  H N N 159 
HIS HD1  H N N 160 
HIS HD2  H N N 161 
HIS HE1  H N N 162 
HIS HE2  H N N 163 
HIS HXT  H N N 164 
HOH O    O N N 165 
HOH H1   H N N 166 
HOH H2   H N N 167 
ILE N    N N N 168 
ILE CA   C N S 169 
ILE C    C N N 170 
ILE O    O N N 171 
ILE CB   C N S 172 
ILE CG1  C N N 173 
ILE CG2  C N N 174 
ILE CD1  C N N 175 
ILE OXT  O N N 176 
ILE H    H N N 177 
ILE H2   H N N 178 
ILE HA   H N N 179 
ILE HB   H N N 180 
ILE HG12 H N N 181 
ILE HG13 H N N 182 
ILE HG21 H N N 183 
ILE HG22 H N N 184 
ILE HG23 H N N 185 
ILE HD11 H N N 186 
ILE HD12 H N N 187 
ILE HD13 H N N 188 
ILE HXT  H N N 189 
LEU N    N N N 190 
LEU CA   C N S 191 
LEU C    C N N 192 
LEU O    O N N 193 
LEU CB   C N N 194 
LEU CG   C N N 195 
LEU CD1  C N N 196 
LEU CD2  C N N 197 
LEU OXT  O N N 198 
LEU H    H N N 199 
LEU H2   H N N 200 
LEU HA   H N N 201 
LEU HB2  H N N 202 
LEU HB3  H N N 203 
LEU HG   H N N 204 
LEU HD11 H N N 205 
LEU HD12 H N N 206 
LEU HD13 H N N 207 
LEU HD21 H N N 208 
LEU HD22 H N N 209 
LEU HD23 H N N 210 
LEU HXT  H N N 211 
LYS N    N N N 212 
LYS CA   C N S 213 
LYS C    C N N 214 
LYS O    O N N 215 
LYS CB   C N N 216 
LYS CG   C N N 217 
LYS CD   C N N 218 
LYS CE   C N N 219 
LYS NZ   N N N 220 
LYS OXT  O N N 221 
LYS H    H N N 222 
LYS H2   H N N 223 
LYS HA   H N N 224 
LYS HB2  H N N 225 
LYS HB3  H N N 226 
LYS HG2  H N N 227 
LYS HG3  H N N 228 
LYS HD2  H N N 229 
LYS HD3  H N N 230 
LYS HE2  H N N 231 
LYS HE3  H N N 232 
LYS HZ1  H N N 233 
LYS HZ2  H N N 234 
LYS HZ3  H N N 235 
LYS HXT  H N N 236 
MET N    N N N 237 
MET CA   C N S 238 
MET C    C N N 239 
MET O    O N N 240 
MET CB   C N N 241 
MET CG   C N N 242 
MET SD   S N N 243 
MET CE   C N N 244 
MET OXT  O N N 245 
MET H    H N N 246 
MET H2   H N N 247 
MET HA   H N N 248 
MET HB2  H N N 249 
MET HB3  H N N 250 
MET HG2  H N N 251 
MET HG3  H N N 252 
MET HE1  H N N 253 
MET HE2  H N N 254 
MET HE3  H N N 255 
MET HXT  H N N 256 
PHE N    N N N 257 
PHE CA   C N S 258 
PHE C    C N N 259 
PHE O    O N N 260 
PHE CB   C N N 261 
PHE CG   C Y N 262 
PHE CD1  C Y N 263 
PHE CD2  C Y N 264 
PHE CE1  C Y N 265 
PHE CE2  C Y N 266 
PHE CZ   C Y N 267 
PHE OXT  O N N 268 
PHE H    H N N 269 
PHE H2   H N N 270 
PHE HA   H N N 271 
PHE HB2  H N N 272 
PHE HB3  H N N 273 
PHE HD1  H N N 274 
PHE HD2  H N N 275 
PHE HE1  H N N 276 
PHE HE2  H N N 277 
PHE HZ   H N N 278 
PHE HXT  H N N 279 
PRO N    N N N 280 
PRO CA   C N S 281 
PRO C    C N N 282 
PRO O    O N N 283 
PRO CB   C N N 284 
PRO CG   C N N 285 
PRO CD   C N N 286 
PRO OXT  O N N 287 
PRO H    H N N 288 
PRO HA   H N N 289 
PRO HB2  H N N 290 
PRO HB3  H N N 291 
PRO HG2  H N N 292 
PRO HG3  H N N 293 
PRO HD2  H N N 294 
PRO HD3  H N N 295 
PRO HXT  H N N 296 
SER N    N N N 297 
SER CA   C N S 298 
SER C    C N N 299 
SER O    O N N 300 
SER CB   C N N 301 
SER OG   O N N 302 
SER OXT  O N N 303 
SER H    H N N 304 
SER H2   H N N 305 
SER HA   H N N 306 
SER HB2  H N N 307 
SER HB3  H N N 308 
SER HG   H N N 309 
SER HXT  H N N 310 
THR N    N N N 311 
THR CA   C N S 312 
THR C    C N N 313 
THR O    O N N 314 
THR CB   C N R 315 
THR OG1  O N N 316 
THR CG2  C N N 317 
THR OXT  O N N 318 
THR H    H N N 319 
THR H2   H N N 320 
THR HA   H N N 321 
THR HB   H N N 322 
THR HG1  H N N 323 
THR HG21 H N N 324 
THR HG22 H N N 325 
THR HG23 H N N 326 
THR HXT  H N N 327 
TRP N    N N N 328 
TRP CA   C N S 329 
TRP C    C N N 330 
TRP O    O N N 331 
TRP CB   C N N 332 
TRP CG   C Y N 333 
TRP CD1  C Y N 334 
TRP CD2  C Y N 335 
TRP NE1  N Y N 336 
TRP CE2  C Y N 337 
TRP CE3  C Y N 338 
TRP CZ2  C Y N 339 
TRP CZ3  C Y N 340 
TRP CH2  C Y N 341 
TRP OXT  O N N 342 
TRP H    H N N 343 
TRP H2   H N N 344 
TRP HA   H N N 345 
TRP HB2  H N N 346 
TRP HB3  H N N 347 
TRP HD1  H N N 348 
TRP HE1  H N N 349 
TRP HE3  H N N 350 
TRP HZ2  H N N 351 
TRP HZ3  H N N 352 
TRP HH2  H N N 353 
TRP HXT  H N N 354 
TYR N    N N N 355 
TYR CA   C N S 356 
TYR C    C N N 357 
TYR O    O N N 358 
TYR CB   C N N 359 
TYR CG   C Y N 360 
TYR CD1  C Y N 361 
TYR CD2  C Y N 362 
TYR CE1  C Y N 363 
TYR CE2  C Y N 364 
TYR CZ   C Y N 365 
TYR OH   O N N 366 
TYR OXT  O N N 367 
TYR H    H N N 368 
TYR H2   H N N 369 
TYR HA   H N N 370 
TYR HB2  H N N 371 
TYR HB3  H N N 372 
TYR HD1  H N N 373 
TYR HD2  H N N 374 
TYR HE1  H N N 375 
TYR HE2  H N N 376 
TYR HH   H N N 377 
TYR HXT  H N N 378 
VAL N    N N N 379 
VAL CA   C N S 380 
VAL C    C N N 381 
VAL O    O N N 382 
VAL CB   C N N 383 
VAL CG1  C N N 384 
VAL CG2  C N N 385 
VAL OXT  O N N 386 
VAL H    H N N 387 
VAL H2   H N N 388 
VAL HA   H N N 389 
VAL HB   H N N 390 
VAL HG11 H N N 391 
VAL HG12 H N N 392 
VAL HG13 H N N 393 
VAL HG21 H N N 394 
VAL HG22 H N N 395 
VAL HG23 H N N 396 
VAL HXT  H N N 397 
# 
loop_
_chem_comp_bond.comp_id 
_chem_comp_bond.atom_id_1 
_chem_comp_bond.atom_id_2 
_chem_comp_bond.value_order 
_chem_comp_bond.pdbx_aromatic_flag 
_chem_comp_bond.pdbx_stereo_config 
_chem_comp_bond.pdbx_ordinal 
ACT C   O    doub N N 1   
ACT C   OXT  sing N N 2   
ACT C   CH3  sing N N 3   
ACT CH3 H1   sing N N 4   
ACT CH3 H2   sing N N 5   
ACT CH3 H3   sing N N 6   
ALA N   CA   sing N N 7   
ALA N   H    sing N N 8   
ALA N   H2   sing N N 9   
ALA CA  C    sing N N 10  
ALA CA  CB   sing N N 11  
ALA CA  HA   sing N N 12  
ALA C   O    doub N N 13  
ALA C   OXT  sing N N 14  
ALA CB  HB1  sing N N 15  
ALA CB  HB2  sing N N 16  
ALA CB  HB3  sing N N 17  
ALA OXT HXT  sing N N 18  
ARG N   CA   sing N N 19  
ARG N   H    sing N N 20  
ARG N   H2   sing N N 21  
ARG CA  C    sing N N 22  
ARG CA  CB   sing N N 23  
ARG CA  HA   sing N N 24  
ARG C   O    doub N N 25  
ARG C   OXT  sing N N 26  
ARG CB  CG   sing N N 27  
ARG CB  HB2  sing N N 28  
ARG CB  HB3  sing N N 29  
ARG CG  CD   sing N N 30  
ARG CG  HG2  sing N N 31  
ARG CG  HG3  sing N N 32  
ARG CD  NE   sing N N 33  
ARG CD  HD2  sing N N 34  
ARG CD  HD3  sing N N 35  
ARG NE  CZ   sing N N 36  
ARG NE  HE   sing N N 37  
ARG CZ  NH1  sing N N 38  
ARG CZ  NH2  doub N N 39  
ARG NH1 HH11 sing N N 40  
ARG NH1 HH12 sing N N 41  
ARG NH2 HH21 sing N N 42  
ARG NH2 HH22 sing N N 43  
ARG OXT HXT  sing N N 44  
ASN N   CA   sing N N 45  
ASN N   H    sing N N 46  
ASN N   H2   sing N N 47  
ASN CA  C    sing N N 48  
ASN CA  CB   sing N N 49  
ASN CA  HA   sing N N 50  
ASN C   O    doub N N 51  
ASN C   OXT  sing N N 52  
ASN CB  CG   sing N N 53  
ASN CB  HB2  sing N N 54  
ASN CB  HB3  sing N N 55  
ASN CG  OD1  doub N N 56  
ASN CG  ND2  sing N N 57  
ASN ND2 HD21 sing N N 58  
ASN ND2 HD22 sing N N 59  
ASN OXT HXT  sing N N 60  
ASP N   CA   sing N N 61  
ASP N   H    sing N N 62  
ASP N   H2   sing N N 63  
ASP CA  C    sing N N 64  
ASP CA  CB   sing N N 65  
ASP CA  HA   sing N N 66  
ASP C   O    doub N N 67  
ASP C   OXT  sing N N 68  
ASP CB  CG   sing N N 69  
ASP CB  HB2  sing N N 70  
ASP CB  HB3  sing N N 71  
ASP CG  OD1  doub N N 72  
ASP CG  OD2  sing N N 73  
ASP OD2 HD2  sing N N 74  
ASP OXT HXT  sing N N 75  
CYS N   CA   sing N N 76  
CYS N   H    sing N N 77  
CYS N   H2   sing N N 78  
CYS CA  C    sing N N 79  
CYS CA  CB   sing N N 80  
CYS CA  HA   sing N N 81  
CYS C   O    doub N N 82  
CYS C   OXT  sing N N 83  
CYS CB  SG   sing N N 84  
CYS CB  HB2  sing N N 85  
CYS CB  HB3  sing N N 86  
CYS SG  HG   sing N N 87  
CYS OXT HXT  sing N N 88  
GLN N   CA   sing N N 89  
GLN N   H    sing N N 90  
GLN N   H2   sing N N 91  
GLN CA  C    sing N N 92  
GLN CA  CB   sing N N 93  
GLN CA  HA   sing N N 94  
GLN C   O    doub N N 95  
GLN C   OXT  sing N N 96  
GLN CB  CG   sing N N 97  
GLN CB  HB2  sing N N 98  
GLN CB  HB3  sing N N 99  
GLN CG  CD   sing N N 100 
GLN CG  HG2  sing N N 101 
GLN CG  HG3  sing N N 102 
GLN CD  OE1  doub N N 103 
GLN CD  NE2  sing N N 104 
GLN NE2 HE21 sing N N 105 
GLN NE2 HE22 sing N N 106 
GLN OXT HXT  sing N N 107 
GLU N   CA   sing N N 108 
GLU N   H    sing N N 109 
GLU N   H2   sing N N 110 
GLU CA  C    sing N N 111 
GLU CA  CB   sing N N 112 
GLU CA  HA   sing N N 113 
GLU C   O    doub N N 114 
GLU C   OXT  sing N N 115 
GLU CB  CG   sing N N 116 
GLU CB  HB2  sing N N 117 
GLU CB  HB3  sing N N 118 
GLU CG  CD   sing N N 119 
GLU CG  HG2  sing N N 120 
GLU CG  HG3  sing N N 121 
GLU CD  OE1  doub N N 122 
GLU CD  OE2  sing N N 123 
GLU OE2 HE2  sing N N 124 
GLU OXT HXT  sing N N 125 
GLY N   CA   sing N N 126 
GLY N   H    sing N N 127 
GLY N   H2   sing N N 128 
GLY CA  C    sing N N 129 
GLY CA  HA2  sing N N 130 
GLY CA  HA3  sing N N 131 
GLY C   O    doub N N 132 
GLY C   OXT  sing N N 133 
GLY OXT HXT  sing N N 134 
HIS N   CA   sing N N 135 
HIS N   H    sing N N 136 
HIS N   H2   sing N N 137 
HIS CA  C    sing N N 138 
HIS CA  CB   sing N N 139 
HIS CA  HA   sing N N 140 
HIS C   O    doub N N 141 
HIS C   OXT  sing N N 142 
HIS CB  CG   sing N N 143 
HIS CB  HB2  sing N N 144 
HIS CB  HB3  sing N N 145 
HIS CG  ND1  sing Y N 146 
HIS CG  CD2  doub Y N 147 
HIS ND1 CE1  doub Y N 148 
HIS ND1 HD1  sing N N 149 
HIS CD2 NE2  sing Y N 150 
HIS CD2 HD2  sing N N 151 
HIS CE1 NE2  sing Y N 152 
HIS CE1 HE1  sing N N 153 
HIS NE2 HE2  sing N N 154 
HIS OXT HXT  sing N N 155 
HOH O   H1   sing N N 156 
HOH O   H2   sing N N 157 
ILE N   CA   sing N N 158 
ILE N   H    sing N N 159 
ILE N   H2   sing N N 160 
ILE CA  C    sing N N 161 
ILE CA  CB   sing N N 162 
ILE CA  HA   sing N N 163 
ILE C   O    doub N N 164 
ILE C   OXT  sing N N 165 
ILE CB  CG1  sing N N 166 
ILE CB  CG2  sing N N 167 
ILE CB  HB   sing N N 168 
ILE CG1 CD1  sing N N 169 
ILE CG1 HG12 sing N N 170 
ILE CG1 HG13 sing N N 171 
ILE CG2 HG21 sing N N 172 
ILE CG2 HG22 sing N N 173 
ILE CG2 HG23 sing N N 174 
ILE CD1 HD11 sing N N 175 
ILE CD1 HD12 sing N N 176 
ILE CD1 HD13 sing N N 177 
ILE OXT HXT  sing N N 178 
LEU N   CA   sing N N 179 
LEU N   H    sing N N 180 
LEU N   H2   sing N N 181 
LEU CA  C    sing N N 182 
LEU CA  CB   sing N N 183 
LEU CA  HA   sing N N 184 
LEU C   O    doub N N 185 
LEU C   OXT  sing N N 186 
LEU CB  CG   sing N N 187 
LEU CB  HB2  sing N N 188 
LEU CB  HB3  sing N N 189 
LEU CG  CD1  sing N N 190 
LEU CG  CD2  sing N N 191 
LEU CG  HG   sing N N 192 
LEU CD1 HD11 sing N N 193 
LEU CD1 HD12 sing N N 194 
LEU CD1 HD13 sing N N 195 
LEU CD2 HD21 sing N N 196 
LEU CD2 HD22 sing N N 197 
LEU CD2 HD23 sing N N 198 
LEU OXT HXT  sing N N 199 
LYS N   CA   sing N N 200 
LYS N   H    sing N N 201 
LYS N   H2   sing N N 202 
LYS CA  C    sing N N 203 
LYS CA  CB   sing N N 204 
LYS CA  HA   sing N N 205 
LYS C   O    doub N N 206 
LYS C   OXT  sing N N 207 
LYS CB  CG   sing N N 208 
LYS CB  HB2  sing N N 209 
LYS CB  HB3  sing N N 210 
LYS CG  CD   sing N N 211 
LYS CG  HG2  sing N N 212 
LYS CG  HG3  sing N N 213 
LYS CD  CE   sing N N 214 
LYS CD  HD2  sing N N 215 
LYS CD  HD3  sing N N 216 
LYS CE  NZ   sing N N 217 
LYS CE  HE2  sing N N 218 
LYS CE  HE3  sing N N 219 
LYS NZ  HZ1  sing N N 220 
LYS NZ  HZ2  sing N N 221 
LYS NZ  HZ3  sing N N 222 
LYS OXT HXT  sing N N 223 
MET N   CA   sing N N 224 
MET N   H    sing N N 225 
MET N   H2   sing N N 226 
MET CA  C    sing N N 227 
MET CA  CB   sing N N 228 
MET CA  HA   sing N N 229 
MET C   O    doub N N 230 
MET C   OXT  sing N N 231 
MET CB  CG   sing N N 232 
MET CB  HB2  sing N N 233 
MET CB  HB3  sing N N 234 
MET CG  SD   sing N N 235 
MET CG  HG2  sing N N 236 
MET CG  HG3  sing N N 237 
MET SD  CE   sing N N 238 
MET CE  HE1  sing N N 239 
MET CE  HE2  sing N N 240 
MET CE  HE3  sing N N 241 
MET OXT HXT  sing N N 242 
PHE N   CA   sing N N 243 
PHE N   H    sing N N 244 
PHE N   H2   sing N N 245 
PHE CA  C    sing N N 246 
PHE CA  CB   sing N N 247 
PHE CA  HA   sing N N 248 
PHE C   O    doub N N 249 
PHE C   OXT  sing N N 250 
PHE CB  CG   sing N N 251 
PHE CB  HB2  sing N N 252 
PHE CB  HB3  sing N N 253 
PHE CG  CD1  doub Y N 254 
PHE CG  CD2  sing Y N 255 
PHE CD1 CE1  sing Y N 256 
PHE CD1 HD1  sing N N 257 
PHE CD2 CE2  doub Y N 258 
PHE CD2 HD2  sing N N 259 
PHE CE1 CZ   doub Y N 260 
PHE CE1 HE1  sing N N 261 
PHE CE2 CZ   sing Y N 262 
PHE CE2 HE2  sing N N 263 
PHE CZ  HZ   sing N N 264 
PHE OXT HXT  sing N N 265 
PRO N   CA   sing N N 266 
PRO N   CD   sing N N 267 
PRO N   H    sing N N 268 
PRO CA  C    sing N N 269 
PRO CA  CB   sing N N 270 
PRO CA  HA   sing N N 271 
PRO C   O    doub N N 272 
PRO C   OXT  sing N N 273 
PRO CB  CG   sing N N 274 
PRO CB  HB2  sing N N 275 
PRO CB  HB3  sing N N 276 
PRO CG  CD   sing N N 277 
PRO CG  HG2  sing N N 278 
PRO CG  HG3  sing N N 279 
PRO CD  HD2  sing N N 280 
PRO CD  HD3  sing N N 281 
PRO OXT HXT  sing N N 282 
SER N   CA   sing N N 283 
SER N   H    sing N N 284 
SER N   H2   sing N N 285 
SER CA  C    sing N N 286 
SER CA  CB   sing N N 287 
SER CA  HA   sing N N 288 
SER C   O    doub N N 289 
SER C   OXT  sing N N 290 
SER CB  OG   sing N N 291 
SER CB  HB2  sing N N 292 
SER CB  HB3  sing N N 293 
SER OG  HG   sing N N 294 
SER OXT HXT  sing N N 295 
THR N   CA   sing N N 296 
THR N   H    sing N N 297 
THR N   H2   sing N N 298 
THR CA  C    sing N N 299 
THR CA  CB   sing N N 300 
THR CA  HA   sing N N 301 
THR C   O    doub N N 302 
THR C   OXT  sing N N 303 
THR CB  OG1  sing N N 304 
THR CB  CG2  sing N N 305 
THR CB  HB   sing N N 306 
THR OG1 HG1  sing N N 307 
THR CG2 HG21 sing N N 308 
THR CG2 HG22 sing N N 309 
THR CG2 HG23 sing N N 310 
THR OXT HXT  sing N N 311 
TRP N   CA   sing N N 312 
TRP N   H    sing N N 313 
TRP N   H2   sing N N 314 
TRP CA  C    sing N N 315 
TRP CA  CB   sing N N 316 
TRP CA  HA   sing N N 317 
TRP C   O    doub N N 318 
TRP C   OXT  sing N N 319 
TRP CB  CG   sing N N 320 
TRP CB  HB2  sing N N 321 
TRP CB  HB3  sing N N 322 
TRP CG  CD1  doub Y N 323 
TRP CG  CD2  sing Y N 324 
TRP CD1 NE1  sing Y N 325 
TRP CD1 HD1  sing N N 326 
TRP CD2 CE2  doub Y N 327 
TRP CD2 CE3  sing Y N 328 
TRP NE1 CE2  sing Y N 329 
TRP NE1 HE1  sing N N 330 
TRP CE2 CZ2  sing Y N 331 
TRP CE3 CZ3  doub Y N 332 
TRP CE3 HE3  sing N N 333 
TRP CZ2 CH2  doub Y N 334 
TRP CZ2 HZ2  sing N N 335 
TRP CZ3 CH2  sing Y N 336 
TRP CZ3 HZ3  sing N N 337 
TRP CH2 HH2  sing N N 338 
TRP OXT HXT  sing N N 339 
TYR N   CA   sing N N 340 
TYR N   H    sing N N 341 
TYR N   H2   sing N N 342 
TYR CA  C    sing N N 343 
TYR CA  CB   sing N N 344 
TYR CA  HA   sing N N 345 
TYR C   O    doub N N 346 
TYR C   OXT  sing N N 347 
TYR CB  CG   sing N N 348 
TYR CB  HB2  sing N N 349 
TYR CB  HB3  sing N N 350 
TYR CG  CD1  doub Y N 351 
TYR CG  CD2  sing Y N 352 
TYR CD1 CE1  sing Y N 353 
TYR CD1 HD1  sing N N 354 
TYR CD2 CE2  doub Y N 355 
TYR CD2 HD2  sing N N 356 
TYR CE1 CZ   doub Y N 357 
TYR CE1 HE1  sing N N 358 
TYR CE2 CZ   sing Y N 359 
TYR CE2 HE2  sing N N 360 
TYR CZ  OH   sing N N 361 
TYR OH  HH   sing N N 362 
TYR OXT HXT  sing N N 363 
VAL N   CA   sing N N 364 
VAL N   H    sing N N 365 
VAL N   H2   sing N N 366 
VAL CA  C    sing N N 367 
VAL CA  CB   sing N N 368 
VAL CA  HA   sing N N 369 
VAL C   O    doub N N 370 
VAL C   OXT  sing N N 371 
VAL CB  CG1  sing N N 372 
VAL CB  CG2  sing N N 373 
VAL CB  HB   sing N N 374 
VAL CG1 HG11 sing N N 375 
VAL CG1 HG12 sing N N 376 
VAL CG1 HG13 sing N N 377 
VAL CG2 HG21 sing N N 378 
VAL CG2 HG22 sing N N 379 
VAL CG2 HG23 sing N N 380 
VAL OXT HXT  sing N N 381 
# 
_atom_sites.entry_id                    1ZM6 
_atom_sites.fract_transf_matrix[1][1]   0.00999623 
_atom_sites.fract_transf_matrix[1][2]   0.01731851 
_atom_sites.fract_transf_matrix[1][3]   0.01227042 
_atom_sites.fract_transf_matrix[2][1]   0.02120829 
_atom_sites.fract_transf_matrix[2][2]   -0.00762238 
_atom_sites.fract_transf_matrix[2][3]   -0.00652122 
_atom_sites.fract_transf_matrix[3][1]   -0.00054166 
_atom_sites.fract_transf_matrix[3][2]   0.00906738 
_atom_sites.fract_transf_matrix[3][3]   -0.01235771 
_atom_sites.fract_transf_vector[1]      0.960093 
_atom_sites.fract_transf_vector[2]      0.729219 
_atom_sites.fract_transf_vector[3]      -0.002658 
# 
loop_
_atom_type.symbol 
C 
N 
O 
S 
# 
loop_
_atom_site.group_PDB 
_atom_site.id 
_atom_site.type_symbol 
_atom_site.label_atom_id 
_atom_site.label_alt_id 
_atom_site.label_comp_id 
_atom_site.label_asym_id 
_atom_site.label_entity_id 
_atom_site.label_seq_id 
_atom_site.pdbx_PDB_ins_code 
_atom_site.Cartn_x 
_atom_site.Cartn_y 
_atom_site.Cartn_z 
_atom_site.occupancy 
_atom_site.B_iso_or_equiv 
_atom_site.pdbx_formal_charge 
_atom_site.auth_seq_id 
_atom_site.auth_comp_id 
_atom_site.auth_asym_id 
_atom_site.auth_atom_id 
_atom_site.pdbx_PDB_model_num 
ATOM   1    N N   . ASN A 1 1   ? -0.604  -2.815  9.855   1.00 19.84  ? 1   ASN A N   1 
ATOM   2    C CA  . ASN A 1 1   ? -0.733  -4.078  9.155   1.00 25.82  ? 1   ASN A CA  1 
ATOM   3    C C   . ASN A 1 1   ? -1.784  -3.987  8.041   1.00 25.74  ? 1   ASN A C   1 
ATOM   4    O O   . ASN A 1 1   ? -2.638  -3.093  8.020   1.00 24.35  ? 1   ASN A O   1 
ATOM   5    C CB  . ASN A 1 1   ? -1.051  -5.209  10.148  1.00 23.08  ? 1   ASN A CB  1 
ATOM   6    C CG  . ASN A 1 1   ? -2.457  -5.117  10.679  1.00 27.74  ? 1   ASN A CG  1 
ATOM   7    O OD1 . ASN A 1 1   ? -3.414  -5.057  9.910   1.00 29.91  ? 1   ASN A OD1 1 
ATOM   8    N ND2 . ASN A 1 1   ? -2.594  -5.100  11.999  1.00 30.51  ? 1   ASN A ND2 1 
ATOM   9    N N   . LEU A 1 2   ? -1.690  -4.951  7.090   1.00 28.08  ? 2   LEU A N   1 
ATOM   10   C CA  . LEU A 1 2   ? -2.505  -5.111  5.872   1.00 30.03  ? 2   LEU A CA  1 
ATOM   11   C C   . LEU A 1 2   ? -3.984  -5.190  6.019   1.00 28.01  ? 2   LEU A C   1 
ATOM   12   O O   . LEU A 1 2   ? -4.750  -5.091  5.063   1.00 27.41  ? 2   LEU A O   1 
ATOM   13   C CB  . LEU A 1 2   ? -1.968  -6.266  5.103   1.00 27.87  ? 2   LEU A CB  1 
ATOM   14   C CG  . LEU A 1 2   ? -0.989  -5.690  4.095   1.00 35.60  ? 2   LEU A CG  1 
ATOM   15   C CD1 . LEU A 1 2   ? 0.134   -4.962  4.808   1.00 30.25  ? 2   LEU A CD1 1 
ATOM   16   C CD2 . LEU A 1 2   ? -0.420  -6.790  3.204   1.00 35.41  ? 2   LEU A CD2 1 
ATOM   17   N N   . TYR A 1 3   ? -4.368  -5.378  7.282   1.00 24.32  ? 3   TYR A N   1 
ATOM   18   C CA  . TYR A 1 3   ? -5.769  -5.370  7.668   1.00 20.54  ? 3   TYR A CA  1 
ATOM   19   C C   . TYR A 1 3   ? -6.088  -3.874  7.762   1.00 16.10  ? 3   TYR A C   1 
ATOM   20   O O   . TYR A 1 3   ? -7.087  -3.406  7.221   1.00 14.81  ? 3   TYR A O   1 
ATOM   21   C CB  . TYR A 1 3   ? -6.038  -6.057  9.008   1.00 25.85  ? 3   TYR A CB  1 
ATOM   22   C CG  . TYR A 1 3   ? -7.445  -5.877  9.523   1.00 28.89  ? 3   TYR A CG  1 
ATOM   23   C CD1 . TYR A 1 3   ? -8.534  -6.397  8.826   1.00 28.55  ? 3   TYR A CD1 1 
ATOM   24   C CD2 . TYR A 1 3   ? -7.690  -5.174  10.700  1.00 28.41  ? 3   TYR A CD2 1 
ATOM   25   C CE1 . TYR A 1 3   ? -9.827  -6.221  9.284   1.00 25.92  ? 3   TYR A CE1 1 
ATOM   26   C CE2 . TYR A 1 3   ? -8.984  -4.994  11.166  1.00 30.93  ? 3   TYR A CE2 1 
ATOM   27   C CZ  . TYR A 1 3   ? -10.045 -5.522  10.452  1.00 28.30  ? 3   TYR A CZ  1 
ATOM   28   O OH  . TYR A 1 3   ? -11.327 -5.364  10.915  1.00 36.05  ? 3   TYR A OH  1 
ATOM   29   N N   . GLN A 1 4   ? -5.211  -3.138  8.443   1.00 11.69  ? 4   GLN A N   1 
ATOM   30   C CA  . GLN A 1 4   ? -5.333  -1.693  8.623   1.00 10.14  ? 4   GLN A CA  1 
ATOM   31   C C   . GLN A 1 4   ? -5.122  -0.939  7.303   1.00 12.74  ? 4   GLN A C   1 
ATOM   32   O O   . GLN A 1 4   ? -5.788  0.058   7.035   1.00 13.71  ? 4   GLN A O   1 
ATOM   33   C CB  . GLN A 1 4   ? -4.383  -1.205  9.706   1.00 2.85   ? 4   GLN A CB  1 
ATOM   34   C CG  . GLN A 1 4   ? -4.550  -1.902  11.067  1.00 4.24   ? 4   GLN A CG  1 
ATOM   35   C CD  . GLN A 1 4   ? -3.471  -1.569  12.083  1.00 15.62  ? 4   GLN A CD  1 
ATOM   36   O OE1 . GLN A 1 4   ? -2.335  -2.060  11.986  1.00 22.94  ? 4   GLN A OE1 1 
ATOM   37   N NE2 . GLN A 1 4   ? -3.598  -0.775  13.136  1.00 10.24  ? 4   GLN A NE2 1 
ATOM   38   N N   . PHE A 1 5   ? -4.174  -1.391  6.498   1.00 19.16  ? 5   PHE A N   1 
ATOM   39   C CA  . PHE A 1 5   ? -3.913  -0.796  5.185   1.00 21.64  ? 5   PHE A CA  1 
ATOM   40   C C   . PHE A 1 5   ? -5.200  -0.971  4.378   1.00 24.90  ? 5   PHE A C   1 
ATOM   41   O O   . PHE A 1 5   ? -5.618  -0.064  3.665   1.00 24.08  ? 5   PHE A O   1 
ATOM   42   C CB  . PHE A 1 5   ? -2.741  -1.533  4.496   1.00 24.60  ? 5   PHE A CB  1 
ATOM   43   C CG  . PHE A 1 5   ? -2.246  -1.059  3.147   1.00 27.47  ? 5   PHE A CG  1 
ATOM   44   C CD1 . PHE A 1 5   ? -2.208  0.294   2.806   1.00 28.15  ? 5   PHE A CD1 1 
ATOM   45   C CD2 . PHE A 1 5   ? -1.770  -1.977  2.195   1.00 28.42  ? 5   PHE A CD2 1 
ATOM   46   C CE1 . PHE A 1 5   ? -1.704  0.712   1.556   1.00 28.48  ? 5   PHE A CE1 1 
ATOM   47   C CE2 . PHE A 1 5   ? -1.265  -1.590  0.965   1.00 27.65  ? 5   PHE A CE2 1 
ATOM   48   C CZ  . PHE A 1 5   ? -1.228  -0.235  0.637   1.00 26.32  ? 5   PHE A CZ  1 
ATOM   49   N N   . LYS A 1 6   ? -5.797  -2.155  4.512   1.00 24.82  ? 6   LYS A N   1 
ATOM   50   C CA  . LYS A 1 6   ? -7.049  -2.496  3.843   1.00 28.06  ? 6   LYS A CA  1 
ATOM   51   C C   . LYS A 1 6   ? -8.096  -1.466  4.218   1.00 27.13  ? 6   LYS A C   1 
ATOM   52   O O   . LYS A 1 6   ? -8.753  -0.882  3.361   1.00 26.01  ? 6   LYS A O   1 
ATOM   53   C CB  . LYS A 1 6   ? -7.537  -3.910  4.233   1.00 35.33  ? 6   LYS A CB  1 
ATOM   54   C CG  . LYS A 1 6   ? -8.961  -4.259  3.787   1.00 41.77  ? 6   LYS A CG  1 
ATOM   55   C CD  . LYS A 1 6   ? -9.404  -5.629  4.304   1.00 47.78  ? 6   LYS A CD  1 
ATOM   56   C CE  . LYS A 1 6   ? -9.844  -5.532  5.753   1.00 51.68  ? 6   LYS A CE  1 
ATOM   57   N NZ  . LYS A 1 6   ? -11.246 -5.031  5.877   1.00 52.26  ? 6   LYS A NZ  1 
ATOM   58   N N   . ASN A 1 7   ? -8.251  -1.262  5.520   1.00 26.72  ? 7   ASN A N   1 
ATOM   59   C CA  . ASN A 1 7   ? -9.218  -0.307  6.030   1.00 27.63  ? 7   ASN A CA  1 
ATOM   60   C C   . ASN A 1 7   ? -8.882  1.120   5.638   1.00 26.17  ? 7   ASN A C   1 
ATOM   61   O O   . ASN A 1 7   ? -9.780  1.955   5.519   1.00 27.32  ? 7   ASN A O   1 
ATOM   62   C CB  . ASN A 1 7   ? -9.320  -0.435  7.545   1.00 27.74  ? 7   ASN A CB  1 
ATOM   63   C CG  . ASN A 1 7   ? -10.280 -1.526  7.967   1.00 33.52  ? 7   ASN A CG  1 
ATOM   64   O OD1 . ASN A 1 7   ? -11.495 -1.315  8.029   1.00 32.90  ? 7   ASN A OD1 1 
ATOM   65   N ND2 . ASN A 1 7   ? -9.743  -2.709  8.245   1.00 36.97  ? 7   ASN A ND2 1 
ATOM   66   N N   . MET A 1 8   ? -7.596  1.405   5.443   1.00 21.57  ? 8   MET A N   1 
ATOM   67   C CA  . MET A 1 8   ? -7.189  2.742   5.040   1.00 22.40  ? 8   MET A CA  1 
ATOM   68   C C   . MET A 1 8   ? -7.707  2.978   3.628   1.00 26.88  ? 8   MET A C   1 
ATOM   69   O O   . MET A 1 8   ? -8.356  3.989   3.346   1.00 25.25  ? 8   MET A O   1 
ATOM   70   C CB  . MET A 1 8   ? -5.668  2.878   5.039   1.00 23.39  ? 8   MET A CB  1 
ATOM   71   C CG  . MET A 1 8   ? -5.039  3.099   6.397   1.00 21.70  ? 8   MET A CG  1 
ATOM   72   S SD  . MET A 1 8   ? -3.438  3.919   6.223   1.00 22.95  ? 8   MET A SD  1 
ATOM   73   C CE  . MET A 1 8   ? -2.974  4.160   7.944   1.00 20.39  ? 8   MET A CE  1 
ATOM   74   N N   . ILE A 1 9   ? -7.407  2.032   2.744   1.00 28.20  ? 9   ILE A N   1 
ATOM   75   C CA  . ILE A 1 9   ? -7.841  2.108   1.355   1.00 27.19  ? 9   ILE A CA  1 
ATOM   76   C C   . ILE A 1 9   ? -9.358  2.301   1.283   1.00 25.65  ? 9   ILE A C   1 
ATOM   77   O O   . ILE A 1 9   ? -9.856  3.134   0.527   1.00 22.74  ? 9   ILE A O   1 
ATOM   78   C CB  . ILE A 1 9   ? -7.456  0.813   0.584   1.00 27.65  ? 9   ILE A CB  1 
ATOM   79   C CG1 . ILE A 1 9   ? -5.926  0.667   0.539   1.00 35.01  ? 9   ILE A CG1 1 
ATOM   80   C CG2 . ILE A 1 9   ? -8.028  0.852   -0.828  1.00 27.63  ? 9   ILE A CG2 1 
ATOM   81   C CD1 . ILE A 1 9   ? -5.415  -0.577  -0.208  1.00 26.74  ? 9   ILE A CD1 1 
ATOM   82   N N   . GLN A 1 10  ? -10.080 1.528   2.085   1.00 26.54  ? 10  GLN A N   1 
ATOM   83   C CA  . GLN A 1 10  ? -11.536 1.582   2.116   1.00 31.43  ? 10  GLN A CA  1 
ATOM   84   C C   . GLN A 1 10  ? -12.137 2.911   2.578   1.00 31.50  ? 10  GLN A C   1 
ATOM   85   O O   . GLN A 1 10  ? -13.326 3.158   2.384   1.00 25.85  ? 10  GLN A O   1 
ATOM   86   C CB  . GLN A 1 10  ? -12.077 0.472   3.017   1.00 34.54  ? 10  GLN A CB  1 
ATOM   87   C CG  . GLN A 1 10  ? -11.871 -0.931  2.491   1.00 43.52  ? 10  GLN A CG  1 
ATOM   88   C CD  . GLN A 1 10  ? -12.589 -1.964  3.337   1.00 49.67  ? 10  GLN A CD  1 
ATOM   89   O OE1 . GLN A 1 10  ? -12.574 -3.157  3.033   1.00 52.15  ? 10  GLN A OE1 1 
ATOM   90   N NE2 . GLN A 1 10  ? -13.227 -1.506  4.411   1.00 53.15  ? 10  GLN A NE2 1 
ATOM   91   N N   . CYS A 1 11  ? -11.329 3.767   3.186   1.00 31.79  ? 11  CYS A N   1 
ATOM   92   C CA  . CYS A 1 11  ? -11.867 5.019   3.678   1.00 38.86  ? 11  CYS A CA  1 
ATOM   93   C C   . CYS A 1 11  ? -11.425 6.236   2.881   1.00 41.52  ? 11  CYS A C   1 
ATOM   94   O O   . CYS A 1 11  ? -11.911 7.343   3.109   1.00 45.94  ? 11  CYS A O   1 
ATOM   95   C CB  . CYS A 1 11  ? -11.504 5.191   5.155   1.00 41.62  ? 11  CYS A CB  1 
ATOM   96   S SG  . CYS A 1 11  ? -9.913  6.003   5.469   1.00 44.99  ? 11  CYS A SG  1 
ATOM   97   N N   . THR A 1 12  ? -10.507 6.038   1.947   1.00 40.50  ? 12  THR A N   1 
ATOM   98   C CA  . THR A 1 12  ? -10.040 7.141   1.128   1.00 42.76  ? 12  THR A CA  1 
ATOM   99   C C   . THR A 1 12  ? -10.568 6.942   -0.278  1.00 44.35  ? 12  THR A C   1 
ATOM   100  O O   . THR A 1 12  ? -10.758 7.902   -1.025  1.00 45.59  ? 12  THR A O   1 
ATOM   101  C CB  . THR A 1 12  ? -8.498  7.203   1.079   1.00 46.15  ? 12  THR A CB  1 
ATOM   102  O OG1 . THR A 1 12  ? -7.984  5.957   0.597   1.00 51.95  ? 12  THR A OG1 1 
ATOM   103  C CG2 . THR A 1 12  ? -7.928  7.478   2.458   1.00 45.64  ? 12  THR A CG2 1 
ATOM   104  N N   . VAL A 1 13  ? -10.821 5.683   -0.626  1.00 46.51  ? 13  VAL A N   1 
ATOM   105  C CA  . VAL A 1 13  ? -11.324 5.342   -1.950  1.00 48.32  ? 13  VAL A CA  1 
ATOM   106  C C   . VAL A 1 13  ? -12.585 4.516   -1.886  1.00 50.83  ? 13  VAL A C   1 
ATOM   107  O O   . VAL A 1 13  ? -12.623 3.364   -2.285  1.00 52.79  ? 13  VAL A O   1 
ATOM   108  C CB  . VAL A 1 13  ? -10.247 4.578   -2.758  1.00 46.60  ? 13  VAL A CB  1 
ATOM   109  C CG1 . VAL A 1 13  ? -10.555 4.601   -4.247  1.00 46.67  ? 13  VAL A CG1 1 
ATOM   110  C CG2 . VAL A 1 13  ? -8.880  5.182   -2.505  1.00 44.70  ? 13  VAL A CG2 1 
ATOM   111  N N   . PRO A 1 14  ? -13.659 5.141   -1.372  1.00 53.32  ? 14  PRO A N   1 
ATOM   112  C CA  . PRO A 1 14  ? -14.949 4.402   -1.180  1.00 57.61  ? 14  PRO A CA  1 
ATOM   113  C C   . PRO A 1 14  ? -15.521 3.598   -2.310  1.00 62.09  ? 14  PRO A C   1 
ATOM   114  O O   . PRO A 1 14  ? -15.876 2.418   -2.190  1.00 63.50  ? 14  PRO A O   1 
ATOM   115  C CB  . PRO A 1 14  ? -15.875 5.461   -0.638  1.00 54.00  ? 14  PRO A CB  1 
ATOM   116  C CG  . PRO A 1 14  ? -14.989 6.234   0.266   1.00 52.84  ? 14  PRO A CG  1 
ATOM   117  C CD  . PRO A 1 14  ? -13.587 6.071   -0.234  1.00 54.67  ? 14  PRO A CD  1 
ATOM   118  N N   . SER A 1 15  ? -15.606 4.264   -3.455  1.00 64.39  ? 15  SER A N   1 
ATOM   119  C CA  . SER A 1 15  ? -16.177 3.697   -4.629  1.00 64.63  ? 15  SER A CA  1 
ATOM   120  C C   . SER A 1 15  ? -15.459 2.440   -5.072  1.00 65.94  ? 15  SER A C   1 
ATOM   121  O O   . SER A 1 15  ? -16.043 1.635   -5.811  1.00 66.71  ? 15  SER A O   1 
ATOM   122  C CB  . SER A 1 15  ? -16.127 4.721   -5.770  1.00 64.93  ? 15  SER A CB  1 
ATOM   123  O OG  . SER A 1 15  ? -14.903 5.430   -5.764  1.00 63.64  ? 15  SER A OG  1 
ATOM   124  N N   . ARG A 1 16  ? -14.223 2.225   -4.698  1.00 67.04  ? 17  ARG A N   1 
ATOM   125  C CA  . ARG A 1 16  ? -13.545 1.093   -5.271  1.00 65.57  ? 17  ARG A CA  1 
ATOM   126  C C   . ARG A 1 16  ? -13.120 0.037   -4.260  1.00 65.36  ? 17  ARG A C   1 
ATOM   127  O O   . ARG A 1 16  ? -12.434 0.362   -3.291  1.00 66.77  ? 17  ARG A O   1 
ATOM   128  C CB  . ARG A 1 16  ? -12.334 1.611   -6.025  1.00 66.27  ? 17  ARG A CB  1 
ATOM   129  C CG  . ARG A 1 16  ? -11.635 0.601   -6.909  1.00 66.87  ? 17  ARG A CG  1 
ATOM   130  C CD  . ARG A 1 16  ? -10.928 1.308   -8.046  1.00 65.94  ? 17  ARG A CD  1 
ATOM   131  N NE  . ARG A 1 16  ? -11.187 0.642   -9.314  1.00 68.58  ? 17  ARG A NE  1 
ATOM   132  C CZ  . ARG A 1 16  ? -11.466 1.279   -10.445 1.00 72.85  ? 17  ARG A CZ  1 
ATOM   133  N NH1 . ARG A 1 16  ? -11.522 2.607   -10.466 1.00 73.59  ? 17  ARG A NH1 1 
ATOM   134  N NH2 . ARG A 1 16  ? -11.698 0.588   -11.554 1.00 74.28  ? 17  ARG A NH2 1 
ATOM   135  N N   . SER A 1 17  ? -13.520 -1.213  -4.476  1.00 64.46  ? 18  SER A N   1 
ATOM   136  C CA  . SER A 1 17  ? -13.146 -2.291  -3.571  1.00 64.01  ? 18  SER A CA  1 
ATOM   137  C C   . SER A 1 17  ? -11.628 -2.341  -3.458  1.00 63.31  ? 18  SER A C   1 
ATOM   138  O O   . SER A 1 17  ? -10.919 -2.089  -4.434  1.00 65.11  ? 18  SER A O   1 
ATOM   139  C CB  . SER A 1 17  ? -13.665 -3.629  -4.095  1.00 63.46  ? 18  SER A CB  1 
ATOM   140  O OG  . SER A 1 17  ? -13.159 -4.702  -3.319  1.00 63.19  ? 18  SER A OG  1 
ATOM   141  N N   . TRP A 1 18  ? -11.129 -2.657  -2.269  1.00 61.56  ? 19  TRP A N   1 
ATOM   142  C CA  . TRP A 1 18  ? -9.691  -2.735  -2.045  1.00 58.56  ? 19  TRP A CA  1 
ATOM   143  C C   . TRP A 1 18  ? -9.049  -3.821  -2.909  1.00 56.98  ? 19  TRP A C   1 
ATOM   144  O O   . TRP A 1 18  ? -7.889  -3.702  -3.300  1.00 55.84  ? 19  TRP A O   1 
ATOM   145  C CB  . TRP A 1 18  ? -9.400  -3.026  -0.572  1.00 59.35  ? 19  TRP A CB  1 
ATOM   146  C CG  . TRP A 1 18  ? -10.022 -4.298  -0.095  1.00 63.35  ? 19  TRP A CG  1 
ATOM   147  C CD1 . TRP A 1 18  ? -11.278 -4.458  0.414   1.00 63.36  ? 19  TRP A CD1 1 
ATOM   148  C CD2 . TRP A 1 18  ? -9.434  -5.605  -0.129  1.00 65.08  ? 19  TRP A CD2 1 
ATOM   149  N NE1 . TRP A 1 18  ? -11.509 -5.783  0.699   1.00 65.85  ? 19  TRP A NE1 1 
ATOM   150  C CE2 . TRP A 1 18  ? -10.394 -6.510  0.374   1.00 64.71  ? 19  TRP A CE2 1 
ATOM   151  C CE3 . TRP A 1 18  ? -8.188  -6.100  -0.543  1.00 64.86  ? 19  TRP A CE3 1 
ATOM   152  C CZ2 . TRP A 1 18  ? -10.148 -7.881  0.483   1.00 63.67  ? 19  TRP A CZ2 1 
ATOM   153  C CZ3 . TRP A 1 18  ? -7.943  -7.464  -0.435  1.00 64.40  ? 19  TRP A CZ3 1 
ATOM   154  C CH2 . TRP A 1 18  ? -8.922  -8.338  0.072   1.00 64.83  ? 19  TRP A CH2 1 
ATOM   155  N N   . ALA A 1 19  ? -9.806  -4.878  -3.203  1.00 56.49  ? 20  ALA A N   1 
ATOM   156  C CA  . ALA A 1 19  ? -9.300  -5.984  -4.016  1.00 55.83  ? 20  ALA A CA  1 
ATOM   157  C C   . ALA A 1 19  ? -8.716  -5.475  -5.327  1.00 56.36  ? 20  ALA A C   1 
ATOM   158  O O   . ALA A 1 19  ? -7.726  -6.005  -5.824  1.00 59.23  ? 20  ALA A O   1 
ATOM   159  C CB  . ALA A 1 19  ? -10.414 -6.985  -4.290  1.00 52.25  ? 20  ALA A CB  1 
ATOM   160  N N   . ASP A 1 20  ? -9.339  -4.438  -5.879  1.00 57.19  ? 21  ASP A N   1 
ATOM   161  C CA  . ASP A 1 20  ? -8.898  -3.825  -7.131  1.00 56.59  ? 21  ASP A CA  1 
ATOM   162  C C   . ASP A 1 20  ? -7.411  -3.465  -7.129  1.00 53.54  ? 21  ASP A C   1 
ATOM   163  O O   . ASP A 1 20  ? -6.796  -3.342  -8.185  1.00 54.53  ? 21  ASP A O   1 
ATOM   164  C CB  . ASP A 1 20  ? -9.709  -2.552  -7.395  1.00 59.27  ? 21  ASP A CB  1 
ATOM   165  C CG  . ASP A 1 20  ? -11.150 -2.840  -7.770  1.00 63.81  ? 21  ASP A CG  1 
ATOM   166  O OD1 . ASP A 1 20  ? -11.719 -3.822  -7.248  1.00 64.73  ? 21  ASP A OD1 1 
ATOM   167  O OD2 . ASP A 1 20  ? -11.715 -2.074  -8.580  1.00 66.68  ? 21  ASP A OD2 1 
ATOM   168  N N   . PHE A 1 21  ? -6.842  -3.304  -5.940  1.00 49.96  ? 22  PHE A N   1 
ATOM   169  C CA  . PHE A 1 21  ? -5.442  -2.919  -5.807  1.00 45.28  ? 22  PHE A CA  1 
ATOM   170  C C   . PHE A 1 21  ? -4.517  -4.013  -5.296  1.00 40.55  ? 22  PHE A C   1 
ATOM   171  O O   . PHE A 1 21  ? -3.315  -3.789  -5.157  1.00 38.93  ? 22  PHE A O   1 
ATOM   172  C CB  . PHE A 1 21  ? -5.335  -1.714  -4.872  1.00 46.01  ? 22  PHE A CB  1 
ATOM   173  C CG  . PHE A 1 21  ? -6.089  -0.511  -5.343  1.00 43.38  ? 22  PHE A CG  1 
ATOM   174  C CD1 . PHE A 1 21  ? -5.557  0.323   -6.321  1.00 43.50  ? 22  PHE A CD1 1 
ATOM   175  C CD2 . PHE A 1 21  ? -7.340  -0.217  -4.814  1.00 42.03  ? 22  PHE A CD2 1 
ATOM   176  C CE1 . PHE A 1 21  ? -6.260  1.440   -6.767  1.00 42.67  ? 22  PHE A CE1 1 
ATOM   177  C CE2 . PHE A 1 21  ? -8.053  0.893   -5.250  1.00 41.84  ? 22  PHE A CE2 1 
ATOM   178  C CZ  . PHE A 1 21  ? -7.511  1.726   -6.230  1.00 40.92  ? 22  PHE A CZ  1 
ATOM   179  N N   . ALA A 1 22  ? -5.069  -5.185  -5.011  1.00 38.58  ? 23  ALA A N   1 
ATOM   180  C CA  . ALA A 1 22  ? -4.262  -6.286  -4.505  1.00 37.34  ? 23  ALA A CA  1 
ATOM   181  C C   . ALA A 1 22  ? -3.496  -7.039  -5.590  1.00 38.05  ? 23  ALA A C   1 
ATOM   182  O O   . ALA A 1 22  ? -2.630  -7.850  -5.277  1.00 41.42  ? 23  ALA A O   1 
ATOM   183  C CB  . ALA A 1 22  ? -5.134  -7.255  -3.711  1.00 34.45  ? 23  ALA A CB  1 
ATOM   184  N N   . ASP A 1 23  ? -3.811  -6.791  -6.859  1.00 35.93  ? 24  ASP A N   1 
ATOM   185  C CA  . ASP A 1 23  ? -3.107  -7.463  -7.963  1.00 36.02  ? 24  ASP A CA  1 
ATOM   186  C C   . ASP A 1 23  ? -3.159  -6.543  -9.164  1.00 33.58  ? 24  ASP A C   1 
ATOM   187  O O   . ASP A 1 23  ? -3.982  -6.724  -10.059 1.00 32.38  ? 24  ASP A O   1 
ATOM   188  C CB  . ASP A 1 23  ? -3.789  -8.799  -8.289  1.00 43.46  ? 24  ASP A CB  1 
ATOM   189  C CG  . ASP A 1 23  ? -3.039  -9.638  -9.328  1.00 51.59  ? 24  ASP A CG  1 
ATOM   190  O OD1 . ASP A 1 23  ? -2.229  -9.090  -10.103 1.00 56.49  ? 24  ASP A OD1 1 
ATOM   191  O OD2 . ASP A 1 23  ? -3.289  -10.870 -9.376  1.00 54.99  ? 24  ASP A OD2 1 
ATOM   192  N N   . TYR A 1 24  ? -2.263  -5.560  -9.172  1.00 30.35  ? 25  TYR A N   1 
ATOM   193  C CA  . TYR A 1 24  ? -2.209  -4.587  -10.240 1.00 26.14  ? 25  TYR A CA  1 
ATOM   194  C C   . TYR A 1 24  ? -0.779  -4.217  -10.627 1.00 23.96  ? 25  TYR A C   1 
ATOM   195  O O   . TYR A 1 24  ? 0.123   -4.170  -9.789  1.00 21.57  ? 25  TYR A O   1 
ATOM   196  C CB  . TYR A 1 24  ? -2.995  -3.356  -9.805  1.00 30.70  ? 25  TYR A CB  1 
ATOM   197  C CG  . TYR A 1 24  ? -3.131  -2.285  -10.854 1.00 35.28  ? 25  TYR A CG  1 
ATOM   198  C CD1 . TYR A 1 24  ? -2.049  -1.468  -11.191 1.00 32.85  ? 25  TYR A CD1 1 
ATOM   199  C CD2 . TYR A 1 24  ? -4.357  -2.056  -11.483 1.00 34.19  ? 25  TYR A CD2 1 
ATOM   200  C CE1 . TYR A 1 24  ? -2.188  -0.450  -12.115 1.00 30.42  ? 25  TYR A CE1 1 
ATOM   201  C CE2 . TYR A 1 24  ? -4.504  -1.036  -12.409 1.00 28.05  ? 25  TYR A CE2 1 
ATOM   202  C CZ  . TYR A 1 24  ? -3.422  -0.238  -12.714 1.00 28.73  ? 25  TYR A CZ  1 
ATOM   203  O OH  . TYR A 1 24  ? -3.583  0.801   -13.587 1.00 34.08  ? 25  TYR A OH  1 
ATOM   204  N N   . GLY A 1 25  ? -0.580  -3.955  -11.914 1.00 22.16  ? 26  GLY A N   1 
ATOM   205  C CA  . GLY A 1 25  ? 0.741   -3.607  -12.403 1.00 27.10  ? 26  GLY A CA  1 
ATOM   206  C C   . GLY A 1 25  ? 1.799   -4.581  -11.919 1.00 24.77  ? 26  GLY A C   1 
ATOM   207  O O   . GLY A 1 25  ? 1.512   -5.753  -11.679 1.00 23.20  ? 26  GLY A O   1 
ATOM   208  N N   . CYS A 1 26  ? 3.027   -4.095  -11.770 1.00 27.62  ? 27  CYS A N   1 
ATOM   209  C CA  . CYS A 1 26  ? 4.087   -4.955  -11.273 1.00 29.66  ? 27  CYS A CA  1 
ATOM   210  C C   . CYS A 1 26  ? 4.288   -4.845  -9.735  1.00 28.74  ? 27  CYS A C   1 
ATOM   211  O O   . CYS A 1 26  ? 4.805   -5.783  -9.139  1.00 26.76  ? 27  CYS A O   1 
ATOM   212  C CB  . CYS A 1 26  ? 5.396   -4.628  -12.009 1.00 32.17  ? 27  CYS A CB  1 
ATOM   213  S SG  . CYS A 1 26  ? 5.686   -5.632  -13.505 1.00 38.88  ? 27  CYS A SG  1 
ATOM   214  N N   . TYR A 1 27  ? 3.886   -3.696  -9.078  1.00 32.80  ? 28  TYR A N   1 
ATOM   215  C CA  . TYR A 1 27  ? 4.058   -3.369  -7.626  1.00 31.07  ? 28  TYR A CA  1 
ATOM   216  C C   . TYR A 1 27  ? 2.832   -3.336  -6.740  1.00 32.44  ? 28  TYR A C   1 
ATOM   217  O O   . TYR A 1 27  ? 2.949   -3.156  -5.523  1.00 32.74  ? 28  TYR A O   1 
ATOM   218  C CB  . TYR A 1 27  ? 4.720   -1.971  -7.502  1.00 27.35  ? 28  TYR A CB  1 
ATOM   219  C CG  . TYR A 1 27  ? 6.134   -2.034  -8.013  1.00 25.64  ? 28  TYR A CG  1 
ATOM   220  C CD1 . TYR A 1 27  ? 6.410   -1.956  -9.377  1.00 27.05  ? 28  TYR A CD1 1 
ATOM   221  C CD2 . TYR A 1 27  ? 7.199   -2.228  -7.137  1.00 27.88  ? 28  TYR A CD2 1 
ATOM   222  C CE1 . TYR A 1 27  ? 7.716   -2.069  -9.855  1.00 24.15  ? 28  TYR A CE1 1 
ATOM   223  C CE2 . TYR A 1 27  ? 8.505   -2.343  -7.602  1.00 24.14  ? 28  TYR A CE2 1 
ATOM   224  C CZ  . TYR A 1 27  ? 8.757   -2.259  -8.959  1.00 22.76  ? 28  TYR A CZ  1 
ATOM   225  O OH  . TYR A 1 27  ? 10.040  -2.350  -9.429  1.00 17.04  ? 28  TYR A OH  1 
ATOM   226  N N   . CYS A 1 28  ? 1.686   -3.510  -7.306  1.00 29.47  ? 29  CYS A N   1 
ATOM   227  C CA  . CYS A 1 28  ? 0.534   -3.538  -6.459  1.00 29.96  ? 29  CYS A CA  1 
ATOM   228  C C   . CYS A 1 28  ? 0.191   -4.977  -6.151  1.00 32.63  ? 29  CYS A C   1 
ATOM   229  O O   . CYS A 1 28  ? -0.305  -5.693  -7.015  1.00 31.77  ? 29  CYS A O   1 
ATOM   230  C CB  . CYS A 1 28  ? -0.645  -2.805  -7.092  1.00 24.99  ? 29  CYS A CB  1 
ATOM   231  S SG  . CYS A 1 28  ? -0.393  -1.011  -7.313  1.00 23.81  ? 29  CYS A SG  1 
ATOM   232  N N   . GLY A 1 29  ? 0.465   -5.412  -4.928  1.00 36.01  ? 30  GLY A N   1 
ATOM   233  C CA  . GLY A 1 29  ? 0.118   -6.754  -4.516  1.00 42.73  ? 30  GLY A CA  1 
ATOM   234  C C   . GLY A 1 29  ? 1.255   -7.739  -4.612  1.00 50.35  ? 30  GLY A C   1 
ATOM   235  O O   . GLY A 1 29  ? 1.987   -7.981  -3.654  1.00 49.32  ? 30  GLY A O   1 
ATOM   236  N N   . LYS A 1 30  ? 1.388   -8.327  -5.786  1.00 59.48  ? 31  LYS A N   1 
ATOM   237  C CA  . LYS A 1 30  ? 2.434   -9.277  -6.041  1.00 66.07  ? 31  LYS A CA  1 
ATOM   238  C C   . LYS A 1 30  ? 3.780   -8.570  -5.982  1.00 65.47  ? 31  LYS A C   1 
ATOM   239  O O   . LYS A 1 30  ? 3.943   -7.502  -6.567  1.00 64.33  ? 31  LYS A O   1 
ATOM   240  C CB  . LYS A 1 30  ? 2.208   -9.967  -7.372  1.00 73.14  ? 31  LYS A CB  1 
ATOM   241  C CG  . LYS A 1 30  ? 2.953   -11.276 -7.551  1.00 80.61  ? 31  LYS A CG  1 
ATOM   242  C CD  . LYS A 1 30  ? 2.293   -12.411 -6.802  1.00 83.84  ? 31  LYS A CD  1 
ATOM   243  C CE  . LYS A 1 30  ? 3.279   -13.140 -5.911  1.00 85.55  ? 31  LYS A CE  1 
ATOM   244  N NZ  . LYS A 1 30  ? 2.806   -14.511 -5.562  1.00 85.64  ? 31  LYS A NZ  1 
ATOM   245  N N   . GLY A 1 31  ? 4.755   -9.166  -5.296  1.00 66.69  ? 32  GLY A N   1 
ATOM   246  C CA  . GLY A 1 31  ? 6.089   -8.588  -5.180  1.00 67.49  ? 32  GLY A CA  1 
ATOM   247  C C   . GLY A 1 31  ? 6.368   -7.384  -6.056  1.00 66.96  ? 32  GLY A C   1 
ATOM   248  O O   . GLY A 1 31  ? 5.972   -6.263  -5.720  1.00 69.57  ? 32  GLY A O   1 
ATOM   249  N N   . GLY A 1 32  ? 7.047   -7.608  -7.179  1.00 65.22  ? 33  GLY A N   1 
ATOM   250  C CA  . GLY A 1 32  ? 7.306   -6.498  -8.073  1.00 62.35  ? 33  GLY A CA  1 
ATOM   251  C C   . GLY A 1 32  ? 8.500   -6.689  -9.034  1.00 60.89  ? 33  GLY A C   1 
ATOM   252  O O   . GLY A 1 32  ? 8.563   -7.679  -9.766  1.00 61.32  ? 33  GLY A O   1 
ATOM   253  N N   . SER A 1 33  ? 9.408   -5.698  -9.019  1.00 55.78  ? 34  SER A N   1 
ATOM   254  C CA  . SER A 1 33  ? 10.646  -5.688  -9.825  1.00 51.50  ? 34  SER A CA  1 
ATOM   255  C C   . SER A 1 33  ? 10.458  -5.385  -11.315 1.00 47.33  ? 34  SER A C   1 
ATOM   256  O O   . SER A 1 33  ? 9.911   -6.195  -12.062 1.00 52.35  ? 34  SER A O   1 
ATOM   257  C CB  . SER A 1 33  ? 11.356  -7.029  -9.659  1.00 54.49  ? 34  SER A CB  1 
ATOM   258  O OG  . SER A 1 33  ? 10.805  -8.012  -10.519 1.00 61.46  ? 34  SER A OG  1 
ATOM   259  N N   . GLY A 1 34  ? 10.920  -4.199  -11.728 1.00 41.80  ? 35  GLY A N   1 
ATOM   260  C CA  . GLY A 1 34  ? 10.746  -3.769  -13.091 1.00 35.03  ? 35  GLY A CA  1 
ATOM   261  C C   . GLY A 1 34  ? 10.166  -2.365  -13.055 1.00 33.72  ? 35  GLY A C   1 
ATOM   262  O O   . GLY A 1 34  ? 9.879   -1.849  -11.975 1.00 32.94  ? 35  GLY A O   1 
ATOM   263  N N   . THR A 1 35  ? 9.992   -1.740  -14.216 1.00 32.17  ? 36  THR A N   1 
ATOM   264  C CA  . THR A 1 35  ? 9.435   -0.389  -14.283 1.00 31.46  ? 36  THR A CA  1 
ATOM   265  C C   . THR A 1 35  ? 7.925   -0.399  -14.042 1.00 30.87  ? 36  THR A C   1 
ATOM   266  O O   . THR A 1 35  ? 7.199   -1.192  -14.637 1.00 28.70  ? 36  THR A O   1 
ATOM   267  C CB  . THR A 1 35  ? 9.730   0.254   -15.653 1.00 27.97  ? 36  THR A CB  1 
ATOM   268  O OG1 . THR A 1 35  ? 11.144  0.419   -15.795 1.00 32.52  ? 36  THR A OG1 1 
ATOM   269  C CG2 . THR A 1 35  ? 9.054   1.609   -15.780 1.00 25.12  ? 36  THR A CG2 1 
ATOM   270  N N   . PRO A 1 36  ? 7.434   0.483   -13.156 1.00 34.52  ? 37  PRO A N   1 
ATOM   271  C CA  . PRO A 1 36  ? 5.996   0.549   -12.856 1.00 35.76  ? 37  PRO A CA  1 
ATOM   272  C C   . PRO A 1 36  ? 5.214   0.817   -14.132 1.00 36.45  ? 37  PRO A C   1 
ATOM   273  O O   . PRO A 1 36  ? 5.503   1.779   -14.846 1.00 39.20  ? 37  PRO A O   1 
ATOM   274  C CB  . PRO A 1 36  ? 5.900   1.711   -11.870 1.00 34.21  ? 37  PRO A CB  1 
ATOM   275  C CG  . PRO A 1 36  ? 7.247   1.696   -11.190 1.00 33.32  ? 37  PRO A CG  1 
ATOM   276  C CD  . PRO A 1 36  ? 8.184   1.467   -12.357 1.00 31.72  ? 37  PRO A CD  1 
ATOM   277  N N   . VAL A 1 37  ? 4.233   -0.032  -14.423 1.00 35.73  ? 38  VAL A N   1 
ATOM   278  C CA  . VAL A 1 37  ? 3.431   0.135   -15.634 1.00 33.09  ? 38  VAL A CA  1 
ATOM   279  C C   . VAL A 1 37  ? 2.773   1.516   -15.716 1.00 31.59  ? 38  VAL A C   1 
ATOM   280  O O   . VAL A 1 37  ? 2.622   2.062   -16.793 1.00 31.48  ? 38  VAL A O   1 
ATOM   281  C CB  . VAL A 1 37  ? 2.355   -0.963  -15.742 1.00 30.94  ? 38  VAL A CB  1 
ATOM   282  C CG1 . VAL A 1 37  ? 3.008   -2.311  -16.003 1.00 32.02  ? 38  VAL A CG1 1 
ATOM   283  C CG2 . VAL A 1 37  ? 1.502   -0.993  -14.481 1.00 27.75  ? 38  VAL A CG2 1 
ATOM   284  N N   . ASP A 1 38  ? 2.413   2.070   -14.549 1.00 29.20  ? 39  ASP A N   1 
ATOM   285  C CA  . ASP A 1 38  ? 1.797   3.370   -14.491 1.00 30.99  ? 39  ASP A CA  1 
ATOM   286  C C   . ASP A 1 38  ? 1.712   3.927   -13.067 1.00 30.17  ? 39  ASP A C   1 
ATOM   287  O O   . ASP A 1 38  ? 2.059   3.289   -12.079 1.00 28.38  ? 39  ASP A O   1 
ATOM   288  C CB  . ASP A 1 38  ? 0.399   3.332   -15.112 1.00 30.57  ? 39  ASP A CB  1 
ATOM   289  C CG  . ASP A 1 38  ? -0.553  2.576   -14.248 1.00 28.87  ? 39  ASP A CG  1 
ATOM   290  O OD1 . ASP A 1 38  ? -0.303  2.516   -13.036 1.00 28.94  ? 39  ASP A OD1 1 
ATOM   291  O OD2 . ASP A 1 38  ? -1.548  2.046   -14.770 1.00 29.99  ? 39  ASP A OD2 1 
ATOM   292  N N   . ASP A 1 39  ? 1.251   5.178   -13.062 1.00 29.96  ? 40  ASP A N   1 
ATOM   293  C CA  . ASP A 1 39  ? 1.129   5.984   -11.860 1.00 34.00  ? 40  ASP A CA  1 
ATOM   294  C C   . ASP A 1 39  ? 0.603   5.194   -10.694 1.00 30.17  ? 40  ASP A C   1 
ATOM   295  O O   . ASP A 1 39  ? 1.163   5.258   -9.593  1.00 26.77  ? 40  ASP A O   1 
ATOM   296  C CB  . ASP A 1 39  ? 0.280   7.238   -12.142 1.00 41.08  ? 40  ASP A CB  1 
ATOM   297  C CG  . ASP A 1 39  ? 0.753   8.028   -13.363 1.00 48.70  ? 40  ASP A CG  1 
ATOM   298  O OD1 . ASP A 1 39  ? 1.912   8.498   -13.371 1.00 50.41  ? 40  ASP A OD1 1 
ATOM   299  O OD2 . ASP A 1 39  ? -0.052  8.182   -14.306 1.00 56.33  ? 40  ASP A OD2 1 
ATOM   300  N N   . LEU A 1 40  ? -0.461  4.428   -10.906 1.00 25.19  ? 41  LEU A N   1 
ATOM   301  C CA  . LEU A 1 40  ? -0.996  3.624   -9.823  1.00 23.65  ? 41  LEU A CA  1 
ATOM   302  C C   . LEU A 1 40  ? 0.023   2.543   -9.449  1.00 21.73  ? 41  LEU A C   1 
ATOM   303  O O   . LEU A 1 40  ? 0.086   2.111   -8.303  1.00 21.95  ? 41  LEU A O   1 
ATOM   304  C CB  . LEU A 1 40  ? -2.333  2.991   -10.224 1.00 24.06  ? 41  LEU A CB  1 
ATOM   305  C CG  . LEU A 1 40  ? -2.964  2.088   -9.153  1.00 23.37  ? 41  LEU A CG  1 
ATOM   306  C CD1 . LEU A 1 40  ? -3.121  2.850   -7.842  1.00 21.25  ? 41  LEU A CD1 1 
ATOM   307  C CD2 . LEU A 1 40  ? -4.296  1.584   -9.636  1.00 18.00  ? 41  LEU A CD2 1 
ATOM   308  N N   . ASP A 1 41  ? 0.822   2.106   -10.413 1.00 21.80  ? 42  ASP A N   1 
ATOM   309  C CA  . ASP A 1 41  ? 1.842   1.100   -10.127 1.00 21.53  ? 42  ASP A CA  1 
ATOM   310  C C   . ASP A 1 41  ? 3.002   1.823   -9.414  1.00 20.73  ? 42  ASP A C   1 
ATOM   311  O O   . ASP A 1 41  ? 3.680   1.254   -8.553  1.00 15.71  ? 42  ASP A O   1 
ATOM   312  C CB  . ASP A 1 41  ? 2.311   0.436   -11.432 1.00 23.17  ? 42  ASP A CB  1 
ATOM   313  C CG  . ASP A 1 41  ? 2.837   -0.986  -11.220 1.00 28.06  ? 42  ASP A CG  1 
ATOM   314  O OD1 . ASP A 1 41  ? 2.535   -1.592  -10.166 1.00 23.16  ? 42  ASP A OD1 1 
ATOM   315  O OD2 . ASP A 1 41  ? 3.543   -1.504  -12.119 1.00 29.19  ? 42  ASP A OD2 1 
ATOM   316  N N   . ARG A 1 42  ? 3.207   3.091   -9.757  1.00 21.18  ? 43  ARG A N   1 
ATOM   317  C CA  . ARG A 1 42  ? 4.260   3.879   -9.134  1.00 22.36  ? 43  ARG A CA  1 
ATOM   318  C C   . ARG A 1 42  ? 3.930   4.124   -7.677  1.00 22.64  ? 43  ARG A C   1 
ATOM   319  O O   . ARG A 1 42  ? 4.827   4.130   -6.834  1.00 20.14  ? 43  ARG A O   1 
ATOM   320  C CB  . ARG A 1 42  ? 4.448   5.214   -9.856  1.00 29.05  ? 43  ARG A CB  1 
ATOM   321  C CG  . ARG A 1 42  ? 5.172   5.084   -11.184 1.00 35.79  ? 43  ARG A CG  1 
ATOM   322  C CD  . ARG A 1 42  ? 5.401   6.428   -11.868 1.00 39.94  ? 43  ARG A CD  1 
ATOM   323  N NE  . ARG A 1 42  ? 6.090   6.247   -13.145 1.00 43.13  ? 43  ARG A NE  1 
ATOM   324  C CZ  . ARG A 1 42  ? 7.339   5.806   -13.262 1.00 41.30  ? 43  ARG A CZ  1 
ATOM   325  N NH1 . ARG A 1 42  ? 8.042   5.510   -12.178 1.00 40.65  ? 43  ARG A NH1 1 
ATOM   326  N NH2 . ARG A 1 42  ? 7.882   5.640   -14.462 1.00 42.62  ? 43  ARG A NH2 1 
ATOM   327  N N   . CYS A 1 43  ? 2.647   4.332   -7.380  1.00 24.18  ? 44  CYS A N   1 
ATOM   328  C CA  . CYS A 1 43  ? 2.214   4.547   -5.997  1.00 24.17  ? 44  CYS A CA  1 
ATOM   329  C C   . CYS A 1 43  ? 2.615   3.323   -5.192  1.00 24.59  ? 44  CYS A C   1 
ATOM   330  O O   . CYS A 1 43  ? 3.164   3.426   -4.095  1.00 26.17  ? 44  CYS A O   1 
ATOM   331  C CB  . CYS A 1 43  ? 0.694   4.694   -5.899  1.00 27.25  ? 44  CYS A CB  1 
ATOM   332  S SG  . CYS A 1 43  ? -0.049  6.280   -6.391  1.00 29.94  ? 44  CYS A SG  1 
ATOM   333  N N   . CYS A 1 44  ? 2.325   2.152   -5.744  1.00 25.35  ? 45  CYS A N   1 
ATOM   334  C CA  . CYS A 1 44  ? 2.667   0.922   -5.064  1.00 25.31  ? 45  CYS A CA  1 
ATOM   335  C C   . CYS A 1 44  ? 4.169   0.745   -4.975  1.00 22.13  ? 45  CYS A C   1 
ATOM   336  O O   . CYS A 1 44  ? 4.675   0.392   -3.917  1.00 21.89  ? 45  CYS A O   1 
ATOM   337  C CB  . CYS A 1 44  ? 2.030   -0.271  -5.768  1.00 24.03  ? 45  CYS A CB  1 
ATOM   338  S SG  . CYS A 1 44  ? 0.216   -0.185  -5.708  1.00 27.55  ? 45  CYS A SG  1 
ATOM   339  N N   . GLN A 1 45  ? 4.885   1.004   -6.069  1.00 21.77  ? 46  GLN A N   1 
ATOM   340  C CA  . GLN A 1 45  ? 6.337   0.851   -6.053  1.00 20.97  ? 46  GLN A CA  1 
ATOM   341  C C   . GLN A 1 45  ? 6.927   1.627   -4.887  1.00 22.44  ? 46  GLN A C   1 
ATOM   342  O O   . GLN A 1 45  ? 7.752   1.102   -4.125  1.00 17.29  ? 46  GLN A O   1 
ATOM   343  C CB  . GLN A 1 45  ? 6.974   1.352   -7.345  1.00 22.23  ? 46  GLN A CB  1 
ATOM   344  C CG  . GLN A 1 45  ? 8.500   1.229   -7.310  1.00 26.68  ? 46  GLN A CG  1 
ATOM   345  C CD  . GLN A 1 45  ? 9.191   1.962   -8.439  1.00 26.10  ? 46  GLN A CD  1 
ATOM   346  O OE1 . GLN A 1 45  ? 9.010   3.171   -8.615  1.00 33.81  ? 46  GLN A OE1 1 
ATOM   347  N NE2 . GLN A 1 45  ? 9.992   1.239   -9.208  1.00 21.24  ? 46  GLN A NE2 1 
ATOM   348  N N   . THR A 1 46  ? 6.498   2.879   -4.749  1.00 22.88  ? 47  THR A N   1 
ATOM   349  C CA  . THR A 1 46  ? 6.981   3.717   -3.664  1.00 23.35  ? 47  THR A CA  1 
ATOM   350  C C   . THR A 1 46  ? 6.571   3.104   -2.349  1.00 18.84  ? 47  THR A C   1 
ATOM   351  O O   . THR A 1 46  ? 7.268   3.234   -1.339  1.00 20.79  ? 47  THR A O   1 
ATOM   352  C CB  . THR A 1 46  ? 6.445   5.163   -3.778  1.00 28.59  ? 47  THR A CB  1 
ATOM   353  O OG1 . THR A 1 46  ? 6.888   5.736   -5.017  1.00 32.91  ? 47  THR A OG1 1 
ATOM   354  C CG2 . THR A 1 46  ? 6.921   5.998   -2.600  1.00 23.64  ? 47  THR A CG2 1 
ATOM   355  N N   . HIS A 1 47  ? 5.455   2.435   -2.387  1.00 16.09  ? 48  HIS A N   1 
ATOM   356  C CA  . HIS A 1 47  ? 4.966   1.844   -1.214  1.00 14.32  ? 48  HIS A CA  1 
ATOM   357  C C   . HIS A 1 47  ? 5.761   0.605   -0.791  1.00 11.58  ? 48  HIS A C   1 
ATOM   358  O O   . HIS A 1 47  ? 5.930   0.336   0.402   1.00 14.59  ? 48  HIS A O   1 
ATOM   359  C CB  . HIS A 1 47  ? 3.499   1.552   -1.402  1.00 11.34  ? 48  HIS A CB  1 
ATOM   360  C CG  . HIS A 1 47  ? 2.980   0.792   -0.199  1.00 11.45  ? 48  HIS A CG  1 
ATOM   361  N ND1 . HIS A 1 47  ? 2.621   -0.515  -0.257  1.00 17.09  ? 48  HIS A ND1 1 
ATOM   362  C CD2 . HIS A 1 47  ? 2.793   1.225   1.084   1.00 14.97  ? 48  HIS A CD2 1 
ATOM   363  C CE1 . HIS A 1 47  ? 2.229   -0.875  0.956   1.00 17.65  ? 48  HIS A CE1 1 
ATOM   364  N NE2 . HIS A 1 47  ? 2.331   0.159   1.783   1.00 18.28  ? 48  HIS A NE2 1 
ATOM   365  N N   . ASP A 1 48  ? 6.251   -0.122  -1.776  1.00 13.03  ? 49  ASP A N   1 
ATOM   366  C CA  . ASP A 1 48  ? 7.088   -1.291  -1.529  1.00 16.99  ? 49  ASP A CA  1 
ATOM   367  C C   . ASP A 1 48  ? 8.440   -0.855  -0.976  1.00 19.34  ? 49  ASP A C   1 
ATOM   368  O O   . ASP A 1 48  ? 9.004   -1.497  -0.080  1.00 13.56  ? 49  ASP A O   1 
ATOM   369  C CB  . ASP A 1 48  ? 7.292   -2.087  -2.815  1.00 21.29  ? 49  ASP A CB  1 
ATOM   370  C CG  . ASP A 1 48  ? 6.020   -2.768  -3.288  1.00 27.63  ? 49  ASP A CG  1 
ATOM   371  O OD1 . ASP A 1 48  ? 5.000   -2.721  -2.563  1.00 27.44  ? 49  ASP A OD1 1 
ATOM   372  O OD2 . ASP A 1 48  ? 6.041   -3.353  -4.389  1.00 33.61  ? 49  ASP A OD2 1 
ATOM   373  N N   . ASN A 1 49  ? 8.957   0.246   -1.514  1.00 21.73  ? 50  ASN A N   1 
ATOM   374  C CA  . ASN A 1 49  ? 10.235  0.771   -1.059  1.00 19.40  ? 50  ASN A CA  1 
ATOM   375  C C   . ASN A 1 49  ? 10.140  1.198   0.386   1.00 19.14  ? 50  ASN A C   1 
ATOM   376  O O   . ASN A 1 49  ? 11.030  0.913   1.190   1.00 22.68  ? 50  ASN A O   1 
ATOM   377  C CB  . ASN A 1 49  ? 10.670  1.958   -1.913  1.00 18.46  ? 50  ASN A CB  1 
ATOM   378  C CG  . ASN A 1 49  ? 11.162  1.532   -3.276  1.00 20.96  ? 50  ASN A CG  1 
ATOM   379  O OD1 . ASN A 1 49  ? 11.649  0.416   -3.440  1.00 19.45  ? 50  ASN A OD1 1 
ATOM   380  N ND2 . ASN A 1 49  ? 11.032  2.430   -4.248  1.00 19.00  ? 50  ASN A ND2 1 
ATOM   381  N N   . CYS A 1 50  ? 9.050   1.879   0.710   1.00 12.84  ? 51  CYS A N   1 
ATOM   382  C CA  . CYS A 1 50  ? 8.829   2.365   2.063   1.00 17.79  ? 51  CYS A CA  1 
ATOM   383  C C   . CYS A 1 50  ? 8.935   1.213   3.063   1.00 18.72  ? 51  CYS A C   1 
ATOM   384  O O   . CYS A 1 50  ? 9.572   1.332   4.113   1.00 20.42  ? 51  CYS A O   1 
ATOM   385  C CB  . CYS A 1 50  ? 7.451   3.010   2.131   1.00 21.36  ? 51  CYS A CB  1 
ATOM   386  S SG  . CYS A 1 50  ? 7.184   4.145   3.524   1.00 26.68  ? 51  CYS A SG  1 
ATOM   387  N N   . TYR A 1 51  ? 8.312   0.092   2.721   1.00 19.77  ? 52  TYR A N   1 
ATOM   388  C CA  . TYR A 1 51  ? 8.336   -1.092  3.564   1.00 19.58  ? 52  TYR A CA  1 
ATOM   389  C C   . TYR A 1 51  ? 9.754   -1.628  3.745   1.00 17.92  ? 52  TYR A C   1 
ATOM   390  O O   . TYR A 1 51  ? 10.144  -2.011  4.849   1.00 16.82  ? 52  TYR A O   1 
ATOM   391  C CB  . TYR A 1 51  ? 7.439   -2.171  2.955   1.00 21.65  ? 52  TYR A CB  1 
ATOM   392  C CG  . TYR A 1 51  ? 6.008   -2.144  3.448   1.00 22.33  ? 52  TYR A CG  1 
ATOM   393  C CD1 . TYR A 1 51  ? 5.406   -0.953  3.871   1.00 22.31  ? 52  TYR A CD1 1 
ATOM   394  C CD2 . TYR A 1 51  ? 5.249   -3.310  3.483   1.00 21.37  ? 52  TYR A CD2 1 
ATOM   395  C CE1 . TYR A 1 51  ? 4.082   -0.931  4.320   1.00 20.27  ? 52  TYR A CE1 1 
ATOM   396  C CE2 . TYR A 1 51  ? 3.927   -3.299  3.924   1.00 22.64  ? 52  TYR A CE2 1 
ATOM   397  C CZ  . TYR A 1 51  ? 3.351   -2.112  4.341   1.00 21.26  ? 52  TYR A CZ  1 
ATOM   398  O OH  . TYR A 1 51  ? 2.049   -2.121  4.768   1.00 16.31  ? 52  TYR A OH  1 
ATOM   399  N N   . ASN A 1 52  ? 10.524  -1.656  2.661   1.00 19.54  ? 53  ASN A N   1 
ATOM   400  C CA  . ASN A 1 52  ? 11.898  -2.143  2.724   1.00 17.44  ? 53  ASN A CA  1 
ATOM   401  C C   . ASN A 1 52  ? 12.757  -1.298  3.658   1.00 18.85  ? 53  ASN A C   1 
ATOM   402  O O   . ASN A 1 52  ? 13.582  -1.831  4.398   1.00 15.62  ? 53  ASN A O   1 
ATOM   403  C CB  . ASN A 1 52  ? 12.520  -2.179  1.327   1.00 20.40  ? 53  ASN A CB  1 
ATOM   404  C CG  . ASN A 1 52  ? 12.060  -3.379  0.518   1.00 21.97  ? 53  ASN A CG  1 
ATOM   405  O OD1 . ASN A 1 52  ? 11.997  -4.495  1.031   1.00 25.03  ? 53  ASN A OD1 1 
ATOM   406  N ND2 . ASN A 1 52  ? 11.750  -3.157  -0.757  1.00 31.12  ? 53  ASN A ND2 1 
ATOM   407  N N   . GLU A 1 53  ? 12.566  0.018   3.633   1.00 22.43  ? 54  GLU A N   1 
ATOM   408  C CA  . GLU A 1 53  ? 13.330  0.884   4.521   1.00 22.05  ? 54  GLU A CA  1 
ATOM   409  C C   . GLU A 1 53  ? 12.877  0.587   5.943   1.00 24.24  ? 54  GLU A C   1 
ATOM   410  O O   . GLU A 1 53  ? 13.694  0.479   6.857   1.00 26.97  ? 54  GLU A O   1 
ATOM   411  C CB  . GLU A 1 53  ? 13.078  2.363   4.214   1.00 22.02  ? 54  GLU A CB  1 
ATOM   412  C CG  . GLU A 1 53  ? 13.875  2.966   3.049   1.00 22.96  ? 54  GLU A CG  1 
ATOM   413  C CD  . GLU A 1 53  ? 15.380  3.033   3.302   1.00 24.91  ? 54  GLU A CD  1 
ATOM   414  O OE1 . GLU A 1 53  ? 15.796  3.366   4.432   1.00 29.47  ? 54  GLU A OE1 1 
ATOM   415  O OE2 . GLU A 1 53  ? 16.152  2.767   2.359   1.00 24.92  ? 54  GLU A OE2 1 
ATOM   416  N N   . ALA A 1 54  ? 11.571  0.446   6.132   1.00 20.36  ? 55  ALA A N   1 
ATOM   417  C CA  . ALA A 1 54  ? 11.054  0.178   7.465   1.00 18.65  ? 55  ALA A CA  1 
ATOM   418  C C   . ALA A 1 54  ? 11.650  -1.103  8.019   1.00 15.78  ? 55  ALA A C   1 
ATOM   419  O O   . ALA A 1 54  ? 11.918  -1.203  9.218   1.00 12.28  ? 55  ALA A O   1 
ATOM   420  C CB  . ALA A 1 54  ? 9.536   0.085   7.433   1.00 20.49  ? 55  ALA A CB  1 
ATOM   421  N N   . GLU A 1 55  ? 11.863  -2.078  7.139   1.00 15.20  ? 56  GLU A N   1 
ATOM   422  C CA  . GLU A 1 55  ? 12.428  -3.368  7.540   1.00 20.96  ? 56  GLU A CA  1 
ATOM   423  C C   . GLU A 1 55  ? 13.796  -3.203  8.188   1.00 17.96  ? 56  GLU A C   1 
ATOM   424  O O   . GLU A 1 55  ? 14.259  -4.081  8.912   1.00 16.04  ? 56  GLU A O   1 
ATOM   425  C CB  . GLU A 1 55  ? 12.555  -4.301  6.327   1.00 25.80  ? 56  GLU A CB  1 
ATOM   426  C CG  . GLU A 1 55  ? 11.269  -5.011  5.889   1.00 31.19  ? 56  GLU A CG  1 
ATOM   427  C CD  . GLU A 1 55  ? 11.029  -6.335  6.609   1.00 34.75  ? 56  GLU A CD  1 
ATOM   428  O OE1 . GLU A 1 55  ? 11.998  -7.096  6.823   1.00 42.68  ? 56  GLU A OE1 1 
ATOM   429  O OE2 . GLU A 1 55  ? 9.866   -6.632  6.944   1.00 39.14  ? 56  GLU A OE2 1 
ATOM   430  N N   . ASN A 1 56  ? 14.445  -2.076  7.920   1.00 22.20  ? 57  ASN A N   1 
ATOM   431  C CA  . ASN A 1 56  ? 15.758  -1.796  8.487   1.00 25.45  ? 57  ASN A CA  1 
ATOM   432  C C   . ASN A 1 56  ? 15.647  -1.596  9.994   1.00 26.15  ? 57  ASN A C   1 
ATOM   433  O O   . ASN A 1 56  ? 16.611  -1.794  10.727  1.00 28.51  ? 57  ASN A O   1 
ATOM   434  C CB  . ASN A 1 56  ? 16.365  -0.552  7.829   1.00 31.94  ? 57  ASN A CB  1 
ATOM   435  C CG  . ASN A 1 56  ? 16.719  -0.778  6.369   1.00 41.31  ? 57  ASN A CG  1 
ATOM   436  O OD1 . ASN A 1 56  ? 15.922  -1.323  5.606   1.00 50.76  ? 57  ASN A OD1 1 
ATOM   437  N ND2 . ASN A 1 56  ? 17.912  -0.347  5.968   1.00 44.92  ? 57  ASN A ND2 1 
ATOM   438  N N   . ILE A 1 57  ? 14.476  -1.182  10.460  1.00 28.25  ? 58  ILE A N   1 
ATOM   439  C CA  . ILE A 1 57  ? 14.280  -1.000  11.895  1.00 28.53  ? 58  ILE A CA  1 
ATOM   440  C C   . ILE A 1 57  ? 14.119  -2.413  12.459  1.00 31.76  ? 58  ILE A C   1 
ATOM   441  O O   . ILE A 1 57  ? 13.215  -3.150  12.057  1.00 33.40  ? 58  ILE A O   1 
ATOM   442  C CB  . ILE A 1 57  ? 13.018  -0.155  12.190  1.00 25.47  ? 58  ILE A CB  1 
ATOM   443  C CG1 . ILE A 1 57  ? 13.226  1.279   11.693  1.00 22.65  ? 58  ILE A CG1 1 
ATOM   444  C CG2 . ILE A 1 57  ? 12.730  -0.157  13.683  1.00 23.33  ? 58  ILE A CG2 1 
ATOM   445  C CD1 . ILE A 1 57  ? 11.984  2.155   11.790  1.00 21.74  ? 58  ILE A CD1 1 
ATOM   446  N N   . SER A 1 58  ? 15.007  -2.796  13.370  1.00 32.45  ? 59  SER A N   1 
ATOM   447  C CA  . SER A 1 58  ? 14.969  -4.138  13.943  1.00 33.93  ? 59  SER A CA  1 
ATOM   448  C C   . SER A 1 58  ? 13.655  -4.449  14.646  1.00 31.15  ? 59  SER A C   1 
ATOM   449  O O   . SER A 1 58  ? 13.112  -3.614  15.363  1.00 27.98  ? 59  SER A O   1 
ATOM   450  C CB  . SER A 1 58  ? 16.143  -4.340  14.909  1.00 37.31  ? 59  SER A CB  1 
ATOM   451  O OG  . SER A 1 58  ? 16.102  -3.400  15.962  1.00 48.22  ? 59  SER A OG  1 
ATOM   452  N N   . GLY A 1 59  ? 13.156  -5.665  14.423  1.00 30.44  ? 60  GLY A N   1 
ATOM   453  C CA  . GLY A 1 59  ? 11.904  -6.095  15.015  1.00 24.93  ? 60  GLY A CA  1 
ATOM   454  C C   . GLY A 1 59  ? 10.715  -5.413  14.367  1.00 27.55  ? 60  GLY A C   1 
ATOM   455  O O   . GLY A 1 59  ? 9.619   -5.390  14.931  1.00 32.22  ? 60  GLY A O   1 
ATOM   456  N N   . CYS A 1 60  ? 10.929  -4.859  13.177  1.00 27.19  ? 61  CYS A N   1 
ATOM   457  C CA  . CYS A 1 60  ? 9.868   -4.161  12.455  1.00 25.30  ? 61  CYS A CA  1 
ATOM   458  C C   . CYS A 1 60  ? 9.419   -4.960  11.235  1.00 25.60  ? 61  CYS A C   1 
ATOM   459  O O   . CYS A 1 60  ? 10.171  -5.137  10.279  1.00 28.00  ? 61  CYS A O   1 
ATOM   460  C CB  . CYS A 1 60  ? 10.361  -2.787  12.021  1.00 22.20  ? 61  CYS A CB  1 
ATOM   461  S SG  . CYS A 1 60  ? 9.056   -1.665  11.451  1.00 18.03  ? 61  CYS A SG  1 
ATOM   462  N N   . ARG A 1 61  ? 8.182   -5.433  11.278  1.00 24.11  ? 62  ARG A N   1 
ATOM   463  C CA  . ARG A 1 61  ? 7.621   -6.237  10.200  1.00 22.43  ? 62  ARG A CA  1 
ATOM   464  C C   . ARG A 1 61  ? 6.380   -5.560  9.620   1.00 22.03  ? 62  ARG A C   1 
ATOM   465  O O   . ARG A 1 61  ? 5.264   -5.787  10.077  1.00 27.08  ? 62  ARG A O   1 
ATOM   466  C CB  . ARG A 1 61  ? 7.287   -7.621  10.750  1.00 19.80  ? 62  ARG A CB  1 
ATOM   467  C CG  . ARG A 1 61  ? 8.496   -8.307  11.385  1.00 18.44  ? 62  ARG A CG  1 
ATOM   468  C CD  . ARG A 1 61  ? 8.104   -9.621  12.052  1.00 28.08  ? 62  ARG A CD  1 
ATOM   469  N NE  . ARG A 1 61  ? 7.602   -9.432  13.415  1.00 25.73  ? 62  ARG A NE  1 
ATOM   470  C CZ  . ARG A 1 61  ? 8.364   -9.081  14.445  1.00 24.28  ? 62  ARG A CZ  1 
ATOM   471  N NH1 . ARG A 1 61  ? 9.662   -8.883  14.271  1.00 25.22  ? 62  ARG A NH1 1 
ATOM   472  N NH2 . ARG A 1 61  ? 7.835   -8.927  15.649  1.00 24.54  ? 62  ARG A NH2 1 
ATOM   473  N N   . PRO A 1 62  ? 6.571   -4.720  8.593   1.00 23.40  ? 63  PRO A N   1 
ATOM   474  C CA  . PRO A 1 62  ? 5.552   -3.949  7.876   1.00 23.31  ? 63  PRO A CA  1 
ATOM   475  C C   . PRO A 1 62  ? 4.189   -4.596  7.662   1.00 25.04  ? 63  PRO A C   1 
ATOM   476  O O   . PRO A 1 62  ? 3.170   -3.909  7.684   1.00 28.09  ? 63  PRO A O   1 
ATOM   477  C CB  . PRO A 1 62  ? 6.243   -3.625  6.556   1.00 23.74  ? 63  PRO A CB  1 
ATOM   478  C CG  . PRO A 1 62  ? 7.636   -3.411  6.978   1.00 20.65  ? 63  PRO A CG  1 
ATOM   479  C CD  . PRO A 1 62  ? 7.876   -4.579  7.922   1.00 22.39  ? 63  PRO A CD  1 
ATOM   480  N N   . TYR A 1 63  ? 4.162   -5.905  7.451   1.00 25.85  ? 64  TYR A N   1 
ATOM   481  C CA  . TYR A 1 63  ? 2.899   -6.598  7.210   1.00 26.25  ? 64  TYR A CA  1 
ATOM   482  C C   . TYR A 1 63  ? 2.121   -7.002  8.454   1.00 25.60  ? 64  TYR A C   1 
ATOM   483  O O   . TYR A 1 63  ? 0.886   -7.026  8.438   1.00 22.83  ? 64  TYR A O   1 
ATOM   484  C CB  . TYR A 1 63  ? 3.125   -7.862  6.390   1.00 28.95  ? 64  TYR A CB  1 
ATOM   485  C CG  . TYR A 1 63  ? 3.438   -7.637  4.940   1.00 35.11  ? 64  TYR A CG  1 
ATOM   486  C CD1 . TYR A 1 63  ? 4.732   -7.350  4.515   1.00 34.00  ? 64  TYR A CD1 1 
ATOM   487  C CD2 . TYR A 1 63  ? 2.444   -7.763  3.981   1.00 41.23  ? 64  TYR A CD2 1 
ATOM   488  C CE1 . TYR A 1 63  ? 5.025   -7.204  3.170   1.00 42.23  ? 64  TYR A CE1 1 
ATOM   489  C CE2 . TYR A 1 63  ? 2.723   -7.620  2.636   1.00 48.71  ? 64  TYR A CE2 1 
ATOM   490  C CZ  . TYR A 1 63  ? 4.014   -7.343  2.230   1.00 49.31  ? 64  TYR A CZ  1 
ATOM   491  O OH  . TYR A 1 63  ? 4.284   -7.227  0.881   1.00 55.47  ? 64  TYR A OH  1 
ATOM   492  N N   . PHE A 1 64  ? 2.838   -7.324  9.526   1.00 20.75  ? 65  PHE A N   1 
ATOM   493  C CA  . PHE A 1 64  ? 2.198   -7.784  10.744  1.00 18.24  ? 65  PHE A CA  1 
ATOM   494  C C   . PHE A 1 64  ? 2.167   -6.747  11.853  1.00 20.28  ? 65  PHE A C   1 
ATOM   495  O O   . PHE A 1 64  ? 1.483   -6.928  12.863  1.00 21.17  ? 65  PHE A O   1 
ATOM   496  C CB  . PHE A 1 64  ? 2.900   -9.062  11.212  1.00 19.50  ? 65  PHE A CB  1 
ATOM   497  C CG  . PHE A 1 64  ? 3.011   -10.117 10.135  1.00 19.38  ? 65  PHE A CG  1 
ATOM   498  C CD1 . PHE A 1 64  ? 1.940   -10.953 9.841   1.00 21.85  ? 65  PHE A CD1 1 
ATOM   499  C CD2 . PHE A 1 64  ? 4.172   -10.234 9.374   1.00 22.04  ? 65  PHE A CD2 1 
ATOM   500  C CE1 . PHE A 1 64  ? 2.026   -11.886 8.802   1.00 25.65  ? 65  PHE A CE1 1 
ATOM   501  C CE2 . PHE A 1 64  ? 4.266   -11.157 8.335   1.00 20.76  ? 65  PHE A CE2 1 
ATOM   502  C CZ  . PHE A 1 64  ? 3.195   -11.986 8.048   1.00 21.11  ? 65  PHE A CZ  1 
ATOM   503  N N   . LYS A 1 65  ? 2.892   -5.651  11.667  1.00 21.78  ? 66  LYS A N   1 
ATOM   504  C CA  . LYS A 1 65  ? 2.920   -4.608  12.682  1.00 23.34  ? 66  LYS A CA  1 
ATOM   505  C C   . LYS A 1 65  ? 1.558   -3.911  12.807  1.00 25.75  ? 66  LYS A C   1 
ATOM   506  O O   . LYS A 1 65  ? 0.962   -3.486  11.815  1.00 24.17  ? 66  LYS A O   1 
ATOM   507  C CB  . LYS A 1 65  ? 4.009   -3.587  12.357  1.00 20.13  ? 66  LYS A CB  1 
ATOM   508  C CG  . LYS A 1 65  ? 4.131   -2.469  13.385  1.00 22.51  ? 66  LYS A CG  1 
ATOM   509  C CD  . LYS A 1 65  ? 4.321   -3.043  14.774  1.00 21.90  ? 66  LYS A CD  1 
ATOM   510  C CE  . LYS A 1 65  ? 4.612   -1.967  15.789  1.00 21.78  ? 66  LYS A CE  1 
ATOM   511  N NZ  . LYS A 1 65  ? 4.618   -2.532  17.165  1.00 24.43  ? 66  LYS A NZ  1 
ATOM   512  N N   . THR A 1 66  ? 1.063   -3.817  14.037  1.00 29.69  ? 67  THR A N   1 
ATOM   513  C CA  . THR A 1 66  ? -0.217  -3.170  14.300  1.00 27.72  ? 67  THR A CA  1 
ATOM   514  C C   . THR A 1 66  ? 0.082   -1.771  14.786  1.00 28.67  ? 67  THR A C   1 
ATOM   515  O O   . THR A 1 66  ? 0.709   -1.597  15.822  1.00 34.93  ? 67  THR A O   1 
ATOM   516  C CB  . THR A 1 66  ? -1.003  -3.895  15.400  1.00 25.12  ? 67  THR A CB  1 
ATOM   517  O OG1 . THR A 1 66  ? -1.180  -5.269  15.035  1.00 30.13  ? 67  THR A OG1 1 
ATOM   518  C CG2 . THR A 1 66  ? -2.360  -3.249  15.585  1.00 25.99  ? 67  THR A CG2 1 
ATOM   519  N N   . TYR A 1 67  ? -0.348  -0.767  14.039  1.00 28.38  ? 68  TYR A N   1 
ATOM   520  C CA  . TYR A 1 67  ? -0.093  0.598   14.456  1.00 25.78  ? 68  TYR A CA  1 
ATOM   521  C C   . TYR A 1 67  ? -1.386  1.274   14.886  1.00 24.36  ? 68  TYR A C   1 
ATOM   522  O O   . TYR A 1 67  ? -2.457  0.667   14.849  1.00 25.99  ? 68  TYR A O   1 
ATOM   523  C CB  . TYR A 1 67  ? 0.589   1.375   13.323  1.00 25.08  ? 68  TYR A CB  1 
ATOM   524  C CG  . TYR A 1 67  ? -0.050  1.183   11.969  1.00 26.54  ? 68  TYR A CG  1 
ATOM   525  C CD1 . TYR A 1 67  ? -1.351  1.613   11.726  1.00 24.93  ? 68  TYR A CD1 1 
ATOM   526  C CD2 . TYR A 1 67  ? 0.654   0.581   10.924  1.00 29.35  ? 68  TYR A CD2 1 
ATOM   527  C CE1 . TYR A 1 67  ? -1.941  1.454   10.476  1.00 28.31  ? 68  TYR A CE1 1 
ATOM   528  C CE2 . TYR A 1 67  ? 0.073   0.415   9.666   1.00 29.60  ? 68  TYR A CE2 1 
ATOM   529  C CZ  . TYR A 1 67  ? -1.227  0.857   9.452   1.00 30.05  ? 68  TYR A CZ  1 
ATOM   530  O OH  . TYR A 1 67  ? -1.813  0.722   8.215   1.00 29.99  ? 68  TYR A OH  1 
ATOM   531  N N   . SER A 1 68  ? -1.279  2.528   15.301  1.00 23.03  ? 69  SER A N   1 
ATOM   532  C CA  . SER A 1 68  ? -2.429  3.291   15.751  1.00 23.70  ? 69  SER A CA  1 
ATOM   533  C C   . SER A 1 68  ? -2.783  4.373   14.733  1.00 25.68  ? 69  SER A C   1 
ATOM   534  O O   . SER A 1 68  ? -1.953  5.227   14.413  1.00 28.76  ? 69  SER A O   1 
ATOM   535  C CB  . SER A 1 68  ? -2.116  3.930   17.106  1.00 27.18  ? 69  SER A CB  1 
ATOM   536  O OG  . SER A 1 68  ? -3.249  4.610   17.619  1.00 34.40  ? 69  SER A OG  1 
ATOM   537  N N   . TYR A 1 69  ? -4.011  4.326   14.222  1.00 22.98  ? 70  TYR A N   1 
ATOM   538  C CA  . TYR A 1 69  ? -4.507  5.253   13.207  1.00 20.92  ? 70  TYR A CA  1 
ATOM   539  C C   . TYR A 1 69  ? -6.012  5.321   13.251  1.00 25.23  ? 70  TYR A C   1 
ATOM   540  O O   . TYR A 1 69  ? -6.691  4.484   13.836  1.00 20.99  ? 70  TYR A O   1 
ATOM   541  C CB  . TYR A 1 69  ? -4.157  4.815   11.796  1.00 19.13  ? 70  TYR A CB  1 
ATOM   542  C CG  . TYR A 1 69  ? -5.108  3.724   11.291  1.00 17.17  ? 70  TYR A CG  1 
ATOM   543  C CD1 . TYR A 1 69  ? -5.141  2.466   11.906  1.00 16.85  ? 70  TYR A CD1 1 
ATOM   544  C CD2 . TYR A 1 69  ? -5.969  3.950   10.209  1.00 16.91  ? 70  TYR A CD2 1 
ATOM   545  C CE1 . TYR A 1 69  ? -6.010  1.460   11.465  1.00 17.92  ? 70  TYR A CE1 1 
ATOM   546  C CE2 . TYR A 1 69  ? -6.844  2.948   9.753   1.00 16.72  ? 70  TYR A CE2 1 
ATOM   547  C CZ  . TYR A 1 69  ? -6.859  1.706   10.391  1.00 23.45  ? 70  TYR A CZ  1 
ATOM   548  O OH  . TYR A 1 69  ? -7.727  0.733   9.950   1.00 23.76  ? 70  TYR A OH  1 
ATOM   549  N N   . GLU A 1 70  ? -6.522  6.352   12.605  1.00 30.08  ? 71  GLU A N   1 
ATOM   550  C CA  . GLU A 1 70  ? -7.951  6.586   12.555  1.00 34.83  ? 71  GLU A CA  1 
ATOM   551  C C   . GLU A 1 70  ? -8.331  7.214   11.227  1.00 35.41  ? 71  GLU A C   1 
ATOM   552  O O   . GLU A 1 70  ? -7.504  7.824   10.553  1.00 37.16  ? 71  GLU A O   1 
ATOM   553  C CB  . GLU A 1 70  ? -8.355  7.413   13.768  1.00 37.10  ? 71  GLU A CB  1 
ATOM   554  C CG  . GLU A 1 70  ? -8.499  8.897   13.513  1.00 46.76  ? 71  GLU A CG  1 
ATOM   555  C CD  . GLU A 1 70  ? -9.867  9.369   13.957  1.00 50.37  ? 71  GLU A CD  1 
ATOM   556  O OE1 . GLU A 1 70  ? -10.316 8.955   15.051  1.00 51.70  ? 71  GLU A OE1 1 
ATOM   557  O OE2 . GLU A 1 70  ? -10.490 10.156  13.214  1.00 51.72  ? 71  GLU A OE2 1 
ATOM   558  N N   . CYS A 1 71  ? -9.570  7.044   10.832  1.00 37.19  ? 72  CYS A N   1 
ATOM   559  C CA  . CYS A 1 71  ? -10.075 7.650   9.621   1.00 41.40  ? 72  CYS A CA  1 
ATOM   560  C C   . CYS A 1 71  ? -11.473 8.155   9.881   1.00 40.92  ? 72  CYS A C   1 
ATOM   561  O O   . CYS A 1 71  ? -12.393 7.366   10.068  1.00 45.51  ? 72  CYS A O   1 
ATOM   562  C CB  . CYS A 1 71  ? -10.063 6.665   8.460   1.00 43.67  ? 72  CYS A CB  1 
ATOM   563  S SG  . CYS A 1 71  ? -10.269 7.432   6.816   1.00 47.87  ? 72  CYS A SG  1 
ATOM   564  N N   . THR A 1 72  ? -11.633 9.470   9.908   1.00 41.03  ? 73  THR A N   1 
ATOM   565  C CA  . THR A 1 72  ? -12.953 10.042  10.125  1.00 43.47  ? 73  THR A CA  1 
ATOM   566  C C   . THR A 1 72  ? -13.202 11.242  9.245   1.00 42.24  ? 73  THR A C   1 
ATOM   567  O O   . THR A 1 72  ? -12.301 12.041  8.978   1.00 43.96  ? 73  THR A O   1 
ATOM   568  C CB  . THR A 1 72  ? -13.173 10.494  11.573  1.00 45.64  ? 73  THR A CB  1 
ATOM   569  O OG1 . THR A 1 72  ? -12.196 11.484  11.915  1.00 49.44  ? 73  THR A OG1 1 
ATOM   570  C CG2 . THR A 1 72  ? -13.089 9.308   12.517  1.00 49.13  ? 73  THR A CG2 1 
ATOM   571  N N   . GLN A 1 73  ? -14.445 11.352  8.802   1.00 39.00  ? 74  GLN A N   1 
ATOM   572  C CA  . GLN A 1 73  ? -14.873 12.449  7.965   1.00 35.88  ? 74  GLN A CA  1 
ATOM   573  C C   . GLN A 1 73  ? -13.841 12.787  6.902   1.00 33.40  ? 74  GLN A C   1 
ATOM   574  O O   . GLN A 1 73  ? -13.462 13.947  6.718   1.00 29.82  ? 74  GLN A O   1 
ATOM   575  C CB  . GLN A 1 73  ? -15.193 13.638  8.864   1.00 34.29  ? 74  GLN A CB  1 
ATOM   576  C CG  . GLN A 1 73  ? -16.296 13.268  9.843   1.00 33.68  ? 74  GLN A CG  1 
ATOM   577  C CD  . GLN A 1 73  ? -16.479 14.251  10.974  1.00 37.25  ? 74  GLN A CD  1 
ATOM   578  O OE1 . GLN A 1 73  ? -17.309 14.035  11.856  1.00 38.41  ? 74  GLN A OE1 1 
ATOM   579  N NE2 . GLN A 1 73  ? -15.710 15.335  10.960  1.00 41.04  ? 74  GLN A NE2 1 
ATOM   580  N N   . GLY A 1 74  ? -13.395 11.735  6.216   1.00 31.45  ? 75  GLY A N   1 
ATOM   581  C CA  . GLY A 1 74  ? -12.430 11.870  5.138   1.00 33.48  ? 75  GLY A CA  1 
ATOM   582  C C   . GLY A 1 74  ? -11.034 12.288  5.539   1.00 31.25  ? 75  GLY A C   1 
ATOM   583  O O   . GLY A 1 74  ? -10.351 12.960  4.776   1.00 30.86  ? 75  GLY A O   1 
ATOM   584  N N   . THR A 1 75  ? -10.602 11.887  6.729   1.00 33.12  ? 76  THR A N   1 
ATOM   585  C CA  . THR A 1 75  ? -9.273  12.243  7.212   1.00 30.01  ? 76  THR A CA  1 
ATOM   586  C C   . THR A 1 75  ? -8.555  11.016  7.760   1.00 27.79  ? 76  THR A C   1 
ATOM   587  O O   . THR A 1 75  ? -9.024  10.363  8.694   1.00 24.13  ? 76  THR A O   1 
ATOM   588  C CB  . THR A 1 75  ? -9.365  13.296  8.318   1.00 30.38  ? 76  THR A CB  1 
ATOM   589  O OG1 . THR A 1 75  ? -10.215 14.359  7.883   1.00 34.14  ? 76  THR A OG1 1 
ATOM   590  C CG2 . THR A 1 75  ? -7.992  13.853  8.639   1.00 28.84  ? 76  THR A CG2 1 
ATOM   591  N N   . LEU A 1 76  ? -7.411  10.709  7.168   1.00 27.12  ? 77  LEU A N   1 
ATOM   592  C CA  . LEU A 1 76  ? -6.624  9.562   7.583   1.00 28.64  ? 77  LEU A CA  1 
ATOM   593  C C   . LEU A 1 76  ? -5.522  10.104  8.473   1.00 26.83  ? 77  LEU A C   1 
ATOM   594  O O   . LEU A 1 76  ? -4.718  10.928  8.041   1.00 24.87  ? 77  LEU A O   1 
ATOM   595  C CB  . LEU A 1 76  ? -6.048  8.875   6.346   1.00 28.83  ? 77  LEU A CB  1 
ATOM   596  C CG  . LEU A 1 76  ? -5.547  7.439   6.464   1.00 24.69  ? 77  LEU A CG  1 
ATOM   597  C CD1 . LEU A 1 76  ? -6.515  6.583   7.269   1.00 23.86  ? 77  LEU A CD1 1 
ATOM   598  C CD2 . LEU A 1 76  ? -5.377  6.899   5.064   1.00 20.02  ? 77  LEU A CD2 1 
ATOM   599  N N   . THR A 1 77  ? -5.482  9.632   9.713   1.00 27.37  ? 78  THR A N   1 
ATOM   600  C CA  . THR A 1 77  ? -4.509  10.117  10.679  1.00 31.66  ? 78  THR A CA  1 
ATOM   601  C C   . THR A 1 77  ? -3.694  9.062   11.414  1.00 32.49  ? 78  THR A C   1 
ATOM   602  O O   . THR A 1 77  ? -4.247  8.112   11.960  1.00 37.41  ? 78  THR A O   1 
ATOM   603  C CB  . THR A 1 77  ? -5.222  10.982  11.742  1.00 33.36  ? 78  THR A CB  1 
ATOM   604  O OG1 . THR A 1 77  ? -5.563  12.249  11.169  1.00 39.33  ? 78  THR A OG1 1 
ATOM   605  C CG2 . THR A 1 77  ? -4.341  11.189  12.956  1.00 34.49  ? 78  THR A CG2 1 
ATOM   606  N N   . CYS A 1 78  ? -2.374  9.239   11.430  1.00 32.31  ? 79  CYS A N   1 
ATOM   607  C CA  . CYS A 1 78  ? -1.504  8.325   12.160  1.00 30.94  ? 79  CYS A CA  1 
ATOM   608  C C   . CYS A 1 78  ? -1.349  8.983   13.517  1.00 31.94  ? 79  CYS A C   1 
ATOM   609  O O   . CYS A 1 78  ? -0.924  10.132  13.607  1.00 33.81  ? 79  CYS A O   1 
ATOM   610  C CB  . CYS A 1 78  ? -0.138  8.167   11.467  1.00 30.27  ? 79  CYS A CB  1 
ATOM   611  S SG  . CYS A 1 78  ? -0.211  7.143   9.960   1.00 25.97  ? 79  CYS A SG  1 
ATOM   612  N N   . LYS A 1 79  ? -1.719  8.261   14.567  1.00 35.61  ? 80  LYS A N   1 
ATOM   613  C CA  . LYS A 1 79  ? -1.656  8.788   15.926  1.00 37.92  ? 80  LYS A CA  1 
ATOM   614  C C   . LYS A 1 79  ? -0.255  8.916   16.516  1.00 40.90  ? 80  LYS A C   1 
ATOM   615  O O   . LYS A 1 79  ? 0.704   8.325   16.015  1.00 41.49  ? 80  LYS A O   1 
ATOM   616  C CB  . LYS A 1 79  ? -2.527  7.936   16.848  1.00 39.59  ? 80  LYS A CB  1 
ATOM   617  C CG  . LYS A 1 79  ? -4.004  7.957   16.482  1.00 38.72  ? 80  LYS A CG  1 
ATOM   618  C CD  . LYS A 1 79  ? -4.827  7.382   17.614  1.00 45.93  ? 80  LYS A CD  1 
ATOM   619  C CE  . LYS A 1 79  ? -6.294  7.295   17.260  1.00 51.65  ? 80  LYS A CE  1 
ATOM   620  N NZ  . LYS A 1 79  ? -7.082  6.767   18.407  1.00 54.49  ? 80  LYS A NZ  1 
ATOM   621  N N   . GLY A 1 80  ? -0.155  9.685   17.599  1.00 42.58  ? 81  GLY A N   1 
ATOM   622  C CA  . GLY A 1 80  ? 1.151   9.931   18.210  1.00 41.48  ? 81  GLY A CA  1 
ATOM   623  C C   . GLY A 1 80  ? 1.695   8.798   19.087  1.00 43.75  ? 81  GLY A C   1 
ATOM   624  O O   . GLY A 1 80  ? 2.894   8.740   19.335  1.00 47.35  ? 81  GLY A O   1 
ATOM   625  N N   . ASP A 1 81  ? 0.843   7.907   19.578  1.00 44.05  ? 82  ASP A N   1 
ATOM   626  C CA  . ASP A 1 81  ? 1.350   6.875   20.466  1.00 44.36  ? 82  ASP A CA  1 
ATOM   627  C C   . ASP A 1 81  ? 2.345   5.881   19.828  1.00 41.86  ? 82  ASP A C   1 
ATOM   628  O O   . ASP A 1 81  ? 3.019   5.157   20.541  1.00 43.82  ? 82  ASP A O   1 
ATOM   629  C CB  . ASP A 1 81  ? 0.206   6.120   21.166  1.00 44.67  ? 82  ASP A CB  1 
ATOM   630  C CG  . ASP A 1 81  ? -1.106  6.024   20.382  1.00 47.69  ? 82  ASP A CG  1 
ATOM   631  O OD1 . ASP A 1 81  ? -1.196  6.601   19.292  1.00 47.81  ? 82  ASP A OD1 1 
ATOM   632  O OD2 . ASP A 1 81  ? -2.033  5.345   20.871  1.00 53.35  ? 82  ASP A OD2 1 
ATOM   633  N N   . ASN A 1 82  ? 2.436   5.847   18.483  1.00 38.29  ? 83  ASN A N   1 
ATOM   634  C CA  . ASN A 1 82  ? 3.269   4.860   17.768  1.00 34.49  ? 83  ASN A CA  1 
ATOM   635  C C   . ASN A 1 82  ? 4.779   4.966   17.964  1.00 32.88  ? 83  ASN A C   1 
ATOM   636  O O   . ASN A 1 82  ? 5.333   6.067   18.012  1.00 31.88  ? 83  ASN A O   1 
ATOM   637  C CB  . ASN A 1 82  ? 2.967   4.939   16.268  1.00 33.20  ? 83  ASN A CB  1 
ATOM   638  C CG  . ASN A 1 82  ? 1.566   4.494   15.935  1.00 29.74  ? 83  ASN A CG  1 
ATOM   639  O OD1 . ASN A 1 82  ? 1.132   3.428   16.363  1.00 31.21  ? 83  ASN A OD1 1 
ATOM   640  N ND2 . ASN A 1 82  ? 0.852   5.300   15.160  1.00 26.59  ? 83  ASN A ND2 1 
ATOM   641  N N   . ASN A 1 83  ? 5.443   3.819   18.087  1.00 31.07  ? 84  ASN A N   1 
ATOM   642  C CA  . ASN A 1 83  ? 6.892   3.811   18.231  1.00 28.53  ? 84  ASN A CA  1 
ATOM   643  C C   . ASN A 1 83  ? 7.446   4.114   16.849  1.00 26.92  ? 84  ASN A C   1 
ATOM   644  O O   . ASN A 1 83  ? 6.684   4.288   15.900  1.00 29.84  ? 84  ASN A O   1 
ATOM   645  C CB  . ASN A 1 83  ? 7.402   2.444   18.706  1.00 26.37  ? 84  ASN A CB  1 
ATOM   646  C CG  . ASN A 1 83  ? 6.988   1.311   17.796  1.00 28.45  ? 84  ASN A CG  1 
ATOM   647  O OD1 . ASN A 1 83  ? 6.805   1.493   16.593  1.00 35.55  ? 84  ASN A OD1 1 
ATOM   648  N ND2 . ASN A 1 83  ? 6.858   0.123   18.362  1.00 31.96  ? 84  ASN A ND2 1 
ATOM   649  N N   . ALA A 1 84  ? 8.765   4.160   16.728  1.00 24.98  ? 85  ALA A N   1 
ATOM   650  C CA  . ALA A 1 84  ? 9.396   4.464   15.450  1.00 24.84  ? 85  ALA A CA  1 
ATOM   651  C C   . ALA A 1 84  ? 8.885   3.586   14.310  1.00 25.52  ? 85  ALA A C   1 
ATOM   652  O O   . ALA A 1 84  ? 8.502   4.084   13.251  1.00 27.28  ? 85  ALA A O   1 
ATOM   653  C CB  . ALA A 1 84  ? 10.901  4.330   15.574  1.00 22.01  ? 85  ALA A CB  1 
ATOM   654  N N   . CYS A 1 85  ? 8.880   2.278   14.533  1.00 25.76  ? 86  CYS A N   1 
ATOM   655  C CA  . CYS A 1 85  ? 8.437   1.323   13.529  1.00 23.29  ? 86  CYS A CA  1 
ATOM   656  C C   . CYS A 1 85  ? 6.972   1.501   13.133  1.00 25.36  ? 86  CYS A C   1 
ATOM   657  O O   . CYS A 1 85  ? 6.659   1.689   11.953  1.00 29.40  ? 86  CYS A O   1 
ATOM   658  C CB  . CYS A 1 85  ? 8.688   -0.087  14.045  1.00 20.01  ? 86  CYS A CB  1 
ATOM   659  S SG  . CYS A 1 85  ? 7.905   -1.437  13.107  1.00 20.42  ? 86  CYS A SG  1 
ATOM   660  N N   . ALA A 1 86  ? 6.072   1.445   14.108  1.00 22.17  ? 87  ALA A N   1 
ATOM   661  C CA  . ALA A 1 86  ? 4.648   1.610   13.824  1.00 21.47  ? 87  ALA A CA  1 
ATOM   662  C C   . ALA A 1 86  ? 4.390   2.929   13.087  1.00 21.79  ? 87  ALA A C   1 
ATOM   663  O O   . ALA A 1 86  ? 3.619   2.981   12.137  1.00 25.09  ? 87  ALA A O   1 
ATOM   664  C CB  . ALA A 1 86  ? 3.855   1.572   15.117  1.00 20.93  ? 87  ALA A CB  1 
ATOM   665  N N   . ALA A 1 87  ? 5.037   3.996   13.535  1.00 20.15  ? 88  ALA A N   1 
ATOM   666  C CA  . ALA A 1 87  ? 4.879   5.296   12.908  1.00 18.76  ? 88  ALA A CA  1 
ATOM   667  C C   . ALA A 1 87  ? 5.258   5.227   11.425  1.00 22.22  ? 88  ALA A C   1 
ATOM   668  O O   . ALA A 1 87  ? 4.500   5.665   10.556  1.00 25.85  ? 88  ALA A O   1 
ATOM   669  C CB  . ALA A 1 87  ? 5.747   6.322   13.630  1.00 7.89   ? 88  ALA A CB  1 
ATOM   670  N N   . SER A 1 88  ? 6.431   4.669   11.144  1.00 22.26  ? 89  SER A N   1 
ATOM   671  C CA  . SER A 1 88  ? 6.928   4.545   9.775   1.00 22.05  ? 89  SER A CA  1 
ATOM   672  C C   . SER A 1 88  ? 5.949   3.780   8.889   1.00 21.79  ? 89  SER A C   1 
ATOM   673  O O   . SER A 1 88  ? 5.594   4.224   7.796   1.00 20.19  ? 89  SER A O   1 
ATOM   674  C CB  . SER A 1 88  ? 8.270   3.811   9.774   1.00 19.46  ? 89  SER A CB  1 
ATOM   675  O OG  . SER A 1 88  ? 9.163   4.405   10.688  1.00 24.13  ? 89  SER A OG  1 
ATOM   676  N N   . VAL A 1 89  ? 5.547   2.611   9.377   1.00 19.42  ? 90  VAL A N   1 
ATOM   677  C CA  . VAL A 1 89  ? 4.627   1.741   8.675   1.00 15.13  ? 90  VAL A CA  1 
ATOM   678  C C   . VAL A 1 89  ? 3.345   2.484   8.416   1.00 15.12  ? 90  VAL A C   1 
ATOM   679  O O   . VAL A 1 89  ? 2.857   2.528   7.290   1.00 18.13  ? 90  VAL A O   1 
ATOM   680  C CB  . VAL A 1 89  ? 4.322   0.491   9.510   1.00 17.56  ? 90  VAL A CB  1 
ATOM   681  C CG1 . VAL A 1 89  ? 3.344   -0.412  8.774   1.00 20.05  ? 90  VAL A CG1 1 
ATOM   682  C CG2 . VAL A 1 89  ? 5.614   -0.248  9.808   1.00 14.08  ? 90  VAL A CG2 1 
ATOM   683  N N   . CYS A 1 90  ? 2.796   3.077   9.468   1.00 19.78  ? 91  CYS A N   1 
ATOM   684  C CA  . CYS A 1 90  ? 1.562   3.827   9.342   1.00 17.26  ? 91  CYS A CA  1 
ATOM   685  C C   . CYS A 1 90  ? 1.683   4.834   8.200   1.00 16.76  ? 91  CYS A C   1 
ATOM   686  O O   . CYS A 1 90  ? 0.882   4.841   7.269   1.00 17.63  ? 91  CYS A O   1 
ATOM   687  C CB  . CYS A 1 90  ? 1.238   4.560   10.643  1.00 16.32  ? 91  CYS A CB  1 
ATOM   688  S SG  . CYS A 1 90  ? -0.452  5.244   10.637  1.00 26.39  ? 91  CYS A SG  1 
ATOM   689  N N   . ASP A 1 91  ? 2.712   5.665   8.252   1.00 16.14  ? 92  ASP A N   1 
ATOM   690  C CA  . ASP A 1 91  ? 2.882   6.676   7.225   1.00 17.97  ? 92  ASP A CA  1 
ATOM   691  C C   . ASP A 1 91  ? 3.102   6.102   5.837   1.00 18.74  ? 92  ASP A C   1 
ATOM   692  O O   . ASP A 1 91  ? 2.724   6.723   4.842   1.00 21.25  ? 92  ASP A O   1 
ATOM   693  C CB  . ASP A 1 91  ? 4.021   7.616   7.598   1.00 23.82  ? 92  ASP A CB  1 
ATOM   694  C CG  . ASP A 1 91  ? 3.686   9.056   7.308   1.00 31.35  ? 92  ASP A CG  1 
ATOM   695  O OD1 . ASP A 1 91  ? 2.607   9.503   7.754   1.00 33.70  ? 92  ASP A OD1 1 
ATOM   696  O OD2 . ASP A 1 91  ? 4.491   9.741   6.638   1.00 41.34  ? 92  ASP A OD2 1 
ATOM   697  N N   . CYS A 1 92  ? 3.722   4.929   5.756   1.00 15.77  ? 93  CYS A N   1 
ATOM   698  C CA  . CYS A 1 92  ? 3.919   4.309   4.457   1.00 16.09  ? 93  CYS A CA  1 
ATOM   699  C C   . CYS A 1 92  ? 2.515   4.093   3.891   1.00 18.14  ? 93  CYS A C   1 
ATOM   700  O O   . CYS A 1 92  ? 2.135   4.674   2.871   1.00 16.00  ? 93  CYS A O   1 
ATOM   701  C CB  . CYS A 1 92  ? 4.610   2.950   4.591   1.00 19.11  ? 93  CYS A CB  1 
ATOM   702  S SG  . CYS A 1 92  ? 6.391   2.956   4.963   1.00 21.87  ? 93  CYS A SG  1 
ATOM   703  N N   . ASP A 1 93  ? 1.743   3.262   4.586   1.00 18.91  ? 94  ASP A N   1 
ATOM   704  C CA  . ASP A 1 93  ? 0.380   2.948   4.183   1.00 17.42  ? 94  ASP A CA  1 
ATOM   705  C C   . ASP A 1 93  ? -0.458  4.190   3.924   1.00 16.25  ? 94  ASP A C   1 
ATOM   706  O O   . ASP A 1 93  ? -1.192  4.263   2.933   1.00 12.98  ? 94  ASP A O   1 
ATOM   707  C CB  . ASP A 1 93  ? -0.302  2.097   5.251   1.00 17.57  ? 94  ASP A CB  1 
ATOM   708  C CG  . ASP A 1 93  ? 0.254   0.693   5.319   1.00 18.50  ? 94  ASP A CG  1 
ATOM   709  O OD1 . ASP A 1 93  ? 0.960   0.289   4.376   1.00 22.70  ? 94  ASP A OD1 1 
ATOM   710  O OD2 . ASP A 1 93  ? -0.027  -0.014  6.308   1.00 19.75  ? 94  ASP A OD2 1 
ATOM   711  N N   . ARG A 1 94  ? -0.348  5.163   4.820   1.00 17.16  ? 95  ARG A N   1 
ATOM   712  C CA  . ARG A 1 94  ? -1.110  6.394   4.689   1.00 22.10  ? 95  ARG A CA  1 
ATOM   713  C C   . ARG A 1 94  ? -0.783  7.105   3.387   1.00 23.11  ? 95  ARG A C   1 
ATOM   714  O O   . ARG A 1 94  ? -1.690  7.459   2.630   1.00 18.33  ? 95  ARG A O   1 
ATOM   715  C CB  . ARG A 1 94  ? -0.839  7.317   5.877   1.00 28.47  ? 95  ARG A CB  1 
ATOM   716  C CG  . ARG A 1 94  ? -1.533  8.663   5.758   1.00 34.51  ? 95  ARG A CG  1 
ATOM   717  C CD  . ARG A 1 94  ? -1.287  9.531   6.981   1.00 41.70  ? 95  ARG A CD  1 
ATOM   718  N NE  . ARG A 1 94  ? -1.725  10.906  6.758   1.00 49.96  ? 95  ARG A NE  1 
ATOM   719  C CZ  . ARG A 1 94  ? -1.000  11.833  6.141   1.00 49.20  ? 95  ARG A CZ  1 
ATOM   720  N NH1 . ARG A 1 94  ? 0.213   11.537  5.687   1.00 47.58  ? 95  ARG A NH1 1 
ATOM   721  N NH2 . ARG A 1 94  ? -1.494  13.053  5.964   1.00 45.39  ? 95  ARG A NH2 1 
ATOM   722  N N   . LEU A 1 95  ? 0.509   7.311   3.119   1.00 24.03  ? 96  LEU A N   1 
ATOM   723  C CA  . LEU A 1 95  ? 0.912   7.971   1.881   1.00 25.02  ? 96  LEU A CA  1 
ATOM   724  C C   . LEU A 1 95  ? 0.387   7.200   0.675   1.00 24.07  ? 96  LEU A C   1 
ATOM   725  O O   . LEU A 1 95  ? -0.116  7.799   -0.279  1.00 24.16  ? 96  LEU A O   1 
ATOM   726  C CB  . LEU A 1 95  ? 2.434   8.094   1.787   1.00 28.41  ? 96  LEU A CB  1 
ATOM   727  C CG  . LEU A 1 95  ? 3.145   9.058   2.752   1.00 41.33  ? 96  LEU A CG  1 
ATOM   728  C CD1 . LEU A 1 95  ? 4.627   9.154   2.366   1.00 38.29  ? 96  LEU A CD1 1 
ATOM   729  C CD2 . LEU A 1 95  ? 2.495   10.450  2.712   1.00 38.45  ? 96  LEU A CD2 1 
ATOM   730  N N   . ALA A 1 96  ? 0.493   5.874   0.720   1.00 19.54  ? 97  ALA A N   1 
ATOM   731  C CA  . ALA A 1 96  ? 0.012   5.038   -0.377  1.00 19.42  ? 97  ALA A CA  1 
ATOM   732  C C   . ALA A 1 96  ? -1.481  5.244   -0.645  1.00 18.17  ? 97  ALA A C   1 
ATOM   733  O O   . ALA A 1 96  ? -1.892  5.491   -1.783  1.00 12.48  ? 97  ALA A O   1 
ATOM   734  C CB  . ALA A 1 96  ? 0.279   3.570   -0.070  1.00 18.19  ? 97  ALA A CB  1 
ATOM   735  N N   . ALA A 1 97  ? -2.285  5.138   0.411   1.00 18.32  ? 98  ALA A N   1 
ATOM   736  C CA  . ALA A 1 97  ? -3.733  5.299   0.306   1.00 19.33  ? 98  ALA A CA  1 
ATOM   737  C C   . ALA A 1 97  ? -4.091  6.625   -0.347  1.00 22.42  ? 98  ALA A C   1 
ATOM   738  O O   . ALA A 1 97  ? -4.935  6.684   -1.249  1.00 22.96  ? 98  ALA A O   1 
ATOM   739  C CB  . ALA A 1 97  ? -4.367  5.215   1.689   1.00 20.00  ? 98  ALA A CB  1 
ATOM   740  N N   . ILE A 1 98  ? -3.453  7.692   0.117   1.00 22.44  ? 99  ILE A N   1 
ATOM   741  C CA  . ILE A 1 98  ? -3.712  9.006   -0.434  1.00 22.14  ? 99  ILE A CA  1 
ATOM   742  C C   . ILE A 1 98  ? -3.297  9.025   -1.899  1.00 21.81  ? 99  ILE A C   1 
ATOM   743  O O   . ILE A 1 98  ? -3.967  9.634   -2.732  1.00 23.69  ? 99  ILE A O   1 
ATOM   744  C CB  . ILE A 1 98  ? -2.966  10.077  0.392   1.00 25.93  ? 99  ILE A CB  1 
ATOM   745  C CG1 . ILE A 1 98  ? -3.677  10.230  1.747   1.00 25.79  ? 99  ILE A CG1 1 
ATOM   746  C CG2 . ILE A 1 98  ? -2.899  11.398  -0.368  1.00 23.75  ? 99  ILE A CG2 1 
ATOM   747  C CD1 . ILE A 1 98  ? -2.906  11.033  2.784   1.00 24.74  ? 99  ILE A CD1 1 
ATOM   748  N N   . CYS A 1 99  ? -2.211  8.321   -2.211  1.00 20.59  ? 100 CYS A N   1 
ATOM   749  C CA  . CYS A 1 99  ? -1.698  8.238   -3.581  1.00 21.68  ? 100 CYS A CA  1 
ATOM   750  C C   . CYS A 1 99  ? -2.726  7.522   -4.458  1.00 21.05  ? 100 CYS A C   1 
ATOM   751  O O   . CYS A 1 99  ? -3.013  7.946   -5.579  1.00 18.80  ? 100 CYS A O   1 
ATOM   752  C CB  . CYS A 1 99  ? -0.381  7.458   -3.594  1.00 23.93  ? 100 CYS A CB  1 
ATOM   753  S SG  . CYS A 1 99  ? 0.698   7.616   -5.064  1.00 20.92  ? 100 CYS A SG  1 
ATOM   754  N N   . PHE A 1 100 ? -3.269  6.428   -3.936  1.00 20.89  ? 101 PHE A N   1 
ATOM   755  C CA  . PHE A 1 100 ? -4.273  5.648   -4.652  1.00 23.62  ? 101 PHE A CA  1 
ATOM   756  C C   . PHE A 1 100 ? -5.468  6.510   -5.040  1.00 24.39  ? 101 PHE A C   1 
ATOM   757  O O   . PHE A 1 100 ? -5.972  6.422   -6.160  1.00 21.62  ? 101 PHE A O   1 
ATOM   758  C CB  . PHE A 1 100 ? -4.765  4.484   -3.780  1.00 23.11  ? 101 PHE A CB  1 
ATOM   759  C CG  . PHE A 1 100 ? -3.757  3.381   -3.597  1.00 24.20  ? 101 PHE A CG  1 
ATOM   760  C CD1 . PHE A 1 100 ? -2.474  3.487   -4.119  1.00 25.91  ? 101 PHE A CD1 1 
ATOM   761  C CD2 . PHE A 1 100 ? -4.101  2.225   -2.905  1.00 27.73  ? 101 PHE A CD2 1 
ATOM   762  C CE1 . PHE A 1 100 ? -1.546  2.465   -3.946  1.00 25.79  ? 101 PHE A CE1 1 
ATOM   763  C CE2 . PHE A 1 100 ? -3.178  1.198   -2.728  1.00 26.91  ? 101 PHE A CE2 1 
ATOM   764  C CZ  . PHE A 1 100 ? -1.900  1.318   -3.253  1.00 24.71  ? 101 PHE A CZ  1 
ATOM   765  N N   . ALA A 1 101 ? -5.912  7.350   -4.113  1.00 24.86  ? 102 ALA A N   1 
ATOM   766  C CA  . ALA A 1 101 ? -7.069  8.204   -4.354  1.00 29.65  ? 102 ALA A CA  1 
ATOM   767  C C   . ALA A 1 101 ? -6.883  9.217   -5.472  1.00 30.51  ? 102 ALA A C   1 
ATOM   768  O O   . ALA A 1 101 ? -7.863  9.711   -6.031  1.00 35.52  ? 102 ALA A O   1 
ATOM   769  C CB  . ALA A 1 101 ? -7.462  8.928   -3.071  1.00 28.77  ? 102 ALA A CB  1 
ATOM   770  N N   . GLY A 1 102 ? -5.639  9.535   -5.805  1.00 28.46  ? 103 GLY A N   1 
ATOM   771  C CA  . GLY A 1 102 ? -5.419  10.512  -6.852  1.00 28.33  ? 103 GLY A CA  1 
ATOM   772  C C   . GLY A 1 102 ? -4.910  9.976   -8.173  1.00 30.08  ? 103 GLY A C   1 
ATOM   773  O O   . GLY A 1 102 ? -4.678  10.749  -9.099  1.00 29.07  ? 103 GLY A O   1 
ATOM   774  N N   . ALA A 1 103 ? -4.739  8.663   -8.274  1.00 32.81  ? 104 ALA A N   1 
ATOM   775  C CA  . ALA A 1 103 ? -4.224  8.069   -9.503  1.00 35.28  ? 104 ALA A CA  1 
ATOM   776  C C   . ALA A 1 103 ? -5.291  7.398   -10.359 1.00 38.34  ? 104 ALA A C   1 
ATOM   777  O O   . ALA A 1 103 ? -6.264  6.833   -9.848  1.00 37.31  ? 104 ALA A O   1 
ATOM   778  C CB  . ALA A 1 103 ? -3.120  7.064   -9.174  1.00 35.04  ? 104 ALA A CB  1 
ATOM   779  N N   . PRO A 1 104 ? -5.122  7.463   -11.689 1.00 39.91  ? 105 PRO A N   1 
ATOM   780  C CA  . PRO A 1 104 ? -6.075  6.850   -12.618 1.00 40.88  ? 105 PRO A CA  1 
ATOM   781  C C   . PRO A 1 104 ? -6.034  5.332   -12.451 1.00 39.55  ? 105 PRO A C   1 
ATOM   782  O O   . PRO A 1 104 ? -5.054  4.784   -11.938 1.00 38.21  ? 105 PRO A O   1 
ATOM   783  C CB  . PRO A 1 104 ? -5.551  7.285   -13.987 1.00 39.07  ? 105 PRO A CB  1 
ATOM   784  C CG  . PRO A 1 104 ? -4.842  8.572   -13.695 1.00 39.13  ? 105 PRO A CG  1 
ATOM   785  C CD  . PRO A 1 104 ? -4.115  8.253   -12.420 1.00 39.87  ? 105 PRO A CD  1 
ATOM   786  N N   . TYR A 1 105 ? -7.093  4.655   -12.873 1.00 34.69  ? 106 TYR A N   1 
ATOM   787  C CA  . TYR A 1 105 ? -7.116  3.210   -12.769 1.00 34.43  ? 106 TYR A CA  1 
ATOM   788  C C   . TYR A 1 105 ? -7.315  2.600   -14.152 1.00 35.52  ? 106 TYR A C   1 
ATOM   789  O O   . TYR A 1 105 ? -8.332  2.835   -14.801 1.00 37.69  ? 106 TYR A O   1 
ATOM   790  C CB  . TYR A 1 105 ? -8.228  2.766   -11.810 1.00 28.21  ? 106 TYR A CB  1 
ATOM   791  C CG  . TYR A 1 105 ? -8.201  1.288   -11.485 1.00 25.74  ? 106 TYR A CG  1 
ATOM   792  C CD1 . TYR A 1 105 ? -8.637  0.341   -12.412 1.00 27.63  ? 106 TYR A CD1 1 
ATOM   793  C CD2 . TYR A 1 105 ? -7.713  0.834   -10.262 1.00 25.71  ? 106 TYR A CD2 1 
ATOM   794  C CE1 . TYR A 1 105 ? -8.587  -1.022  -12.128 1.00 31.12  ? 106 TYR A CE1 1 
ATOM   795  C CE2 . TYR A 1 105 ? -7.655  -0.529  -9.967  1.00 27.67  ? 106 TYR A CE2 1 
ATOM   796  C CZ  . TYR A 1 105 ? -8.093  -1.453  -10.905 1.00 30.63  ? 106 TYR A CZ  1 
ATOM   797  O OH  . TYR A 1 105 ? -8.025  -2.807  -10.632 1.00 31.98  ? 106 TYR A OH  1 
ATOM   798  N N   . ASN A 1 106 ? -6.324  1.840   -14.608 1.00 36.44  ? 107 ASN A N   1 
ATOM   799  C CA  . ASN A 1 106 ? -6.390  1.182   -15.905 1.00 39.60  ? 107 ASN A CA  1 
ATOM   800  C C   . ASN A 1 106 ? -6.693  -0.286  -15.667 1.00 41.18  ? 107 ASN A C   1 
ATOM   801  O O   . ASN A 1 106 ? -5.986  -0.947  -14.912 1.00 38.65  ? 107 ASN A O   1 
ATOM   802  C CB  . ASN A 1 106 ? -5.055  1.298   -16.641 1.00 45.43  ? 107 ASN A CB  1 
ATOM   803  C CG  . ASN A 1 106 ? -5.083  0.642   -18.021 1.00 50.06  ? 107 ASN A CG  1 
ATOM   804  O OD1 . ASN A 1 106 ? -5.748  -0.377  -18.227 1.00 48.70  ? 107 ASN A OD1 1 
ATOM   805  N ND2 . ASN A 1 106 ? -4.346  1.220   -18.967 1.00 51.03  ? 107 ASN A ND2 1 
ATOM   806  N N   . ASP A 1 107 ? -7.737  -0.795  -16.316 1.00 46.10  ? 108 ASP A N   1 
ATOM   807  C CA  . ASP A 1 107 ? -8.119  -2.196  -16.159 1.00 49.54  ? 108 ASP A CA  1 
ATOM   808  C C   . ASP A 1 107 ? -7.161  -3.147  -16.873 1.00 47.30  ? 108 ASP A C   1 
ATOM   809  O O   . ASP A 1 107 ? -7.012  -4.303  -16.478 1.00 45.84  ? 108 ASP A O   1 
ATOM   810  C CB  . ASP A 1 107 ? -9.549  -2.412  -16.663 1.00 58.23  ? 108 ASP A CB  1 
ATOM   811  C CG  . ASP A 1 107 ? -10.580 -1.717  -15.794 1.00 66.86  ? 108 ASP A CG  1 
ATOM   812  O OD1 . ASP A 1 107 ? -10.685 -2.055  -14.595 1.00 74.01  ? 108 ASP A OD1 1 
ATOM   813  O OD2 . ASP A 1 107 ? -11.284 -0.826  -16.308 1.00 73.59  ? 108 ASP A OD2 1 
ATOM   814  N N   . ASP A 1 108 ? -6.509  -2.662  -17.922 1.00 46.33  ? 109 ASP A N   1 
ATOM   815  C CA  . ASP A 1 108 ? -5.557  -3.483  -18.653 1.00 47.12  ? 109 ASP A CA  1 
ATOM   816  C C   . ASP A 1 108 ? -4.372  -3.838  -17.762 1.00 46.88  ? 109 ASP A C   1 
ATOM   817  O O   . ASP A 1 108 ? -3.686  -4.835  -17.987 1.00 48.93  ? 109 ASP A O   1 
ATOM   818  C CB  . ASP A 1 108 ? -5.035  -2.745  -19.888 1.00 49.87  ? 109 ASP A CB  1 
ATOM   819  C CG  . ASP A 1 108 ? -6.024  -2.745  -21.031 1.00 55.58  ? 109 ASP A CG  1 
ATOM   820  O OD1 . ASP A 1 108 ? -6.506  -3.838  -21.403 1.00 55.85  ? 109 ASP A OD1 1 
ATOM   821  O OD2 . ASP A 1 108 ? -6.312  -1.653  -21.565 1.00 60.39  ? 109 ASP A OD2 1 
ATOM   822  N N   . ASN A 1 109 ? -4.134  -3.016  -16.749 1.00 42.84  ? 110 ASN A N   1 
ATOM   823  C CA  . ASN A 1 109 ? -3.016  -3.234  -15.857 1.00 41.18  ? 110 ASN A CA  1 
ATOM   824  C C   . ASN A 1 109 ? -3.340  -4.057  -14.621 1.00 42.58  ? 110 ASN A C   1 
ATOM   825  O O   . ASN A 1 109 ? -2.489  -4.240  -13.749 1.00 43.28  ? 110 ASN A O   1 
ATOM   826  C CB  . ASN A 1 109 ? -2.418  -1.888  -15.469 1.00 40.12  ? 110 ASN A CB  1 
ATOM   827  C CG  . ASN A 1 109 ? -1.662  -1.250  -16.610 1.00 37.05  ? 110 ASN A CG  1 
ATOM   828  O OD1 . ASN A 1 109 ? -1.603  -0.026  -16.729 1.00 33.80  ? 110 ASN A OD1 1 
ATOM   829  N ND2 . ASN A 1 109 ? -1.068  -2.082  -17.457 1.00 35.33  ? 110 ASN A ND2 1 
ATOM   830  N N   . TYR A 1 110 ? -4.569  -4.550  -14.541 1.00 42.99  ? 111 TYR A N   1 
ATOM   831  C CA  . TYR A 1 110 ? -4.959  -5.382  -13.412 1.00 42.46  ? 111 TYR A CA  1 
ATOM   832  C C   . TYR A 1 110 ? -4.516  -6.807  -13.748 1.00 41.73  ? 111 TYR A C   1 
ATOM   833  O O   . TYR A 1 110 ? -4.719  -7.281  -14.866 1.00 44.95  ? 111 TYR A O   1 
ATOM   834  C CB  . TYR A 1 110 ? -6.481  -5.349  -13.201 1.00 42.87  ? 111 TYR A CB  1 
ATOM   835  C CG  . TYR A 1 110 ? -6.951  -6.168  -12.014 1.00 46.22  ? 111 TYR A CG  1 
ATOM   836  C CD1 . TYR A 1 110 ? -6.758  -5.714  -10.705 1.00 47.16  ? 111 TYR A CD1 1 
ATOM   837  C CD2 . TYR A 1 110 ? -7.531  -7.426  -12.195 1.00 46.48  ? 111 TYR A CD2 1 
ATOM   838  C CE1 . TYR A 1 110 ? -7.124  -6.494  -9.608  1.00 46.41  ? 111 TYR A CE1 1 
ATOM   839  C CE2 . TYR A 1 110 ? -7.901  -8.217  -11.102 1.00 45.10  ? 111 TYR A CE2 1 
ATOM   840  C CZ  . TYR A 1 110 ? -7.691  -7.745  -9.814  1.00 49.20  ? 111 TYR A CZ  1 
ATOM   841  O OH  . TYR A 1 110 ? -8.029  -8.529  -8.734  1.00 51.25  ? 111 TYR A OH  1 
ATOM   842  N N   . ASN A 1 111 ? -3.890  -7.473  -12.787 1.00 39.20  ? 112 ASN A N   1 
ATOM   843  C CA  . ASN A 1 111 ? -3.429  -8.843  -12.963 1.00 39.27  ? 112 ASN A CA  1 
ATOM   844  C C   . ASN A 1 111 ? -2.720  -9.133  -14.292 1.00 37.92  ? 112 ASN A C   1 
ATOM   845  O O   . ASN A 1 111 ? -3.166  -9.977  -15.070 1.00 34.44  ? 112 ASN A O   1 
ATOM   846  C CB  . ASN A 1 111 ? -4.610  -9.803  -12.806 1.00 41.05  ? 112 ASN A CB  1 
ATOM   847  C CG  . ASN A 1 111 ? -4.206  -11.252 -12.988 1.00 43.65  ? 112 ASN A CG  1 
ATOM   848  O OD1 . ASN A 1 111 ? -5.048  -12.116 -13.237 1.00 44.13  ? 112 ASN A OD1 1 
ATOM   849  N ND2 . ASN A 1 111 ? -2.913  -11.527 -12.862 1.00 43.07  ? 112 ASN A ND2 1 
ATOM   850  N N   . ILE A 1 112 ? -1.622  -8.434  -14.559 1.00 37.85  ? 113 ILE A N   1 
ATOM   851  C CA  . ILE A 1 112 ? -0.871  -8.680  -15.790 1.00 37.18  ? 113 ILE A CA  1 
ATOM   852  C C   . ILE A 1 112 ? 0.130   -9.796  -15.499 1.00 34.89  ? 113 ILE A C   1 
ATOM   853  O O   . ILE A 1 112 ? 0.448   -10.054 -14.338 1.00 35.66  ? 113 ILE A O   1 
ATOM   854  C CB  . ILE A 1 112 ? -0.096  -7.422  -16.266 1.00 37.63  ? 113 ILE A CB  1 
ATOM   855  C CG1 . ILE A 1 112 ? 0.888   -6.978  -15.185 1.00 35.87  ? 113 ILE A CG1 1 
ATOM   856  C CG2 . ILE A 1 112 ? -1.069  -6.303  -16.626 1.00 34.88  ? 113 ILE A CG2 1 
ATOM   857  C CD1 . ILE A 1 112 ? 1.690   -5.758  -15.566 1.00 38.58  ? 113 ILE A CD1 1 
ATOM   858  N N   . ASP A 1 113 ? 0.612   -10.422 -16.518 1.00 35.34  ? 114 ASP A N   1 
ATOM   859  C CA  . ASP A 1 113 ? 1.610   -11.441 -16.289 1.00 37.40  ? 114 ASP A CA  1 
ATOM   860  C C   . ASP A 1 113 ? 2.774   -10.816 -15.548 1.00 37.69  ? 114 ASP A C   1 
ATOM   861  O O   . ASP A 1 113 ? 3.374   -9.837  -15.973 1.00 38.46  ? 114 ASP A O   1 
ATOM   862  C CB  . ASP A 1 113 ? 2.034   -12.098 -17.622 1.00 41.16  ? 114 ASP A CB  1 
ATOM   863  C CG  . ASP A 1 113 ? 2.560   -13.516 -17.481 1.00 45.22  ? 114 ASP A CG  1 
ATOM   864  O OD1 . ASP A 1 113 ? 3.672   -13.676 -16.927 1.00 45.52  ? 114 ASP A OD1 1 
ATOM   865  O OD2 . ASP A 1 113 ? 1.880   -14.471 -17.915 1.00 48.63  ? 114 ASP A OD2 1 
ATOM   866  N N   . LEU A 1 114 ? 3.086   -11.415 -14.442 1.00 38.11  ? 115 LEU A N   1 
ATOM   867  C CA  . LEU A 1 114 ? 4.205   -10.935 -13.666 1.00 34.62  ? 115 LEU A CA  1 
ATOM   868  C C   . LEU A 1 114 ? 5.484   -11.498 -14.276 1.00 35.54  ? 115 LEU A C   1 
ATOM   869  O O   . LEU A 1 114 ? 6.417   -10.750 -14.613 1.00 31.59  ? 115 LEU A O   1 
ATOM   870  C CB  . LEU A 1 114 ? 4.076   -11.380 -12.210 1.00 40.50  ? 115 LEU A CB  1 
ATOM   871  C CG  . LEU A 1 114 ? 4.014   -10.321 -11.113 1.00 45.27  ? 115 LEU A CG  1 
ATOM   872  C CD1 . LEU A 1 114 ? 4.969   -10.684 -9.973  1.00 46.17  ? 115 LEU A CD1 1 
ATOM   873  C CD2 . LEU A 1 114 ? 4.320   -8.945  -11.681 1.00 48.59  ? 115 LEU A CD2 1 
ATOM   874  N N   . LYS A 1 115 ? 5.521   -12.817 -14.422 1.00 36.19  ? 116 LYS A N   1 
ATOM   875  C CA  . LYS A 1 115 ? 6.697   -13.503 -14.944 1.00 38.98  ? 116 LYS A CA  1 
ATOM   876  C C   . LYS A 1 115 ? 7.257   -12.956 -16.254 1.00 37.38  ? 116 LYS A C   1 
ATOM   877  O O   . LYS A 1 115 ? 8.470   -12.933 -16.436 1.00 40.15  ? 116 LYS A O   1 
ATOM   878  C CB  . LYS A 1 115 ? 6.408   -15.003 -15.115 1.00 46.59  ? 116 LYS A CB  1 
ATOM   879  C CG  . LYS A 1 115 ? 6.266   -15.785 -13.805 1.00 52.01  ? 116 LYS A CG  1 
ATOM   880  C CD  . LYS A 1 115 ? 6.037   -17.278 -14.062 1.00 55.94  ? 116 LYS A CD  1 
ATOM   881  C CE  . LYS A 1 115 ? 6.055   -18.098 -12.769 1.00 57.39  ? 116 LYS A CE  1 
ATOM   882  N NZ  . LYS A 1 115 ? 5.842   -19.557 -13.022 1.00 58.29  ? 116 LYS A NZ  1 
ATOM   883  N N   . ALA A 1 116 ? 6.393   -12.513 -17.165 1.00 36.56  ? 117 ALA A N   1 
ATOM   884  C CA  . ALA A 1 116 ? 6.868   -12.007 -18.455 1.00 33.85  ? 117 ALA A CA  1 
ATOM   885  C C   . ALA A 1 116 ? 6.982   -10.487 -18.595 1.00 32.98  ? 117 ALA A C   1 
ATOM   886  O O   . ALA A 1 116 ? 7.640   -10.012 -19.519 1.00 31.38  ? 117 ALA A O   1 
ATOM   887  C CB  . ALA A 1 116 ? 6.005   -12.567 -19.586 1.00 25.92  ? 117 ALA A CB  1 
ATOM   888  N N   . ARG A 1 117 ? 6.360   -9.721  -17.700 1.00 33.90  ? 118 ARG A N   1 
ATOM   889  C CA  . ARG A 1 117 ? 6.447   -8.260  -17.794 1.00 35.59  ? 118 ARG A CA  1 
ATOM   890  C C   . ARG A 1 117 ? 7.170   -7.596  -16.626 1.00 37.44  ? 118 ARG A C   1 
ATOM   891  O O   . ARG A 1 117 ? 7.273   -6.375  -16.552 1.00 34.55  ? 118 ARG A O   1 
ATOM   892  C CB  . ARG A 1 117 ? 5.053   -7.662  -17.992 1.00 31.25  ? 118 ARG A CB  1 
ATOM   893  C CG  . ARG A 1 117 ? 4.516   -7.939  -19.386 1.00 31.28  ? 118 ARG A CG  1 
ATOM   894  C CD  . ARG A 1 117 ? 2.998   -7.826  -19.479 1.00 34.67  ? 118 ARG A CD  1 
ATOM   895  N NE  . ARG A 1 117 ? 2.523   -6.476  -19.785 1.00 39.10  ? 118 ARG A NE  1 
ATOM   896  C CZ  . ARG A 1 117 ? 1.251   -6.170  -20.027 1.00 36.19  ? 118 ARG A CZ  1 
ATOM   897  N NH1 . ARG A 1 117 ? 0.327   -7.118  -19.999 1.00 41.43  ? 118 ARG A NH1 1 
ATOM   898  N NH2 . ARG A 1 117 ? 0.899   -4.919  -20.293 1.00 37.00  ? 118 ARG A NH2 1 
ATOM   899  N N   . CYS A 1 118 ? 7.688   -8.412  -15.713 1.00 43.97  ? 119 CYS A N   1 
ATOM   900  C CA  . CYS A 1 118 ? 8.437   -8.093  -14.525 1.00 53.78  ? 119 CYS A CA  1 
ATOM   901  C C   . CYS A 1 118 ? 9.271   -9.328  -14.304 1.00 65.30  ? 119 CYS A C   1 
ATOM   902  O O   . CYS A 1 118 ? 8.686   -10.420 -14.233 1.00 69.92  ? 119 CYS A O   1 
ATOM   903  C CB  . CYS A 1 118 ? 7.511   -7.773  -13.332 1.00 47.85  ? 119 CYS A CB  1 
ATOM   904  S SG  . CYS A 1 118 ? 5.957   -6.929  -13.775 1.00 39.92  ? 119 CYS A SG  1 
ATOM   905  N N   . ASN A 1 119 ? 10.596  -9.247  -14.204 1.00 71.94  ? 120 ASN A N   1 
ATOM   906  C CA  . ASN A 1 119 ? 11.328  -10.489 -14.067 1.00 79.16  ? 120 ASN A CA  1 
ATOM   907  C C   . ASN A 1 119 ? 10.941  -11.241 -12.795 1.00 81.33  ? 120 ASN A C   1 
ATOM   908  O O   . ASN A 1 119 ? 10.400  -12.338 -12.842 1.00 83.07  ? 120 ASN A O   1 
ATOM   909  C CB  . ASN A 1 119 ? 12.840  -10.217 -14.140 1.00 85.26  ? 120 ASN A CB  1 
ATOM   910  C CG  . ASN A 1 119 ? 13.587  -11.177 -15.083 1.00 91.60  ? 120 ASN A CG  1 
ATOM   911  O OD1 . ASN A 1 119 ? 14.820  -11.189 -15.101 1.00 94.22  ? 120 ASN A OD1 1 
ATOM   912  N ND2 . ASN A 1 119 ? 12.855  -11.977 -15.845 1.00 92.25  ? 120 ASN A ND2 1 
ATOM   913  O OXT . ASN A 1 119 ? 11.487  -10.817 -11.740 1.00 83.10  ? 120 ASN A OXT 1 
ATOM   914  N N   . LEU B 2 1   ? -7.597  -13.411 4.126   1.00 100.00 ? 1   LEU P N   1 
ATOM   915  C CA  . LEU B 2 1   ? -6.592  -14.420 3.766   1.00 98.90  ? 1   LEU P CA  1 
ATOM   916  C C   . LEU B 2 1   ? -5.258  -13.784 3.367   1.00 99.46  ? 1   LEU P C   1 
ATOM   917  O O   . LEU B 2 1   ? -4.209  -14.171 3.870   1.00 100.00 ? 1   LEU P O   1 
ATOM   918  C CB  . LEU B 2 1   ? -7.109  -15.312 2.611   1.00 96.75  ? 1   LEU P CB  1 
ATOM   919  C CG  . LEU B 2 1   ? -6.438  -16.678 2.388   1.00 93.59  ? 1   LEU P CG  1 
ATOM   920  C CD1 . LEU B 2 1   ? -7.479  -17.783 2.330   1.00 91.88  ? 1   LEU P CD1 1 
ATOM   921  C CD2 . LEU B 2 1   ? -5.592  -16.644 1.117   1.00 91.38  ? 1   LEU P CD2 1 
ATOM   922  N N   . ALA B 2 2   ? -5.269  -12.785 2.439   1.00 99.62  ? 2   ALA P N   1 
ATOM   923  C CA  . ALA B 2 2   ? -3.968  -12.194 1.998   1.00 99.79  ? 2   ALA P CA  1 
ATOM   924  C C   . ALA B 2 2   ? -3.881  -10.761 1.344   1.00 100.00 ? 2   ALA P C   1 
ATOM   925  O O   . ALA B 2 2   ? -4.866  -10.058 1.125   1.00 99.95  ? 2   ALA P O   1 
ATOM   926  C CB  . ALA B 2 2   ? -3.322  -13.197 1.052   1.00 99.54  ? 2   ALA P CB  1 
ATOM   927  N N   . ILE B 2 3   ? -2.557  -10.437 1.052   1.00 100.00 ? 3   ILE P N   1 
ATOM   928  C CA  . ILE B 2 3   ? -1.781  -9.248  0.567   1.00 99.74  ? 3   ILE P CA  1 
ATOM   929  C C   . ILE B 2 3   ? -2.078  -8.352  -0.623  1.00 99.97  ? 3   ILE P C   1 
ATOM   930  O O   . ILE B 2 3   ? -2.120  -8.778  -1.788  1.00 100.00 ? 3   ILE P O   1 
ATOM   931  C CB  . ILE B 2 3   ? -0.322  -9.698  0.261   1.00 97.75  ? 3   ILE P CB  1 
ATOM   932  C CG1 . ILE B 2 3   ? 0.165   -10.671 1.315   1.00 95.95  ? 3   ILE P CG1 1 
ATOM   933  C CG2 . ILE B 2 3   ? 0.606   -8.493  0.193   1.00 97.00  ? 3   ILE P CG2 1 
ATOM   934  C CD1 . ILE B 2 3   ? -0.410  -12.055 1.169   1.00 94.15  ? 3   ILE P CD1 1 
ATOM   935  N N   . TYR B 2 4   ? -2.282  -7.075  -0.251  1.00 100.00 ? 4   TYR P N   1 
ATOM   936  C CA  . TYR B 2 4   ? -2.377  -6.014  -1.247  1.00 99.93  ? 4   TYR P CA  1 
ATOM   937  C C   . TYR B 2 4   ? -0.943  -5.731  -1.528  1.00 99.51  ? 4   TYR P C   1 
ATOM   938  O O   . TYR B 2 4   ? -0.203  -6.618  -1.930  1.00 100.00 ? 4   TYR P O   1 
ATOM   939  C CB  . TYR B 2 4   ? -3.081  -4.752  -0.743  1.00 99.78  ? 4   TYR P CB  1 
ATOM   940  C CG  . TYR B 2 4   ? -4.037  -5.144  0.313   1.00 99.92  ? 4   TYR P CG  1 
ATOM   941  C CD1 . TYR B 2 4   ? -3.521  -5.695  1.463   1.00 100.00 ? 4   TYR P CD1 1 
ATOM   942  C CD2 . TYR B 2 4   ? -5.408  -5.002  0.142   1.00 100.00 ? 4   TYR P CD2 1 
ATOM   943  C CE1 . TYR B 2 4   ? -4.351  -6.133  2.454   1.00 100.00 ? 4   TYR P CE1 1 
ATOM   944  C CE2 . TYR B 2 4   ? -6.240  -5.467  1.133   1.00 100.00 ? 4   TYR P CE2 1 
ATOM   945  C CZ  . TYR B 2 4   ? -5.712  -6.031  2.283   1.00 100.00 ? 4   TYR P CZ  1 
ATOM   946  O OH  . TYR B 2 4   ? -6.565  -6.495  3.254   1.00 100.00 ? 4   TYR P OH  1 
ATOM   947  N N   . SER B 2 5   ? -0.552  -4.530  -1.318  1.00 97.36  ? 5   SER P N   1 
ATOM   948  C CA  . SER B 2 5   ? 0.803   -4.233  -1.556  1.00 96.27  ? 5   SER P CA  1 
ATOM   949  C C   . SER B 2 5   ? 1.588   -4.111  -0.255  1.00 96.73  ? 5   SER P C   1 
ATOM   950  O O   . SER B 2 5   ? 1.931   -5.110  0.384   1.00 96.65  ? 5   SER P O   1 
ATOM   951  C CB  . SER B 2 5   ? 0.881   -2.963  -2.387  1.00 94.18  ? 5   SER P CB  1 
ATOM   952  O OG  . SER B 2 5   ? 2.226   -2.537  -2.549  1.00 94.54  ? 5   SER P OG  1 
ATOM   953  O OXT . SER B 2 5   ? 1.838   -2.976  0.158   1.00 37.36  ? 5   SER P OXT 1 
HETATM 954  C C   . ACT C 3 .   ? 19.281  3.288   2.686   1.00 30.78  ? 121 ACT A C   1 
HETATM 955  O O   . ACT C 3 .   ? 18.709  3.364   1.497   1.00 29.38  ? 121 ACT A O   1 
HETATM 956  O OXT . ACT C 3 .   ? 19.414  2.204   3.358   1.00 31.82  ? 121 ACT A OXT 1 
HETATM 957  C CH3 . ACT C 3 .   ? 19.778  4.634   3.197   1.00 29.54  ? 121 ACT A CH3 1 
HETATM 958  C C   . ACT D 3 .   ? 12.080  -2.316  -17.780 1.00 26.73  ? 122 ACT A C   1 
HETATM 959  O O   . ACT D 3 .   ? 10.864  -2.119  -17.325 1.00 30.13  ? 122 ACT A O   1 
HETATM 960  O OXT . ACT D 3 .   ? 12.993  -1.403  -17.863 1.00 26.09  ? 122 ACT A OXT 1 
HETATM 961  C CH3 . ACT D 3 .   ? 12.302  -3.757  -18.207 1.00 30.56  ? 122 ACT A CH3 1 
HETATM 962  C C   . ACT E 3 .   ? -9.698  -8.826  12.950  1.00 79.78  ? 123 ACT A C   1 
HETATM 963  O O   . ACT E 3 .   ? -8.615  -8.813  12.192  1.00 80.80  ? 123 ACT A O   1 
HETATM 964  O OXT . ACT E 3 .   ? -10.907 -8.869  12.506  1.00 79.39  ? 123 ACT A OXT 1 
HETATM 965  C CH3 . ACT E 3 .   ? -9.372  -8.787  14.430  1.00 77.13  ? 123 ACT A CH3 1 
HETATM 966  O O   . HOH F 4 .   ? -5.615  -4.862  13.365  1.00 46.89  ? 124 HOH A O   1 
HETATM 967  O O   . HOH F 4 .   ? 0.835   -1.968  7.512   1.00 9.96   ? 125 HOH A O   1 
HETATM 968  O O   . HOH F 4 .   ? 7.592   -6.584  2.202   1.00 30.78  ? 126 HOH A O   1 
HETATM 969  O O   . HOH F 4 .   ? 1.092   -9.449  -10.740 1.00 57.44  ? 127 HOH A O   1 
HETATM 970  O O   . HOH F 4 .   ? -13.254 7.124   -3.771  1.00 29.20  ? 128 HOH A O   1 
HETATM 971  O O   . HOH F 4 .   ? 7.266   4.237   -18.862 1.00 12.88  ? 129 HOH A O   1 
HETATM 972  O O   . HOH F 4 .   ? 11.842  5.240   -3.810  1.00 20.16  ? 130 HOH A O   1 
HETATM 973  O O   . HOH F 4 .   ? 0.236   9.687   -10.363 1.00 38.85  ? 131 HOH A O   1 
HETATM 974  O O   . HOH F 4 .   ? 3.043   8.815   -8.539  1.00 29.22  ? 132 HOH A O   1 
HETATM 975  O O   . HOH F 4 .   ? 10.737  4.984   6.445   1.00 33.79  ? 133 HOH A O   1 
HETATM 976  O O   . HOH F 4 .   ? 4.213   -16.285 -17.980 1.00 25.02  ? 134 HOH A O   1 
HETATM 977  O O   . HOH F 4 .   ? 15.137  4.395   7.649   1.00 51.21  ? 135 HOH A O   1 
HETATM 978  O O   . HOH F 4 .   ? 15.478  -4.325  4.097   1.00 35.54  ? 136 HOH A O   1 
HETATM 979  O O   . HOH F 4 .   ? -11.098 -6.444  -10.688 1.00 38.41  ? 137 HOH A O   1 
HETATM 980  O O   . HOH F 4 .   ? -8.910  10.972  11.288  1.00 34.46  ? 138 HOH A O   1 
HETATM 981  O O   . HOH F 4 .   ? 3.770   0.651   19.083  1.00 41.12  ? 139 HOH A O   1 
HETATM 982  O O   . HOH F 4 .   ? -3.016  11.657  17.503  1.00 48.47  ? 140 HOH A O   1 
HETATM 983  O O   . HOH F 4 .   ? -8.676  9.188   17.230  1.00 55.12  ? 141 HOH A O   1 
HETATM 984  O O   . HOH F 4 .   ? -6.854  11.983  4.481   1.00 34.24  ? 142 HOH A O   1 
HETATM 985  O O   . HOH F 4 .   ? 8.386   6.944   6.090   1.00 25.71  ? 143 HOH A O   1 
HETATM 986  O O   . HOH F 4 .   ? 9.408   7.817   12.514  1.00 32.70  ? 144 HOH A O   1 
HETATM 987  O O   . HOH F 4 .   ? 8.980   7.519   17.339  1.00 40.11  ? 145 HOH A O   1 
HETATM 988  O O   . HOH F 4 .   ? 7.598   10.780  1.714   1.00 86.97  ? 146 HOH A O   1 
HETATM 989  O O   . HOH F 4 .   ? -6.928  4.905   -8.232  1.00 31.67  ? 147 HOH A O   1 
HETATM 990  O O   . HOH F 4 .   ? -10.801 9.671   -4.558  1.00 53.76  ? 148 HOH A O   1 
HETATM 991  O O   . HOH F 4 .   ? -10.097 6.114   -12.085 1.00 38.33  ? 149 HOH A O   1 
HETATM 992  O O   . HOH F 4 .   ? -11.242 -4.118  -11.897 1.00 44.09  ? 150 HOH A O   1 
HETATM 993  O O   . HOH F 4 .   ? -12.243 11.444  2.057   1.00 49.17  ? 151 HOH A O   1 
HETATM 994  O O   . HOH F 4 .   ? -13.973 10.823  -0.184  1.00 35.25  ? 152 HOH A O   1 
HETATM 995  O O   . HOH F 4 .   ? -17.517 -0.123  -5.193  1.00 60.68  ? 153 HOH A O   1 
HETATM 996  O O   . HOH F 4 .   ? -1.841  -4.188  -19.484 1.00 48.52  ? 154 HOH A O   1 
HETATM 997  O O   . HOH F 4 .   ? 0.889   -7.266  -8.617  1.00 49.63  ? 155 HOH A O   1 
HETATM 998  O O   . HOH F 4 .   ? -12.933 -7.158  -2.884  1.00 59.65  ? 156 HOH A O   1 
HETATM 999  O O   . HOH F 4 .   ? -14.923 -1.306  -8.054  1.00 48.94  ? 157 HOH A O   1 
HETATM 1000 O O   . HOH F 4 .   ? 8.715   -3.451  -15.681 1.00 56.02  ? 158 HOH A O   1 
HETATM 1001 O O   . HOH F 4 .   ? -12.961 6.668   15.191  1.00 41.59  ? 159 HOH A O   1 
HETATM 1002 O O   . HOH F 4 .   ? 0.073   2.173   18.909  1.00 42.39  ? 160 HOH A O   1 
HETATM 1003 O O   . HOH F 4 .   ? 7.603   8.735   4.327   1.00 34.13  ? 161 HOH A O   1 
HETATM 1004 O O   . HOH F 4 .   ? 1.096   -14.846 -3.887  1.00 50.91  ? 162 HOH A O   1 
HETATM 1005 O O   . HOH F 4 .   ? -11.828 0.890   -14.275 1.00 61.09  ? 163 HOH A O   1 
HETATM 1006 O O   . HOH F 4 .   ? -2.963  -14.149 -8.435  1.00 72.20  ? 164 HOH A O   1 
HETATM 1007 O O   . HOH F 4 .   ? -9.449  7.755   -14.904 1.00 36.58  ? 165 HOH A O   1 
HETATM 1008 O O   . HOH F 4 .   ? 3.127   -18.463 -15.748 1.00 56.06  ? 166 HOH A O   1 
HETATM 1009 O O   . HOH F 4 .   ? 8.614   -8.361  0.077   1.00 58.79  ? 167 HOH A O   1 
HETATM 1010 O O   . HOH F 4 .   ? -13.961 -1.908  -15.235 1.00 38.15  ? 168 HOH A O   1 
HETATM 1011 O O   . HOH F 4 .   ? -15.326 -0.331  -13.113 1.00 76.57  ? 169 HOH A O   1 
HETATM 1012 O O   . HOH F 4 .   ? 10.316  4.531   -18.133 1.00 50.71  ? 170 HOH A O   1 
HETATM 1013 O O   . HOH F 4 .   ? 16.702  9.362   6.211   1.00 71.10  ? 171 HOH A O   1 
HETATM 1014 O O   . HOH F 4 .   ? 14.271  8.212   4.712   1.00 40.31  ? 172 HOH A O   1 
HETATM 1015 O O   . HOH F 4 .   ? 4.250   -8.727  -1.804  1.00 60.13  ? 173 HOH A O   1 
HETATM 1016 O O   . HOH F 4 .   ? -1.203  -15.396 -2.397  1.00 34.05  ? 174 HOH A O   1 
HETATM 1017 O O   . HOH F 4 .   ? 10.604  7.360   14.673  1.00 50.24  ? 175 HOH A O   1 
HETATM 1018 O O   . HOH F 4 .   ? 12.032  -10.307 -9.438  1.00 39.58  ? 176 HOH A O   1 
HETATM 1019 O O   . HOH G 4 .   ? -5.683  -10.719 7.681   1.00 53.42  ? 6   HOH P O   1 
HETATM 1020 O O   . HOH G 4 .   ? -9.729  -10.733 -2.925  1.00 39.86  ? 7   HOH P O   1 
HETATM 1021 O O   . HOH G 4 .   ? -10.213 -11.970 3.665   1.00 70.16  ? 8   HOH P O   1 
HETATM 1022 O O   . HOH G 4 .   ? -6.928  -9.217  3.365   1.00 76.36  ? 9   HOH P O   1 
HETATM 1023 O O   . HOH G 4 .   ? -7.055  -11.024 -0.816  1.00 53.43  ? 10  HOH P O   1 
HETATM 1024 O O   . HOH G 4 .   ? -1.691  -2.573  -2.595  1.00 42.28  ? 11  HOH P O   1 
HETATM 1025 O O   . HOH G 4 .   ? -6.171  -8.300  5.674   1.00 49.65  ? 12  HOH P O   1 
# 
